data_9JLR
#
_entry.id   9JLR
#
_cell.length_a   72.170
_cell.length_b   165.170
_cell.length_c   98.010
_cell.angle_alpha   90.00
_cell.angle_beta   109.46
_cell.angle_gamma   90.00
#
_symmetry.space_group_name_H-M   'P 1 21 1'
#
loop_
_entity.id
_entity.type
_entity.pdbx_description
1 polymer 'Glycoside hydrolase family 57 N-terminal domain-containing protein'
2 branched alpha-D-glucopyranose-(1-4)-alpha-D-glucopyranose-(1-4)-alpha-D-glucopyranose-(1-4)-alpha-D-glucopyranose-(1-4)-alpha-D-glucopyranose
3 water water
#
_entity_poly.entity_id   1
_entity_poly.type   'polypeptide(L)'
_entity_poly.pdbx_seq_one_letter_code
;MKKLFLVFWWHMHQPLYREPYTGEYLLPWTFFHAVKDYYDMPAYLKDFEIKLNFNLTPVLIDQIQEYAQGKAKDVFLEAI
RKDPDDLEKEEVEKLIEFTKLNYEKPIYRFERIRELMNKEKLNREELLDLQTLNLLAWCGRTLRKDLKDLLNKGRNYTQE
EKEYVLNKYFEIIKKTLSIYREIKEEGKGSVSTSPYYHPLIPILLNPNCVYETTPNVKIPDFAVSFREDASKHVELAKEK
YFEIFGEHPVYMWPPQASVSNEALELYYEKGINMLATDEVILKNSVERASPYLRYYFRELISVFFRDKTLSDLIGFSYHA
WNAEDAVRDFIGRLKKIHESVDFQPVVFVVLDGENCWEYYEENGIPFLEKLYSTLEKEEWIETLTLEEAMRKEDVKTEVI
ESVKAGTWFDGNFLKWIGNKEKNEYWKILIEAKKKAKNDYILVAEGSDWFWWQGEEKAPFVEVFDKLFRSFVRRAQELEH
HHHHH
;
_entity_poly.pdbx_strand_id   A,B,C,D
#
loop_
_chem_comp.id
_chem_comp.type
_chem_comp.name
_chem_comp.formula
GLC D-saccharide, alpha linking alpha-D-glucopyranose 'C6 H12 O6'
#
# COMPACT_ATOMS: atom_id res chain seq x y z
N MET A 1 -7.38 -12.86 -19.63
CA MET A 1 -7.54 -13.20 -18.22
C MET A 1 -8.72 -14.14 -18.00
N LYS A 2 -8.46 -15.32 -17.44
CA LYS A 2 -9.55 -16.18 -17.01
C LYS A 2 -10.31 -15.52 -15.87
N LYS A 3 -11.60 -15.34 -16.05
CA LYS A 3 -12.42 -14.63 -15.09
C LYS A 3 -13.43 -15.59 -14.48
N LEU A 4 -13.91 -15.21 -13.31
CA LEU A 4 -15.03 -15.86 -12.65
C LEU A 4 -16.21 -14.90 -12.68
N PHE A 5 -17.33 -15.36 -13.23
CA PHE A 5 -18.53 -14.55 -13.35
C PHE A 5 -19.46 -14.83 -12.18
N LEU A 6 -19.69 -13.81 -11.36
CA LEU A 6 -20.49 -13.93 -10.15
C LEU A 6 -21.85 -13.28 -10.38
N VAL A 7 -22.91 -14.03 -10.07
CA VAL A 7 -24.28 -13.54 -10.17
C VAL A 7 -24.92 -13.64 -8.79
N PHE A 8 -25.34 -12.49 -8.27
CA PHE A 8 -26.08 -12.42 -7.02
C PHE A 8 -27.56 -12.26 -7.33
N TRP A 9 -28.39 -13.15 -6.81
CA TRP A 9 -29.83 -13.08 -7.02
C TRP A 9 -30.51 -13.09 -5.66
N TRP A 10 -30.99 -11.93 -5.22
CA TRP A 10 -31.61 -11.75 -3.91
C TRP A 10 -33.13 -11.87 -4.03
N HIS A 11 -33.70 -12.86 -3.36
CA HIS A 11 -35.14 -13.12 -3.43
C HIS A 11 -35.86 -12.44 -2.29
N MET A 12 -36.89 -11.67 -2.62
CA MET A 12 -37.65 -10.90 -1.65
C MET A 12 -39.11 -11.32 -1.73
N HIS A 13 -39.65 -11.77 -0.61
CA HIS A 13 -41.04 -12.21 -0.62
C HIS A 13 -41.63 -12.04 0.77
N GLN A 14 -42.88 -11.59 0.83
CA GLN A 14 -43.69 -11.68 2.04
C GLN A 14 -45.08 -12.15 1.66
N PRO A 15 -45.58 -13.25 2.24
CA PRO A 15 -46.94 -13.68 1.95
C PRO A 15 -47.95 -12.62 2.37
N LEU A 16 -49.16 -12.74 1.84
CA LEU A 16 -50.22 -11.75 2.14
C LEU A 16 -50.64 -11.87 3.59
N TYR A 17 -50.21 -10.92 4.41
CA TYR A 17 -50.57 -10.87 5.82
C TYR A 17 -51.89 -10.15 6.08
N ARG A 18 -52.55 -9.66 5.04
CA ARG A 18 -53.75 -8.85 5.21
C ARG A 18 -54.97 -9.75 5.32
N GLU A 19 -55.62 -9.74 6.47
CA GLU A 19 -56.85 -10.50 6.65
C GLU A 19 -57.92 -9.97 5.69
N PRO A 20 -58.60 -10.84 4.93
CA PRO A 20 -59.55 -10.35 3.92
C PRO A 20 -60.69 -9.51 4.48
N TYR A 21 -61.39 -10.00 5.51
CA TYR A 21 -62.61 -9.33 5.96
C TYR A 21 -62.31 -8.00 6.66
N THR A 22 -61.39 -8.00 7.61
CA THR A 22 -61.08 -6.78 8.35
C THR A 22 -60.10 -5.88 7.60
N GLY A 23 -59.44 -6.38 6.57
CA GLY A 23 -58.42 -5.60 5.87
C GLY A 23 -57.28 -5.16 6.77
N GLU A 24 -56.95 -5.95 7.78
CA GLU A 24 -55.95 -5.58 8.78
C GLU A 24 -54.73 -6.47 8.60
N TYR A 25 -53.56 -5.86 8.56
CA TYR A 25 -52.33 -6.64 8.49
C TYR A 25 -52.04 -7.16 9.89
N LEU A 26 -52.16 -8.48 10.04
CA LEU A 26 -52.00 -9.10 11.35
C LEU A 26 -50.55 -9.31 11.76
N LEU A 27 -49.59 -9.14 10.87
CA LEU A 27 -48.19 -9.18 11.22
C LEU A 27 -47.46 -8.04 10.52
N PRO A 28 -46.42 -7.49 11.14
CA PRO A 28 -45.80 -6.28 10.57
C PRO A 28 -44.53 -6.61 9.80
N TRP A 29 -44.44 -7.85 9.34
CA TRP A 29 -43.17 -8.33 8.79
C TRP A 29 -42.81 -7.63 7.48
N THR A 30 -43.82 -7.20 6.72
CA THR A 30 -43.57 -6.44 5.50
C THR A 30 -43.00 -5.06 5.82
N PHE A 31 -43.55 -4.38 6.82
CA PHE A 31 -43.08 -3.05 7.18
C PHE A 31 -41.64 -3.08 7.67
N PHE A 32 -41.30 -4.07 8.50
CA PHE A 32 -39.98 -4.06 9.14
C PHE A 32 -38.88 -4.48 8.18
N HIS A 33 -39.19 -5.39 7.26
CA HIS A 33 -38.22 -5.80 6.26
C HIS A 33 -38.09 -4.81 5.12
N ALA A 34 -39.12 -3.99 4.88
CA ALA A 34 -39.01 -2.95 3.88
C ALA A 34 -38.16 -1.79 4.37
N VAL A 35 -38.34 -1.37 5.63
CA VAL A 35 -37.54 -0.26 6.15
C VAL A 35 -36.11 -0.68 6.43
N LYS A 36 -35.77 -1.95 6.23
CA LYS A 36 -34.45 -2.47 6.59
C LYS A 36 -33.68 -3.05 5.42
N ASP A 37 -34.37 -3.72 4.49
CA ASP A 37 -33.67 -4.43 3.43
C ASP A 37 -34.24 -4.15 2.04
N TYR A 38 -35.55 -3.94 1.90
CA TYR A 38 -36.15 -3.91 0.57
C TYR A 38 -35.69 -2.70 -0.23
N TYR A 39 -35.57 -1.55 0.43
CA TYR A 39 -34.94 -0.41 -0.26
C TYR A 39 -33.42 -0.46 -0.17
N ASP A 40 -32.87 -1.01 0.91
CA ASP A 40 -31.45 -0.84 1.19
C ASP A 40 -30.57 -1.81 0.40
N MET A 41 -31.07 -3.01 0.09
CA MET A 41 -30.31 -3.94 -0.75
C MET A 41 -30.00 -3.37 -2.13
N PRO A 42 -30.96 -2.81 -2.89
CA PRO A 42 -30.57 -2.20 -4.17
C PRO A 42 -29.83 -0.90 -3.99
N ALA A 43 -30.09 -0.18 -2.90
CA ALA A 43 -29.38 1.07 -2.66
C ALA A 43 -27.88 0.87 -2.55
N TYR A 44 -27.43 -0.36 -2.36
CA TYR A 44 -26.00 -0.64 -2.35
C TYR A 44 -25.39 -0.36 -3.72
N LEU A 45 -26.14 -0.63 -4.78
CA LEU A 45 -25.63 -0.44 -6.14
C LEU A 45 -25.34 1.03 -6.45
N LYS A 46 -25.89 1.95 -5.66
CA LYS A 46 -25.55 3.36 -5.84
C LYS A 46 -24.18 3.71 -5.26
N ASP A 47 -23.64 2.87 -4.37
CA ASP A 47 -22.37 3.16 -3.72
C ASP A 47 -21.30 2.13 -4.03
N PHE A 48 -21.60 1.10 -4.81
CA PHE A 48 -20.62 0.10 -5.19
C PHE A 48 -20.79 -0.25 -6.65
N GLU A 49 -19.69 -0.21 -7.40
CA GLU A 49 -19.72 -0.44 -8.85
C GLU A 49 -19.73 -1.93 -9.17
N ILE A 50 -20.82 -2.58 -8.77
CA ILE A 50 -21.00 -4.01 -8.97
C ILE A 50 -22.39 -4.24 -9.54
N LYS A 51 -22.69 -5.49 -9.88
CA LYS A 51 -23.99 -5.85 -10.43
C LYS A 51 -24.69 -6.79 -9.46
N LEU A 52 -25.89 -6.40 -9.03
CA LEU A 52 -26.74 -7.23 -8.18
C LEU A 52 -28.11 -7.40 -8.84
N ASN A 53 -28.71 -8.57 -8.64
CA ASN A 53 -30.01 -8.89 -9.22
C ASN A 53 -31.00 -9.27 -8.13
N PHE A 54 -32.25 -8.84 -8.30
CA PHE A 54 -33.25 -8.98 -7.27
C PHE A 54 -34.50 -9.62 -7.83
N ASN A 55 -35.17 -10.39 -6.99
CA ASN A 55 -36.46 -10.98 -7.30
C ASN A 55 -37.51 -10.43 -6.36
N LEU A 56 -38.60 -9.93 -6.92
CA LEU A 56 -39.70 -9.38 -6.14
C LEU A 56 -40.96 -10.18 -6.45
N THR A 57 -41.62 -10.68 -5.41
CA THR A 57 -42.88 -11.34 -5.70
C THR A 57 -43.99 -10.31 -5.87
N PRO A 58 -45.02 -10.64 -6.66
CA PRO A 58 -46.15 -9.71 -6.81
C PRO A 58 -46.87 -9.42 -5.51
N VAL A 59 -47.07 -10.43 -4.65
CA VAL A 59 -47.79 -10.20 -3.41
C VAL A 59 -46.99 -9.27 -2.49
N LEU A 60 -45.65 -9.33 -2.56
CA LEU A 60 -44.84 -8.35 -1.84
C LEU A 60 -45.03 -6.95 -2.43
N ILE A 61 -45.08 -6.86 -3.76
CA ILE A 61 -45.30 -5.58 -4.42
C ILE A 61 -46.61 -4.96 -3.96
N ASP A 62 -47.68 -5.77 -3.88
CA ASP A 62 -48.98 -5.27 -3.47
C ASP A 62 -48.94 -4.70 -2.06
N GLN A 63 -48.22 -5.36 -1.15
CA GLN A 63 -48.23 -4.92 0.24
C GLN A 63 -47.44 -3.63 0.41
N ILE A 64 -46.29 -3.51 -0.24
CA ILE A 64 -45.47 -2.31 -0.14
C ILE A 64 -46.22 -1.10 -0.68
N GLN A 65 -46.97 -1.29 -1.78
CA GLN A 65 -47.72 -0.16 -2.34
C GLN A 65 -48.84 0.26 -1.40
N GLU A 66 -49.47 -0.69 -0.72
CA GLU A 66 -50.50 -0.34 0.26
C GLU A 66 -49.89 0.40 1.44
N TYR A 67 -48.72 -0.05 1.91
CA TYR A 67 -48.03 0.66 2.97
C TYR A 67 -47.56 2.03 2.50
N ALA A 68 -47.18 2.15 1.22
CA ALA A 68 -46.74 3.44 0.69
C ALA A 68 -47.90 4.38 0.43
N GLN A 69 -49.12 3.86 0.28
CA GLN A 69 -50.33 4.64 0.08
C GLN A 69 -51.06 4.92 1.40
N GLY A 70 -50.48 4.52 2.53
CA GLY A 70 -51.09 4.78 3.82
C GLY A 70 -52.37 4.01 4.09
N LYS A 71 -52.60 2.92 3.35
CA LYS A 71 -53.84 2.16 3.50
C LYS A 71 -53.67 0.89 4.33
N ALA A 72 -52.44 0.47 4.61
CA ALA A 72 -52.24 -0.77 5.36
C ALA A 72 -52.63 -0.54 6.82
N LYS A 73 -53.58 -1.33 7.31
CA LYS A 73 -54.03 -1.21 8.70
C LYS A 73 -53.25 -2.21 9.57
N ASP A 74 -51.97 -1.91 9.76
CA ASP A 74 -51.09 -2.74 10.58
C ASP A 74 -51.43 -2.58 12.06
N VAL A 75 -51.85 -3.67 12.70
CA VAL A 75 -52.27 -3.57 14.10
C VAL A 75 -51.08 -3.37 15.01
N PHE A 76 -49.96 -4.05 14.73
CA PHE A 76 -48.77 -3.89 15.55
C PHE A 76 -48.19 -2.49 15.42
N LEU A 77 -48.13 -1.96 14.20
CA LEU A 77 -47.59 -0.62 14.00
C LEU A 77 -48.45 0.43 14.72
N GLU A 78 -49.76 0.20 14.83
CA GLU A 78 -50.60 1.11 15.57
C GLU A 78 -50.26 1.10 17.06
N ALA A 79 -49.87 -0.06 17.60
CA ALA A 79 -49.38 -0.12 18.98
C ALA A 79 -48.11 0.69 19.14
N ILE A 80 -47.23 0.68 18.13
CA ILE A 80 -46.04 1.51 18.19
C ILE A 80 -46.40 2.98 18.06
N ARG A 81 -47.34 3.31 17.18
CA ARG A 81 -47.64 4.70 16.85
C ARG A 81 -48.26 5.44 18.03
N LYS A 82 -49.19 4.80 18.73
CA LYS A 82 -49.99 5.46 19.76
C LYS A 82 -49.13 5.88 20.95
N ASP A 83 -49.57 6.93 21.63
CA ASP A 83 -48.99 7.26 22.92
C ASP A 83 -49.20 6.08 23.86
N PRO A 84 -48.20 5.73 24.67
CA PRO A 84 -48.36 4.59 25.59
C PRO A 84 -49.48 4.75 26.60
N ASP A 85 -49.98 5.97 26.81
CA ASP A 85 -51.11 6.14 27.70
C ASP A 85 -52.41 5.64 27.08
N ASP A 86 -52.46 5.50 25.76
CA ASP A 86 -53.63 4.98 25.07
C ASP A 86 -53.54 3.49 24.80
N LEU A 87 -52.59 2.80 25.43
CA LEU A 87 -52.27 1.41 25.09
C LEU A 87 -52.98 0.45 26.04
N GLU A 88 -53.81 -0.43 25.47
CA GLU A 88 -54.42 -1.50 26.23
C GLU A 88 -53.38 -2.54 26.62
N LYS A 89 -53.72 -3.37 27.62
CA LYS A 89 -52.77 -4.32 28.16
C LYS A 89 -52.35 -5.33 27.10
N GLU A 90 -53.28 -5.73 26.23
CA GLU A 90 -52.97 -6.73 25.21
C GLU A 90 -51.90 -6.22 24.25
N GLU A 91 -51.99 -4.95 23.87
CA GLU A 91 -50.99 -4.38 22.97
C GLU A 91 -49.63 -4.30 23.64
N VAL A 92 -49.61 -4.03 24.95
CA VAL A 92 -48.35 -3.98 25.67
C VAL A 92 -47.71 -5.38 25.73
N GLU A 93 -48.51 -6.39 26.03
CA GLU A 93 -48.00 -7.76 25.98
C GLU A 93 -47.55 -8.12 24.57
N LYS A 94 -48.22 -7.59 23.54
CA LYS A 94 -47.79 -7.83 22.16
C LYS A 94 -46.43 -7.22 21.89
N LEU A 95 -46.20 -6.02 22.41
CA LEU A 95 -44.90 -5.37 22.24
C LEU A 95 -43.80 -6.15 22.93
N ILE A 96 -44.07 -6.63 24.15
CA ILE A 96 -43.05 -7.34 24.91
C ILE A 96 -42.72 -8.70 24.30
N GLU A 97 -43.73 -9.38 23.73
CA GLU A 97 -43.46 -10.65 23.08
C GLU A 97 -42.70 -10.47 21.77
N PHE A 98 -42.95 -9.37 21.07
CA PHE A 98 -42.18 -9.09 19.87
C PHE A 98 -40.73 -8.84 20.21
N THR A 99 -40.48 -8.12 21.31
CA THR A 99 -39.11 -7.90 21.74
C THR A 99 -38.46 -9.17 22.26
N LYS A 100 -39.25 -10.05 22.88
CA LYS A 100 -38.67 -11.28 23.37
C LYS A 100 -38.25 -12.20 22.23
N LEU A 101 -38.98 -12.16 21.12
CA LEU A 101 -38.65 -12.99 19.96
C LEU A 101 -37.34 -12.55 19.31
N ASN A 102 -37.04 -11.25 19.35
CA ASN A 102 -35.86 -10.69 18.71
C ASN A 102 -34.78 -10.27 19.71
N TYR A 103 -34.95 -10.62 20.99
CA TYR A 103 -34.07 -10.10 22.03
C TYR A 103 -32.61 -10.48 21.78
N GLU A 104 -32.39 -11.64 21.18
CA GLU A 104 -31.04 -12.14 21.01
C GLU A 104 -30.50 -11.92 19.60
N LYS A 105 -31.26 -11.25 18.74
CA LYS A 105 -30.70 -10.90 17.45
C LYS A 105 -29.80 -9.67 17.60
N PRO A 106 -28.66 -9.63 16.91
CA PRO A 106 -27.72 -8.50 17.10
C PRO A 106 -28.32 -7.14 16.78
N ILE A 107 -29.35 -7.06 15.94
CA ILE A 107 -29.94 -5.75 15.65
C ILE A 107 -30.76 -5.21 16.81
N TYR A 108 -31.05 -6.03 17.83
CA TYR A 108 -31.77 -5.61 19.02
C TYR A 108 -30.83 -5.37 20.20
N ARG A 109 -29.54 -5.20 19.95
CA ARG A 109 -28.55 -5.08 21.01
C ARG A 109 -28.46 -3.62 21.44
N PHE A 110 -29.52 -3.17 22.11
CA PHE A 110 -29.56 -1.85 22.71
C PHE A 110 -29.61 -2.02 24.21
N GLU A 111 -28.72 -1.33 24.91
CA GLU A 111 -28.64 -1.46 26.37
C GLU A 111 -29.98 -1.17 27.03
N ARG A 112 -30.74 -0.21 26.48
CA ARG A 112 -32.05 0.10 27.04
C ARG A 112 -32.98 -1.10 26.99
N ILE A 113 -32.87 -1.93 25.95
CA ILE A 113 -33.70 -3.11 25.84
C ILE A 113 -33.36 -4.12 26.94
N ARG A 114 -32.08 -4.23 27.29
CA ARG A 114 -31.71 -5.05 28.43
C ARG A 114 -32.44 -4.58 29.69
N GLU A 115 -32.39 -3.28 29.98
CA GLU A 115 -33.03 -2.78 31.19
C GLU A 115 -34.53 -3.02 31.16
N LEU A 116 -35.19 -2.55 30.10
CA LEU A 116 -36.65 -2.58 30.08
C LEU A 116 -37.19 -3.99 30.17
N MET A 117 -36.45 -4.97 29.61
CA MET A 117 -36.89 -6.36 29.70
C MET A 117 -36.67 -6.92 31.11
N ASN A 118 -35.59 -6.50 31.77
CA ASN A 118 -35.39 -6.86 33.17
C ASN A 118 -36.31 -6.10 34.10
N LYS A 119 -36.99 -5.07 33.59
CA LYS A 119 -37.89 -4.29 34.42
C LYS A 119 -39.21 -5.02 34.62
N GLU A 120 -39.72 -4.97 35.85
CA GLU A 120 -40.91 -5.74 36.22
C GLU A 120 -42.18 -5.02 35.80
N LYS A 121 -42.25 -3.70 36.00
CA LYS A 121 -43.37 -2.88 35.53
C LYS A 121 -42.81 -1.71 34.74
N LEU A 122 -43.58 -1.25 33.76
CA LEU A 122 -43.11 -0.22 32.81
C LEU A 122 -44.02 0.99 32.82
N ASN A 123 -43.43 2.19 32.94
CA ASN A 123 -44.17 3.44 32.84
C ASN A 123 -44.25 3.89 31.38
N ARG A 124 -44.90 5.05 31.16
CA ARG A 124 -45.14 5.51 29.80
C ARG A 124 -43.82 5.81 29.08
N GLU A 125 -42.91 6.48 29.77
CA GLU A 125 -41.64 6.86 29.14
C GLU A 125 -40.80 5.64 28.81
N GLU A 126 -40.88 4.60 29.63
CA GLU A 126 -40.22 3.34 29.30
C GLU A 126 -40.92 2.65 28.12
N LEU A 127 -42.25 2.77 28.06
CA LEU A 127 -42.99 2.17 26.95
C LEU A 127 -42.70 2.89 25.64
N LEU A 128 -42.60 4.23 25.67
CA LEU A 128 -42.16 4.96 24.48
C LEU A 128 -40.83 4.43 23.96
N ASP A 129 -39.91 4.08 24.88
CA ASP A 129 -38.61 3.58 24.45
C ASP A 129 -38.72 2.17 23.89
N LEU A 130 -39.59 1.33 24.46
CA LEU A 130 -39.81 0.00 23.89
C LEU A 130 -40.39 0.11 22.49
N GLN A 131 -41.29 1.06 22.27
CA GLN A 131 -41.80 1.30 20.92
C GLN A 131 -40.69 1.81 19.99
N THR A 132 -40.05 2.91 20.37
CA THR A 132 -39.10 3.58 19.48
C THR A 132 -37.90 2.70 19.20
N LEU A 133 -37.33 2.08 20.24
CA LEU A 133 -36.20 1.19 20.01
C LEU A 133 -36.61 0.01 19.15
N ASN A 134 -37.85 -0.46 19.26
CA ASN A 134 -38.30 -1.53 18.40
C ASN A 134 -38.28 -1.10 16.94
N LEU A 135 -38.66 0.15 16.67
CA LEU A 135 -38.57 0.68 15.32
C LEU A 135 -37.12 0.87 14.91
N LEU A 136 -36.30 1.40 15.82
CA LEU A 136 -34.92 1.71 15.48
C LEU A 136 -34.07 0.45 15.32
N ALA A 137 -34.47 -0.68 15.87
CA ALA A 137 -33.70 -1.90 15.65
C ALA A 137 -33.76 -2.34 14.19
N TRP A 138 -34.84 -2.02 13.50
CA TRP A 138 -35.04 -2.41 12.11
C TRP A 138 -34.67 -1.29 11.17
N CYS A 139 -33.66 -0.51 11.51
CA CYS A 139 -33.25 0.60 10.67
C CYS A 139 -32.26 0.13 9.60
N GLY A 140 -32.56 0.44 8.34
CA GLY A 140 -31.66 0.09 7.26
C GLY A 140 -30.44 0.99 7.19
N ARG A 141 -29.56 0.65 6.23
CA ARG A 141 -28.26 1.31 6.11
C ARG A 141 -28.43 2.79 5.79
N THR A 142 -29.41 3.14 4.97
CA THR A 142 -29.58 4.52 4.55
C THR A 142 -29.93 5.42 5.74
N LEU A 143 -30.97 5.06 6.48
CA LEU A 143 -31.41 5.90 7.58
C LEU A 143 -30.55 5.76 8.82
N ARG A 144 -29.73 4.69 8.89
CA ARG A 144 -28.80 4.55 10.00
C ARG A 144 -27.77 5.67 9.99
N LYS A 145 -27.45 6.19 8.81
CA LYS A 145 -26.59 7.35 8.72
C LYS A 145 -27.34 8.63 9.06
N ASP A 146 -28.64 8.69 8.76
CA ASP A 146 -29.39 9.92 8.97
C ASP A 146 -29.80 10.08 10.43
N LEU A 147 -30.36 9.04 11.04
CA LEU A 147 -30.81 9.10 12.43
C LEU A 147 -29.72 8.70 13.40
N LYS A 148 -28.45 8.98 13.07
CA LYS A 148 -27.33 8.52 13.89
C LYS A 148 -27.46 9.01 15.32
N ASP A 149 -27.91 10.26 15.51
CA ASP A 149 -27.94 10.84 16.85
C ASP A 149 -29.08 10.26 17.68
N LEU A 150 -30.29 10.15 17.10
CA LEU A 150 -31.36 9.44 17.79
C LEU A 150 -30.92 8.03 18.17
N LEU A 151 -30.23 7.34 17.26
CA LEU A 151 -29.72 6.00 17.55
C LEU A 151 -28.64 6.02 18.62
N ASN A 152 -27.86 7.10 18.69
CA ASN A 152 -26.83 7.18 19.71
C ASN A 152 -27.40 7.48 21.08
N LYS A 153 -28.54 8.19 21.14
CA LYS A 153 -29.18 8.48 22.41
C LYS A 153 -29.44 7.19 23.19
N GLY A 154 -30.15 6.25 22.54
CA GLY A 154 -30.45 4.97 23.15
C GLY A 154 -31.60 4.98 24.13
N ARG A 155 -32.06 6.13 24.59
CA ARG A 155 -33.10 6.19 25.60
C ARG A 155 -33.74 7.57 25.58
N ASN A 156 -34.71 7.76 26.48
CA ASN A 156 -35.36 9.06 26.69
C ASN A 156 -35.95 9.61 25.38
N TYR A 157 -36.55 8.73 24.59
CA TYR A 157 -37.24 9.13 23.37
C TYR A 157 -38.60 9.76 23.70
N THR A 158 -39.07 10.61 22.79
CA THR A 158 -40.35 11.29 22.91
C THR A 158 -41.32 10.80 21.84
N GLN A 159 -42.58 11.20 22.01
CA GLN A 159 -43.59 10.88 21.01
C GLN A 159 -43.26 11.50 19.66
N GLU A 160 -42.78 12.74 19.66
CA GLU A 160 -42.44 13.43 18.43
C GLU A 160 -41.25 12.79 17.74
N GLU A 161 -40.26 12.34 18.52
CA GLU A 161 -39.09 11.69 17.93
C GLU A 161 -39.46 10.36 17.31
N LYS A 162 -40.36 9.60 17.94
CA LYS A 162 -40.81 8.35 17.36
C LYS A 162 -41.61 8.59 16.08
N GLU A 163 -42.41 9.66 16.05
CA GLU A 163 -43.19 9.95 14.85
C GLU A 163 -42.31 10.47 13.72
N TYR A 164 -41.20 11.13 14.06
CA TYR A 164 -40.24 11.52 13.04
C TYR A 164 -39.61 10.29 12.40
N VAL A 165 -39.18 9.34 13.23
CA VAL A 165 -38.65 8.08 12.72
C VAL A 165 -39.67 7.41 11.81
N LEU A 166 -40.94 7.42 12.22
CA LEU A 166 -41.95 6.71 11.45
C LEU A 166 -42.19 7.35 10.10
N ASN A 167 -42.14 8.68 10.03
CA ASN A 167 -42.30 9.33 8.73
C ASN A 167 -41.08 9.07 7.85
N LYS A 168 -39.89 9.16 8.43
CA LYS A 168 -38.69 8.78 7.68
C LYS A 168 -38.78 7.34 7.21
N TYR A 169 -39.37 6.46 8.02
CA TYR A 169 -39.52 5.06 7.61
C TYR A 169 -40.48 4.94 6.44
N PHE A 170 -41.54 5.74 6.43
CA PHE A 170 -42.49 5.65 5.33
C PHE A 170 -41.98 6.32 4.07
N GLU A 171 -41.09 7.30 4.20
CA GLU A 171 -40.46 7.87 3.01
C GLU A 171 -39.64 6.81 2.27
N ILE A 172 -38.96 5.95 3.02
CA ILE A 172 -38.19 4.86 2.44
C ILE A 172 -39.11 3.86 1.72
N ILE A 173 -40.30 3.64 2.28
CA ILE A 173 -41.24 2.72 1.67
C ILE A 173 -41.79 3.30 0.36
N LYS A 174 -42.05 4.61 0.35
CA LYS A 174 -42.53 5.28 -0.85
C LYS A 174 -41.46 5.32 -1.94
N LYS A 175 -40.18 5.22 -1.58
CA LYS A 175 -39.09 5.26 -2.53
C LYS A 175 -38.60 3.88 -2.95
N THR A 176 -39.16 2.82 -2.36
CA THR A 176 -38.60 1.49 -2.54
C THR A 176 -38.71 1.03 -3.99
N LEU A 177 -39.93 1.03 -4.54
CA LEU A 177 -40.10 0.44 -5.87
C LEU A 177 -39.46 1.29 -6.97
N SER A 178 -39.25 2.58 -6.74
CA SER A 178 -38.57 3.40 -7.75
C SER A 178 -37.10 3.02 -7.89
N ILE A 179 -36.48 2.56 -6.80
CA ILE A 179 -35.07 2.18 -6.87
C ILE A 179 -34.90 0.88 -7.64
N TYR A 180 -35.89 -0.03 -7.58
CA TYR A 180 -35.82 -1.24 -8.40
C TYR A 180 -35.99 -0.90 -9.87
N ARG A 181 -36.89 0.04 -10.16
CA ARG A 181 -36.98 0.60 -11.50
C ARG A 181 -35.67 1.26 -11.90
N GLU A 182 -35.09 2.05 -11.00
CA GLU A 182 -33.88 2.80 -11.32
C GLU A 182 -32.70 1.88 -11.62
N ILE A 183 -32.51 0.84 -10.81
CA ILE A 183 -31.35 -0.02 -11.05
C ILE A 183 -31.55 -0.88 -12.28
N LYS A 184 -32.81 -1.23 -12.61
CA LYS A 184 -33.07 -1.95 -13.86
C LYS A 184 -32.78 -1.09 -15.08
N GLU A 185 -33.26 0.16 -15.06
CA GLU A 185 -33.03 1.04 -16.21
C GLU A 185 -31.57 1.44 -16.33
N GLU A 186 -30.85 1.51 -15.22
CA GLU A 186 -29.45 1.94 -15.26
C GLU A 186 -28.50 0.82 -15.62
N GLY A 187 -29.00 -0.40 -15.80
CA GLY A 187 -28.13 -1.54 -16.05
C GLY A 187 -27.40 -2.05 -14.83
N LYS A 188 -27.63 -1.48 -13.65
CA LYS A 188 -26.93 -1.89 -12.45
C LYS A 188 -27.44 -3.22 -11.92
N GLY A 189 -28.50 -3.75 -12.50
CA GLY A 189 -28.98 -5.07 -12.14
C GLY A 189 -30.27 -5.39 -12.84
N SER A 190 -30.58 -6.67 -12.85
CA SER A 190 -31.80 -7.20 -13.44
C SER A 190 -32.80 -7.52 -12.35
N VAL A 191 -34.08 -7.26 -12.63
CA VAL A 191 -35.16 -7.57 -11.71
C VAL A 191 -36.02 -8.66 -12.30
N SER A 192 -36.41 -9.61 -11.46
CA SER A 192 -37.21 -10.76 -11.82
C SER A 192 -38.40 -10.84 -10.89
N THR A 193 -39.29 -11.80 -11.16
CA THR A 193 -40.47 -12.01 -10.33
C THR A 193 -40.71 -13.51 -10.18
N SER A 194 -41.67 -13.85 -9.33
CA SER A 194 -42.08 -15.22 -9.15
C SER A 194 -43.57 -15.31 -9.49
N PRO A 195 -44.13 -16.51 -9.64
CA PRO A 195 -45.60 -16.63 -9.68
C PRO A 195 -46.22 -15.90 -8.50
N TYR A 196 -47.43 -15.37 -8.74
CA TYR A 196 -47.99 -14.27 -7.97
C TYR A 196 -47.86 -14.46 -6.46
N TYR A 197 -48.37 -15.57 -5.95
CA TYR A 197 -48.48 -15.77 -4.51
C TYR A 197 -47.53 -16.84 -4.02
N HIS A 198 -46.33 -16.88 -4.59
CA HIS A 198 -45.28 -17.81 -4.20
C HIS A 198 -45.77 -19.26 -4.09
N PRO A 199 -46.52 -19.75 -5.07
CA PRO A 199 -47.05 -21.11 -4.97
C PRO A 199 -45.97 -22.13 -5.29
N LEU A 200 -46.32 -23.41 -5.11
CA LEU A 200 -45.43 -24.51 -5.50
C LEU A 200 -45.97 -25.07 -6.81
N ILE A 201 -45.39 -24.60 -7.93
CA ILE A 201 -45.94 -24.93 -9.25
C ILE A 201 -45.87 -26.41 -9.59
N PRO A 202 -44.78 -27.14 -9.30
CA PRO A 202 -44.80 -28.59 -9.60
C PRO A 202 -45.97 -29.34 -8.99
N ILE A 203 -46.38 -28.96 -7.78
CA ILE A 203 -47.50 -29.64 -7.12
C ILE A 203 -48.82 -29.27 -7.78
N LEU A 204 -49.03 -27.98 -8.08
CA LEU A 204 -50.27 -27.57 -8.71
C LEU A 204 -50.47 -28.24 -10.07
N LEU A 205 -49.38 -28.37 -10.84
CA LEU A 205 -49.48 -28.97 -12.16
C LEU A 205 -49.71 -30.48 -12.07
N ASN A 206 -48.80 -31.18 -11.41
CA ASN A 206 -49.00 -32.60 -11.16
C ASN A 206 -48.53 -32.95 -9.76
N PRO A 207 -49.44 -33.32 -8.86
CA PRO A 207 -49.03 -33.66 -7.48
C PRO A 207 -48.15 -34.88 -7.39
N ASN A 208 -48.14 -35.75 -8.42
CA ASN A 208 -47.26 -36.90 -8.47
C ASN A 208 -45.78 -36.53 -8.49
N CYS A 209 -45.43 -35.24 -8.48
CA CYS A 209 -44.02 -34.84 -8.43
C CYS A 209 -43.37 -35.14 -7.09
N VAL A 210 -44.17 -35.40 -6.05
CA VAL A 210 -43.56 -35.63 -4.74
C VAL A 210 -42.91 -36.99 -4.69
N TYR A 211 -43.38 -37.94 -5.50
CA TYR A 211 -42.84 -39.29 -5.44
C TYR A 211 -41.53 -39.44 -6.20
N GLU A 212 -41.10 -38.42 -6.95
CA GLU A 212 -39.84 -38.50 -7.66
C GLU A 212 -38.66 -38.55 -6.71
N THR A 213 -38.75 -37.85 -5.58
CA THR A 213 -37.71 -37.86 -4.57
C THR A 213 -38.16 -38.47 -3.25
N THR A 214 -39.45 -38.73 -3.07
CA THR A 214 -39.99 -39.24 -1.81
C THR A 214 -41.08 -40.25 -2.13
N PRO A 215 -40.69 -41.50 -2.40
CA PRO A 215 -41.61 -42.44 -3.06
C PRO A 215 -42.70 -43.01 -2.16
N ASN A 216 -42.49 -43.09 -0.86
CA ASN A 216 -43.48 -43.72 0.02
C ASN A 216 -44.28 -42.73 0.84
N VAL A 217 -44.24 -41.43 0.49
CA VAL A 217 -45.03 -40.48 1.26
C VAL A 217 -46.51 -40.72 1.01
N LYS A 218 -47.33 -40.09 1.85
CA LYS A 218 -48.77 -40.14 1.75
C LYS A 218 -49.24 -38.73 1.48
N ILE A 219 -49.85 -38.50 0.31
CA ILE A 219 -50.35 -37.18 -0.03
C ILE A 219 -51.86 -37.26 -0.19
N PRO A 220 -52.60 -36.16 0.02
CA PRO A 220 -54.05 -36.21 -0.10
C PRO A 220 -54.48 -36.47 -1.53
N ASP A 221 -55.63 -37.13 -1.66
CA ASP A 221 -56.22 -37.38 -2.98
C ASP A 221 -56.63 -36.05 -3.60
N PHE A 222 -55.93 -35.65 -4.66
CA PHE A 222 -56.21 -34.38 -5.33
C PHE A 222 -57.38 -34.59 -6.28
N ALA A 223 -58.58 -34.37 -5.76
CA ALA A 223 -59.82 -34.55 -6.51
C ALA A 223 -60.15 -33.38 -7.42
N VAL A 224 -59.32 -32.33 -7.43
CA VAL A 224 -59.51 -31.16 -8.29
C VAL A 224 -58.18 -30.88 -8.99
N SER A 225 -58.27 -30.15 -10.09
CA SER A 225 -57.08 -29.77 -10.85
C SER A 225 -56.69 -28.34 -10.54
N PHE A 226 -55.39 -28.14 -10.29
CA PHE A 226 -54.84 -26.82 -10.01
C PHE A 226 -54.02 -26.29 -11.17
N ARG A 227 -54.05 -26.97 -12.32
CA ARG A 227 -53.17 -26.59 -13.42
C ARG A 227 -53.54 -25.23 -13.99
N GLU A 228 -54.84 -24.93 -14.05
CA GLU A 228 -55.25 -23.62 -14.55
C GLU A 228 -54.82 -22.51 -13.60
N ASP A 229 -55.03 -22.72 -12.30
CA ASP A 229 -54.60 -21.72 -11.33
C ASP A 229 -53.09 -21.55 -11.35
N ALA A 230 -52.34 -22.60 -11.71
CA ALA A 230 -50.89 -22.47 -11.80
C ALA A 230 -50.50 -21.48 -12.88
N SER A 231 -51.17 -21.58 -14.05
CA SER A 231 -50.91 -20.64 -15.12
C SER A 231 -51.29 -19.22 -14.71
N LYS A 232 -52.37 -19.07 -13.94
CA LYS A 232 -52.79 -17.74 -13.51
C LYS A 232 -51.72 -17.09 -12.65
N HIS A 233 -51.04 -17.87 -11.81
CA HIS A 233 -49.96 -17.30 -11.00
C HIS A 233 -48.88 -16.70 -11.88
N VAL A 234 -48.41 -17.46 -12.87
CA VAL A 234 -47.42 -16.95 -13.80
C VAL A 234 -47.97 -15.76 -14.57
N GLU A 235 -49.20 -15.89 -15.07
CA GLU A 235 -49.74 -14.87 -15.97
C GLU A 235 -50.01 -13.57 -15.24
N LEU A 236 -50.59 -13.62 -14.02
CA LEU A 236 -50.88 -12.40 -13.28
C LEU A 236 -49.60 -11.72 -12.80
N ALA A 237 -48.56 -12.49 -12.48
CA ALA A 237 -47.28 -11.91 -12.09
C ALA A 237 -46.67 -11.09 -13.23
N LYS A 238 -46.82 -11.55 -14.48
CA LYS A 238 -46.29 -10.78 -15.60
C LYS A 238 -46.98 -9.43 -15.72
N GLU A 239 -48.27 -9.37 -15.38
CA GLU A 239 -48.97 -8.09 -15.46
C GLU A 239 -48.54 -7.16 -14.33
N LYS A 240 -48.36 -7.71 -13.12
CA LYS A 240 -47.84 -6.88 -12.05
C LYS A 240 -46.46 -6.36 -12.38
N TYR A 241 -45.62 -7.20 -13.01
CA TYR A 241 -44.32 -6.73 -13.47
C TYR A 241 -44.48 -5.63 -14.51
N PHE A 242 -45.39 -5.82 -15.45
CA PHE A 242 -45.63 -4.80 -16.47
C PHE A 242 -46.15 -3.51 -15.84
N GLU A 243 -46.98 -3.61 -14.81
CA GLU A 243 -47.44 -2.43 -14.11
C GLU A 243 -46.27 -1.62 -13.56
N ILE A 244 -45.36 -2.30 -12.85
CA ILE A 244 -44.28 -1.60 -12.16
C ILE A 244 -43.20 -1.15 -13.14
N PHE A 245 -42.82 -2.03 -14.07
CA PHE A 245 -41.66 -1.80 -14.91
C PHE A 245 -41.98 -1.53 -16.37
N GLY A 246 -43.19 -1.78 -16.84
CA GLY A 246 -43.56 -1.42 -18.19
C GLY A 246 -43.19 -2.43 -19.26
N GLU A 247 -42.68 -3.59 -18.86
CA GLU A 247 -42.27 -4.63 -19.78
C GLU A 247 -42.62 -5.97 -19.14
N HIS A 248 -42.72 -7.01 -19.97
CA HIS A 248 -43.04 -8.31 -19.40
C HIS A 248 -41.77 -8.96 -18.88
N PRO A 249 -41.84 -9.69 -17.76
CA PRO A 249 -40.63 -10.30 -17.22
C PRO A 249 -40.17 -11.46 -18.08
N VAL A 250 -38.87 -11.52 -18.30
CA VAL A 250 -38.28 -12.65 -19.01
C VAL A 250 -37.55 -13.59 -18.06
N TYR A 251 -37.26 -13.17 -16.84
CA TYR A 251 -36.51 -13.98 -15.88
C TYR A 251 -37.38 -14.19 -14.65
N MET A 252 -37.49 -15.43 -14.20
CA MET A 252 -38.31 -15.70 -13.03
C MET A 252 -37.62 -16.71 -12.13
N TRP A 253 -37.73 -16.48 -10.82
CA TRP A 253 -37.23 -17.40 -9.83
C TRP A 253 -38.36 -18.32 -9.39
N PRO A 254 -38.26 -19.63 -9.58
CA PRO A 254 -39.30 -20.54 -9.09
C PRO A 254 -39.36 -20.51 -7.57
N PRO A 255 -40.55 -20.35 -7.00
CA PRO A 255 -40.66 -20.29 -5.53
C PRO A 255 -40.05 -21.52 -4.86
N GLN A 256 -39.19 -21.27 -3.87
CA GLN A 256 -38.44 -22.31 -3.18
C GLN A 256 -37.62 -23.17 -4.15
N ALA A 257 -37.20 -22.59 -5.29
CA ALA A 257 -36.39 -23.25 -6.32
C ALA A 257 -37.05 -24.50 -6.88
N SER A 258 -38.37 -24.61 -6.72
CA SER A 258 -39.09 -25.82 -7.11
C SER A 258 -39.19 -25.90 -8.64
N VAL A 259 -38.63 -26.96 -9.22
CA VAL A 259 -38.63 -27.21 -10.65
C VAL A 259 -39.17 -28.60 -10.94
N SER A 260 -39.87 -28.73 -12.07
CA SER A 260 -40.25 -30.02 -12.60
C SER A 260 -40.20 -29.91 -14.11
N ASN A 261 -40.13 -31.07 -14.78
CA ASN A 261 -40.25 -31.06 -16.25
C ASN A 261 -41.53 -30.36 -16.70
N GLU A 262 -42.59 -30.43 -15.89
CA GLU A 262 -43.87 -29.80 -16.22
C GLU A 262 -43.83 -28.30 -15.98
N ALA A 263 -43.30 -27.86 -14.83
CA ALA A 263 -43.17 -26.44 -14.57
C ALA A 263 -42.31 -25.75 -15.61
N LEU A 264 -41.21 -26.41 -16.01
CA LEU A 264 -40.32 -25.82 -17.01
C LEU A 264 -41.03 -25.63 -18.35
N GLU A 265 -41.90 -26.59 -18.71
CA GLU A 265 -42.74 -26.41 -19.89
C GLU A 265 -43.65 -25.21 -19.73
N LEU A 266 -44.34 -25.10 -18.57
CA LEU A 266 -45.23 -23.98 -18.32
C LEU A 266 -44.48 -22.65 -18.39
N TYR A 267 -43.32 -22.57 -17.75
CA TYR A 267 -42.55 -21.34 -17.79
C TYR A 267 -42.14 -20.98 -19.21
N TYR A 268 -41.95 -21.99 -20.08
CA TYR A 268 -41.65 -21.74 -21.48
C TYR A 268 -42.86 -21.22 -22.23
N GLU A 269 -44.06 -21.75 -21.95
CA GLU A 269 -45.25 -21.33 -22.68
C GLU A 269 -45.76 -19.96 -22.25
N LYS A 270 -45.34 -19.47 -21.09
CA LYS A 270 -45.72 -18.14 -20.66
C LYS A 270 -44.63 -17.11 -20.91
N GLY A 271 -43.54 -17.49 -21.56
CA GLY A 271 -42.55 -16.54 -22.02
C GLY A 271 -41.31 -16.35 -21.18
N ILE A 272 -41.08 -17.20 -20.19
CA ILE A 272 -39.90 -17.06 -19.35
C ILE A 272 -38.69 -17.61 -20.09
N ASN A 273 -37.67 -16.77 -20.27
CA ASN A 273 -36.45 -17.19 -20.96
C ASN A 273 -35.51 -17.97 -20.05
N MET A 274 -35.50 -17.67 -18.75
CA MET A 274 -34.55 -18.30 -17.85
C MET A 274 -35.13 -18.38 -16.44
N LEU A 275 -34.72 -19.42 -15.71
CA LEU A 275 -35.04 -19.60 -14.31
C LEU A 275 -33.83 -20.21 -13.63
N ALA A 276 -33.93 -20.42 -12.32
CA ALA A 276 -32.81 -20.92 -11.54
C ALA A 276 -33.31 -21.86 -10.46
N THR A 277 -32.52 -22.89 -10.17
CA THR A 277 -32.87 -23.82 -9.11
C THR A 277 -31.61 -24.25 -8.38
N ASP A 278 -31.79 -25.13 -7.39
CA ASP A 278 -30.72 -25.45 -6.45
C ASP A 278 -29.81 -26.56 -6.95
N GLU A 279 -28.59 -26.56 -6.42
CA GLU A 279 -27.58 -27.56 -6.80
C GLU A 279 -28.05 -28.98 -6.51
N VAL A 280 -28.84 -29.19 -5.46
CA VAL A 280 -29.33 -30.52 -5.13
C VAL A 280 -30.10 -31.13 -6.29
N ILE A 281 -30.98 -30.34 -6.92
CA ILE A 281 -31.74 -30.82 -8.07
C ILE A 281 -30.81 -31.20 -9.20
N LEU A 282 -29.77 -30.40 -9.43
CA LEU A 282 -28.78 -30.75 -10.43
C LEU A 282 -28.17 -32.11 -10.13
N LYS A 283 -27.74 -32.32 -8.87
CA LYS A 283 -27.11 -33.59 -8.52
C LYS A 283 -28.08 -34.75 -8.58
N ASN A 284 -29.37 -34.52 -8.34
CA ASN A 284 -30.34 -35.59 -8.47
C ASN A 284 -30.67 -35.85 -9.93
N SER A 285 -30.62 -34.81 -10.77
CA SER A 285 -31.16 -34.92 -12.11
C SER A 285 -30.11 -35.36 -13.13
N VAL A 286 -28.89 -34.87 -13.04
CA VAL A 286 -27.91 -35.15 -14.06
C VAL A 286 -26.71 -35.85 -13.42
N GLU A 287 -26.08 -36.73 -14.19
CA GLU A 287 -25.05 -37.65 -13.70
C GLU A 287 -23.92 -36.96 -12.95
N ARG A 288 -22.98 -36.33 -13.64
CA ARG A 288 -21.86 -35.61 -13.00
C ARG A 288 -21.79 -34.21 -13.58
N ALA A 289 -22.77 -33.37 -13.24
CA ALA A 289 -22.82 -32.01 -13.72
C ALA A 289 -22.07 -31.06 -12.80
N SER A 290 -21.76 -29.90 -13.34
CA SER A 290 -21.24 -28.79 -12.57
C SER A 290 -22.26 -27.67 -12.54
N PRO A 291 -22.41 -27.00 -11.40
CA PRO A 291 -23.30 -25.83 -11.30
C PRO A 291 -22.72 -24.54 -11.85
N TYR A 292 -21.61 -24.61 -12.60
CA TYR A 292 -20.88 -23.44 -13.09
C TYR A 292 -21.05 -23.27 -14.60
N LEU A 293 -22.22 -23.62 -15.11
CA LEU A 293 -22.52 -23.68 -16.53
C LEU A 293 -23.93 -23.19 -16.77
N ARG A 294 -24.14 -22.53 -17.90
CA ARG A 294 -25.49 -22.31 -18.38
C ARG A 294 -26.05 -23.62 -18.94
N TYR A 295 -27.30 -23.91 -18.60
CA TYR A 295 -27.95 -25.12 -19.07
C TYR A 295 -29.16 -24.78 -19.91
N TYR A 296 -29.28 -25.42 -21.07
CA TYR A 296 -30.49 -25.35 -21.87
C TYR A 296 -31.35 -26.56 -21.54
N PHE A 297 -32.61 -26.32 -21.19
CA PHE A 297 -33.55 -27.41 -20.95
C PHE A 297 -34.30 -27.67 -22.25
N ARG A 298 -33.93 -28.77 -22.92
CA ARG A 298 -34.58 -29.22 -24.15
C ARG A 298 -34.66 -28.11 -25.19
N GLU A 299 -33.68 -27.20 -25.16
CA GLU A 299 -33.55 -26.07 -26.07
C GLU A 299 -34.62 -25.00 -25.82
N LEU A 300 -35.60 -25.29 -24.96
CA LEU A 300 -36.71 -24.36 -24.79
C LEU A 300 -36.31 -23.21 -23.86
N ILE A 301 -35.69 -23.53 -22.72
CA ILE A 301 -35.46 -22.54 -21.67
C ILE A 301 -34.05 -22.70 -21.12
N SER A 302 -33.56 -21.64 -20.50
CA SER A 302 -32.24 -21.64 -19.90
C SER A 302 -32.36 -21.79 -18.39
N VAL A 303 -31.61 -22.73 -17.83
CA VAL A 303 -31.62 -23.01 -16.40
C VAL A 303 -30.22 -22.77 -15.85
N PHE A 304 -30.15 -22.00 -14.76
CA PHE A 304 -28.92 -21.85 -13.99
C PHE A 304 -29.10 -22.51 -12.64
N PHE A 305 -28.04 -23.14 -12.12
CA PHE A 305 -28.09 -23.81 -10.84
C PHE A 305 -27.20 -23.08 -9.84
N ARG A 306 -27.78 -22.76 -8.67
CA ARG A 306 -27.04 -22.01 -7.67
C ARG A 306 -26.02 -22.89 -6.95
N ASP A 307 -25.02 -22.22 -6.36
CA ASP A 307 -24.03 -22.88 -5.51
C ASP A 307 -24.62 -22.96 -4.10
N LYS A 308 -24.97 -24.18 -3.68
CA LYS A 308 -25.60 -24.36 -2.38
C LYS A 308 -24.67 -23.93 -1.26
N THR A 309 -23.37 -24.20 -1.40
CA THR A 309 -22.40 -23.94 -0.34
C THR A 309 -22.25 -22.44 -0.09
N LEU A 310 -21.91 -21.68 -1.13
CA LEU A 310 -21.66 -20.25 -0.93
C LEU A 310 -22.92 -19.53 -0.50
N SER A 311 -24.06 -19.93 -1.05
CA SER A 311 -25.32 -19.28 -0.71
C SER A 311 -25.70 -19.55 0.75
N ASP A 312 -25.57 -20.81 1.19
CA ASP A 312 -25.94 -21.10 2.58
C ASP A 312 -24.95 -20.50 3.56
N LEU A 313 -23.69 -20.32 3.16
CA LEU A 313 -22.71 -19.68 4.03
C LEU A 313 -23.18 -18.28 4.43
N ILE A 314 -23.64 -17.49 3.45
CA ILE A 314 -24.19 -16.17 3.73
C ILE A 314 -25.51 -16.30 4.48
N GLY A 315 -26.37 -17.22 4.03
CA GLY A 315 -27.69 -17.34 4.64
C GLY A 315 -27.66 -17.82 6.09
N PHE A 316 -26.62 -18.58 6.47
CA PHE A 316 -26.63 -19.23 7.78
C PHE A 316 -25.31 -19.22 8.54
N SER A 317 -24.15 -19.14 7.86
CA SER A 317 -22.90 -19.31 8.59
C SER A 317 -22.19 -18.02 8.90
N TYR A 318 -22.12 -17.10 7.95
CA TYR A 318 -21.25 -15.94 8.07
C TYR A 318 -21.69 -14.97 9.16
N HIS A 319 -22.93 -15.08 9.66
CA HIS A 319 -23.38 -14.11 10.67
C HIS A 319 -22.55 -14.21 11.93
N ALA A 320 -22.00 -15.39 12.23
CA ALA A 320 -21.23 -15.56 13.45
C ALA A 320 -19.80 -15.04 13.32
N TRP A 321 -19.24 -15.03 12.12
CA TRP A 321 -17.85 -14.65 11.93
C TRP A 321 -17.70 -13.14 11.89
N ASN A 322 -16.48 -12.68 12.06
CA ASN A 322 -16.18 -11.28 11.77
C ASN A 322 -16.33 -11.01 10.29
N ALA A 323 -16.57 -9.75 9.95
CA ALA A 323 -16.85 -9.40 8.56
C ALA A 323 -15.64 -9.67 7.67
N GLU A 324 -14.44 -9.32 8.14
CA GLU A 324 -13.25 -9.52 7.33
C GLU A 324 -13.01 -11.00 7.05
N ASP A 325 -13.30 -11.86 8.03
CA ASP A 325 -13.07 -13.29 7.85
C ASP A 325 -14.03 -13.86 6.81
N ALA A 326 -15.31 -13.51 6.91
CA ALA A 326 -16.31 -14.08 6.02
C ALA A 326 -16.03 -13.72 4.57
N VAL A 327 -15.72 -12.45 4.31
CA VAL A 327 -15.37 -12.04 2.96
C VAL A 327 -14.16 -12.82 2.45
N ARG A 328 -13.13 -12.97 3.29
CA ARG A 328 -11.93 -13.69 2.86
C ARG A 328 -12.24 -15.15 2.59
N ASP A 329 -13.08 -15.77 3.44
CA ASP A 329 -13.54 -17.13 3.17
C ASP A 329 -14.24 -17.19 1.82
N PHE A 330 -15.13 -16.22 1.57
CA PHE A 330 -15.92 -16.23 0.34
C PHE A 330 -15.02 -16.11 -0.90
N ILE A 331 -14.08 -15.17 -0.88
CA ILE A 331 -13.18 -15.04 -2.01
C ILE A 331 -12.28 -16.28 -2.12
N GLY A 332 -11.96 -16.89 -0.98
CA GLY A 332 -11.13 -18.10 -1.02
C GLY A 332 -11.84 -19.23 -1.73
N ARG A 333 -13.14 -19.41 -1.46
CA ARG A 333 -13.85 -20.48 -2.15
C ARG A 333 -14.07 -20.13 -3.62
N LEU A 334 -14.18 -18.84 -3.93
CA LEU A 334 -14.25 -18.45 -5.34
C LEU A 334 -12.92 -18.70 -6.04
N LYS A 335 -11.80 -18.48 -5.34
CA LYS A 335 -10.51 -18.75 -5.97
C LYS A 335 -10.32 -20.23 -6.25
N LYS A 336 -10.96 -21.09 -5.45
CA LYS A 336 -10.85 -22.54 -5.67
C LYS A 336 -11.74 -22.98 -6.82
N ILE A 337 -12.92 -22.37 -6.97
CA ILE A 337 -13.75 -22.64 -8.13
C ILE A 337 -13.03 -22.25 -9.41
N HIS A 338 -12.35 -21.11 -9.40
CA HIS A 338 -11.60 -20.64 -10.57
C HIS A 338 -10.57 -21.66 -11.04
N GLU A 339 -9.86 -22.28 -10.10
CA GLU A 339 -8.86 -23.30 -10.44
C GLU A 339 -9.46 -24.68 -10.60
N SER A 340 -10.70 -24.90 -10.14
CA SER A 340 -11.31 -26.21 -10.28
C SER A 340 -11.70 -26.51 -11.72
N VAL A 341 -12.02 -25.49 -12.50
CA VAL A 341 -12.53 -25.68 -13.85
C VAL A 341 -11.55 -25.11 -14.85
N ASP A 342 -11.56 -25.70 -16.05
CA ASP A 342 -10.75 -25.24 -17.16
C ASP A 342 -11.52 -24.36 -18.13
N PHE A 343 -12.70 -23.88 -17.74
CA PHE A 343 -13.46 -22.91 -18.49
C PHE A 343 -13.59 -21.63 -17.65
N GLN A 344 -14.41 -20.68 -18.13
CA GLN A 344 -14.69 -19.49 -17.34
C GLN A 344 -16.00 -19.70 -16.60
N PRO A 345 -15.95 -19.96 -15.29
CA PRO A 345 -17.17 -20.40 -14.57
C PRO A 345 -18.13 -19.29 -14.24
N VAL A 346 -19.41 -19.65 -14.21
CA VAL A 346 -20.49 -18.77 -13.75
C VAL A 346 -20.96 -19.28 -12.40
N VAL A 347 -20.91 -18.42 -11.39
CA VAL A 347 -21.26 -18.82 -10.02
C VAL A 347 -22.52 -18.07 -9.60
N PHE A 348 -23.64 -18.79 -9.51
CA PHE A 348 -24.92 -18.21 -9.13
C PHE A 348 -25.11 -18.33 -7.62
N VAL A 349 -25.33 -17.20 -6.97
CA VAL A 349 -25.55 -17.13 -5.52
C VAL A 349 -26.97 -16.63 -5.29
N VAL A 350 -27.86 -17.54 -4.93
CA VAL A 350 -29.28 -17.21 -4.73
C VAL A 350 -29.71 -17.60 -3.33
N LEU A 351 -30.32 -16.66 -2.61
CA LEU A 351 -30.85 -16.92 -1.28
C LEU A 351 -31.86 -15.83 -0.96
N ASP A 352 -32.61 -16.04 0.14
CA ASP A 352 -33.50 -14.98 0.62
C ASP A 352 -32.68 -13.74 0.92
N GLY A 353 -33.16 -12.59 0.45
CA GLY A 353 -32.40 -11.37 0.59
C GLY A 353 -32.68 -10.51 1.80
N GLU A 354 -33.48 -10.98 2.76
CA GLU A 354 -33.84 -10.12 3.88
C GLU A 354 -33.69 -10.81 5.24
N ASN A 355 -33.77 -12.14 5.26
CA ASN A 355 -33.94 -12.83 6.54
C ASN A 355 -32.63 -13.11 7.26
N CYS A 356 -31.51 -13.10 6.54
CA CYS A 356 -30.27 -13.46 7.21
C CYS A 356 -29.66 -12.29 7.94
N TRP A 357 -29.96 -11.06 7.51
CA TRP A 357 -29.20 -9.91 7.98
C TRP A 357 -29.46 -9.59 9.44
N GLU A 358 -30.66 -9.92 9.95
CA GLU A 358 -30.99 -9.59 11.33
C GLU A 358 -30.08 -10.32 12.31
N TYR A 359 -29.58 -11.49 11.93
CA TYR A 359 -28.69 -12.25 12.80
C TYR A 359 -27.24 -11.81 12.67
N TYR A 360 -26.93 -10.94 11.71
CA TYR A 360 -25.60 -10.37 11.56
C TYR A 360 -25.44 -9.15 12.44
N GLU A 361 -24.18 -8.83 12.74
CA GLU A 361 -23.88 -7.61 13.46
C GLU A 361 -24.19 -6.40 12.60
N GLU A 362 -24.86 -5.41 13.19
CA GLU A 362 -25.26 -4.18 12.51
C GLU A 362 -26.02 -4.47 11.22
N ASN A 363 -26.92 -5.46 11.28
CA ASN A 363 -27.75 -5.86 10.16
C ASN A 363 -26.93 -6.24 8.92
N GLY A 364 -25.73 -6.76 9.12
CA GLY A 364 -24.93 -7.21 8.00
C GLY A 364 -24.35 -6.13 7.12
N ILE A 365 -24.51 -4.85 7.49
CA ILE A 365 -23.93 -3.77 6.67
C ILE A 365 -22.42 -3.90 6.55
N PRO A 366 -21.65 -4.17 7.62
CA PRO A 366 -20.19 -4.38 7.43
C PRO A 366 -19.86 -5.50 6.47
N PHE A 367 -20.42 -6.70 6.68
CA PHE A 367 -20.16 -7.81 5.77
C PHE A 367 -20.44 -7.41 4.32
N LEU A 368 -21.62 -6.84 4.06
CA LEU A 368 -21.99 -6.49 2.70
C LEU A 368 -21.09 -5.41 2.13
N GLU A 369 -20.71 -4.42 2.96
CA GLU A 369 -19.86 -3.34 2.47
C GLU A 369 -18.43 -3.81 2.19
N LYS A 370 -17.93 -4.79 2.95
CA LYS A 370 -16.60 -5.33 2.65
C LYS A 370 -16.64 -6.29 1.48
N LEU A 371 -17.72 -7.07 1.36
CA LEU A 371 -17.86 -7.96 0.21
C LEU A 371 -17.98 -7.18 -1.08
N TYR A 372 -18.75 -6.10 -1.08
CA TYR A 372 -18.94 -5.32 -2.30
C TYR A 372 -17.69 -4.52 -2.64
N SER A 373 -16.97 -4.03 -1.63
CA SER A 373 -15.73 -3.32 -1.93
C SER A 373 -14.65 -4.29 -2.38
N THR A 374 -14.57 -5.47 -1.75
CA THR A 374 -13.62 -6.48 -2.19
C THR A 374 -13.90 -6.87 -3.63
N LEU A 375 -15.18 -7.16 -3.94
CA LEU A 375 -15.55 -7.59 -5.29
C LEU A 375 -15.30 -6.49 -6.30
N GLU A 376 -15.33 -5.22 -5.87
CA GLU A 376 -14.98 -4.13 -6.76
C GLU A 376 -13.53 -4.20 -7.23
N LYS A 377 -12.59 -4.51 -6.32
CA LYS A 377 -11.17 -4.50 -6.66
C LYS A 377 -10.70 -5.81 -7.28
N GLU A 378 -11.27 -6.95 -6.90
CA GLU A 378 -10.85 -8.23 -7.47
C GLU A 378 -11.26 -8.29 -8.93
N GLU A 379 -10.28 -8.19 -9.84
CA GLU A 379 -10.56 -8.13 -11.26
C GLU A 379 -10.73 -9.50 -11.92
N TRP A 380 -10.31 -10.60 -11.28
CA TRP A 380 -10.65 -11.91 -11.81
C TRP A 380 -12.12 -12.28 -11.58
N ILE A 381 -12.88 -11.45 -10.85
CA ILE A 381 -14.31 -11.66 -10.65
C ILE A 381 -15.04 -10.53 -11.36
N GLU A 382 -15.99 -10.89 -12.24
CA GLU A 382 -16.87 -9.93 -12.87
C GLU A 382 -18.29 -10.24 -12.42
N THR A 383 -18.90 -9.33 -11.66
CA THR A 383 -20.30 -9.44 -11.31
C THR A 383 -21.15 -9.17 -12.54
N LEU A 384 -22.23 -9.93 -12.70
CA LEU A 384 -23.07 -9.84 -13.88
C LEU A 384 -24.54 -9.66 -13.48
N THR A 385 -25.31 -9.05 -14.38
CA THR A 385 -26.75 -9.12 -14.28
C THR A 385 -27.26 -10.40 -14.94
N LEU A 386 -28.50 -10.77 -14.59
CA LEU A 386 -29.13 -11.91 -15.23
C LEU A 386 -29.19 -11.75 -16.74
N GLU A 387 -29.33 -10.52 -17.23
CA GLU A 387 -29.32 -10.31 -18.68
C GLU A 387 -27.93 -10.50 -19.25
N GLU A 388 -26.91 -9.91 -18.59
CA GLU A 388 -25.54 -10.11 -19.04
C GLU A 388 -25.14 -11.58 -19.00
N ALA A 389 -25.57 -12.31 -17.96
CA ALA A 389 -25.27 -13.73 -17.93
C ALA A 389 -25.97 -14.48 -19.05
N MET A 390 -27.11 -13.97 -19.51
CA MET A 390 -27.82 -14.62 -20.59
C MET A 390 -27.09 -14.45 -21.91
N ARG A 391 -26.58 -13.25 -22.17
CA ARG A 391 -25.94 -12.96 -23.44
C ARG A 391 -24.46 -13.31 -23.47
N LYS A 392 -23.86 -13.63 -22.32
CA LYS A 392 -22.41 -13.88 -22.28
C LYS A 392 -22.04 -15.13 -23.06
N GLU A 393 -21.07 -15.00 -23.96
CA GLU A 393 -20.57 -16.14 -24.73
C GLU A 393 -19.32 -16.77 -24.13
N ASP A 394 -18.85 -16.29 -23.00
CA ASP A 394 -17.71 -16.88 -22.32
C ASP A 394 -18.13 -17.90 -21.26
N VAL A 395 -19.42 -18.23 -21.19
CA VAL A 395 -19.97 -19.16 -20.21
C VAL A 395 -20.36 -20.42 -20.96
N LYS A 396 -19.82 -21.56 -20.54
CA LYS A 396 -20.08 -22.81 -21.24
C LYS A 396 -21.54 -23.23 -21.06
N THR A 397 -22.14 -23.74 -22.12
CA THR A 397 -23.55 -24.13 -22.11
C THR A 397 -23.68 -25.60 -22.47
N GLU A 398 -24.54 -26.29 -21.73
CA GLU A 398 -24.86 -27.68 -21.97
C GLU A 398 -26.37 -27.82 -22.02
N VAL A 399 -26.85 -28.79 -22.79
CA VAL A 399 -28.29 -29.02 -22.87
C VAL A 399 -28.61 -30.28 -22.09
N ILE A 400 -29.63 -30.19 -21.22
CA ILE A 400 -30.13 -31.31 -20.45
C ILE A 400 -31.58 -31.55 -20.82
N GLU A 401 -32.06 -32.77 -20.57
CA GLU A 401 -33.38 -33.18 -21.02
C GLU A 401 -34.38 -33.37 -19.90
N SER A 402 -33.92 -33.57 -18.67
CA SER A 402 -34.84 -33.85 -17.57
C SER A 402 -34.36 -33.21 -16.28
N VAL A 403 -35.27 -33.16 -15.32
CA VAL A 403 -34.98 -32.82 -13.93
C VAL A 403 -35.81 -33.74 -13.06
N LYS A 404 -35.38 -33.87 -11.80
CA LYS A 404 -36.13 -34.58 -10.77
C LYS A 404 -36.76 -33.53 -9.86
N ALA A 405 -38.09 -33.59 -9.72
CA ALA A 405 -38.82 -32.55 -9.02
C ALA A 405 -38.38 -32.43 -7.57
N GLY A 406 -38.14 -31.20 -7.12
CA GLY A 406 -37.80 -30.97 -5.74
C GLY A 406 -37.73 -29.49 -5.40
N THR A 407 -37.04 -29.19 -4.29
CA THR A 407 -36.89 -27.83 -3.81
C THR A 407 -35.48 -27.66 -3.29
N TRP A 408 -35.16 -26.45 -2.81
CA TRP A 408 -33.85 -26.26 -2.23
C TRP A 408 -33.79 -26.76 -0.79
N PHE A 409 -34.89 -27.32 -0.28
CA PHE A 409 -34.99 -27.92 1.05
C PHE A 409 -34.97 -29.43 0.85
N ASP A 410 -33.77 -30.01 0.87
CA ASP A 410 -33.50 -31.44 0.75
C ASP A 410 -33.92 -32.03 -0.59
N GLY A 411 -34.20 -31.21 -1.59
CA GLY A 411 -34.59 -31.75 -2.88
C GLY A 411 -35.96 -32.39 -2.91
N ASN A 412 -36.74 -32.24 -1.83
CA ASN A 412 -38.08 -32.81 -1.76
C ASN A 412 -39.04 -31.73 -1.29
N PHE A 413 -40.33 -32.04 -1.37
CA PHE A 413 -41.41 -31.15 -0.96
C PHE A 413 -41.91 -31.45 0.45
N LEU A 414 -41.10 -32.13 1.27
CA LEU A 414 -41.59 -32.61 2.56
C LEU A 414 -41.86 -31.47 3.54
N LYS A 415 -41.31 -30.28 3.29
CA LYS A 415 -41.58 -29.14 4.15
C LYS A 415 -43.02 -28.64 4.02
N TRP A 416 -43.70 -29.00 2.92
CA TRP A 416 -45.05 -28.52 2.63
C TRP A 416 -46.09 -29.62 2.50
N ILE A 417 -45.68 -30.88 2.30
CA ILE A 417 -46.62 -31.98 2.11
C ILE A 417 -45.97 -33.25 2.65
N GLY A 418 -46.79 -34.23 3.00
CA GLY A 418 -46.22 -35.49 3.44
C GLY A 418 -46.67 -36.01 4.77
N ASN A 419 -46.88 -35.14 5.75
CA ASN A 419 -47.39 -35.54 7.07
C ASN A 419 -48.85 -35.11 7.23
N LYS A 420 -49.51 -35.71 8.23
CA LYS A 420 -50.93 -35.46 8.45
C LYS A 420 -51.22 -33.97 8.59
N GLU A 421 -50.39 -33.27 9.37
CA GLU A 421 -50.57 -31.84 9.57
C GLU A 421 -50.49 -31.07 8.25
N LYS A 422 -49.40 -31.25 7.50
CA LYS A 422 -49.30 -30.61 6.20
C LYS A 422 -50.43 -31.06 5.27
N ASN A 423 -50.78 -32.36 5.30
CA ASN A 423 -51.84 -32.85 4.43
C ASN A 423 -53.21 -32.30 4.82
N GLU A 424 -53.39 -31.86 6.07
CA GLU A 424 -54.63 -31.19 6.44
C GLU A 424 -54.86 -29.94 5.59
N TYR A 425 -53.82 -29.12 5.43
CA TYR A 425 -53.96 -27.89 4.67
C TYR A 425 -54.29 -28.15 3.20
N TRP A 426 -53.80 -29.25 2.64
CA TRP A 426 -54.10 -29.56 1.24
C TRP A 426 -55.54 -30.05 1.10
N LYS A 427 -55.99 -30.90 2.01
CA LYS A 427 -57.38 -31.35 1.97
C LYS A 427 -58.35 -30.18 2.06
N ILE A 428 -58.02 -29.18 2.89
CA ILE A 428 -58.84 -27.97 2.98
C ILE A 428 -58.82 -27.22 1.66
N LEU A 429 -57.64 -27.09 1.06
CA LEU A 429 -57.52 -26.37 -0.19
C LEU A 429 -58.26 -27.07 -1.32
N ILE A 430 -58.12 -28.40 -1.41
CA ILE A 430 -58.74 -29.14 -2.51
C ILE A 430 -60.25 -29.01 -2.42
N GLU A 431 -60.81 -29.23 -1.23
CA GLU A 431 -62.26 -29.14 -1.05
C GLU A 431 -62.75 -27.72 -1.29
N ALA A 432 -61.94 -26.73 -0.95
CA ALA A 432 -62.37 -25.36 -1.18
C ALA A 432 -62.30 -25.02 -2.67
N LYS A 433 -61.24 -25.44 -3.37
CA LYS A 433 -61.13 -25.17 -4.80
C LYS A 433 -62.32 -25.73 -5.56
N LYS A 434 -62.89 -26.84 -5.10
CA LYS A 434 -64.13 -27.36 -5.68
C LYS A 434 -65.26 -26.36 -5.56
N LYS A 435 -65.19 -25.47 -4.57
CA LYS A 435 -66.24 -24.50 -4.33
C LYS A 435 -65.75 -23.07 -4.52
N ALA A 436 -64.56 -22.88 -5.07
CA ALA A 436 -63.94 -21.55 -5.07
C ALA A 436 -64.60 -20.67 -6.11
N LYS A 437 -65.17 -19.55 -5.67
CA LYS A 437 -65.87 -18.63 -6.56
C LYS A 437 -65.11 -17.36 -6.84
N ASN A 438 -63.97 -17.13 -6.17
CA ASN A 438 -63.11 -15.97 -6.41
C ASN A 438 -61.66 -16.41 -6.37
N ASP A 439 -60.76 -15.46 -6.60
CA ASP A 439 -59.33 -15.78 -6.72
C ASP A 439 -58.59 -15.72 -5.40
N TYR A 440 -59.31 -15.57 -4.27
CA TYR A 440 -58.66 -15.77 -2.98
C TYR A 440 -58.16 -17.20 -2.82
N ILE A 441 -58.58 -18.10 -3.71
CA ILE A 441 -58.00 -19.45 -3.69
C ILE A 441 -56.50 -19.38 -3.98
N LEU A 442 -56.07 -18.42 -4.82
CA LEU A 442 -54.66 -18.31 -5.18
C LEU A 442 -53.80 -17.88 -3.99
N VAL A 443 -54.33 -17.02 -3.13
CA VAL A 443 -53.63 -16.68 -1.89
C VAL A 443 -53.41 -17.93 -1.05
N ALA A 444 -54.43 -18.78 -0.94
CA ALA A 444 -54.33 -19.97 -0.10
C ALA A 444 -53.40 -21.04 -0.66
N GLU A 445 -53.04 -20.97 -1.95
CA GLU A 445 -52.07 -21.90 -2.53
C GLU A 445 -50.64 -21.42 -2.33
N GLY A 446 -50.41 -20.43 -1.48
CA GLY A 446 -49.08 -19.94 -1.23
C GLY A 446 -48.27 -20.92 -0.38
N SER A 447 -46.95 -20.89 -0.59
CA SER A 447 -46.10 -21.88 0.06
C SER A 447 -46.00 -21.65 1.56
N ASP A 448 -46.10 -20.40 2.00
CA ASP A 448 -45.81 -20.08 3.40
C ASP A 448 -46.79 -20.75 4.35
N TRP A 449 -48.08 -20.80 3.98
CA TRP A 449 -49.07 -21.42 4.84
C TRP A 449 -48.70 -22.87 5.16
N PHE A 450 -48.24 -23.61 4.17
CA PHE A 450 -47.95 -25.01 4.41
C PHE A 450 -46.63 -25.19 5.16
N TRP A 451 -45.74 -24.20 5.07
CA TRP A 451 -44.43 -24.31 5.69
C TRP A 451 -44.55 -24.36 7.20
N TRP A 452 -45.37 -23.50 7.78
CA TRP A 452 -45.45 -23.34 9.22
C TRP A 452 -46.25 -24.42 9.91
N GLN A 453 -46.88 -25.32 9.17
CA GLN A 453 -47.90 -26.20 9.72
C GLN A 453 -47.25 -27.47 10.27
N GLY A 454 -47.33 -27.64 11.58
CA GLY A 454 -47.02 -28.90 12.22
C GLY A 454 -45.56 -29.23 12.38
N GLU A 455 -44.65 -28.44 11.80
CA GLU A 455 -43.23 -28.78 11.87
C GLU A 455 -42.73 -28.78 13.31
N GLU A 456 -42.77 -27.63 13.98
CA GLU A 456 -42.44 -27.53 15.39
C GLU A 456 -43.16 -26.32 15.97
N LYS A 457 -43.03 -26.14 17.28
CA LYS A 457 -43.56 -24.95 17.94
C LYS A 457 -42.71 -23.76 17.52
N ALA A 458 -43.37 -22.75 16.94
CA ALA A 458 -42.69 -21.70 16.22
C ALA A 458 -43.48 -20.42 16.46
N PRO A 459 -42.94 -19.26 16.02
CA PRO A 459 -43.57 -17.98 16.39
C PRO A 459 -44.75 -17.66 15.46
N PHE A 460 -45.84 -17.23 16.08
CA PHE A 460 -47.01 -16.66 15.42
C PHE A 460 -47.58 -17.57 14.34
N VAL A 461 -47.36 -18.88 14.48
CA VAL A 461 -48.01 -19.84 13.59
C VAL A 461 -49.52 -19.72 13.71
N GLU A 462 -50.00 -19.25 14.87
CA GLU A 462 -51.41 -18.93 15.02
C GLU A 462 -51.87 -17.97 13.94
N VAL A 463 -51.10 -16.91 13.71
CA VAL A 463 -51.51 -15.87 12.77
C VAL A 463 -51.57 -16.43 11.35
N PHE A 464 -50.64 -17.32 11.02
CA PHE A 464 -50.63 -17.91 9.68
C PHE A 464 -51.83 -18.82 9.47
N ASP A 465 -52.22 -19.58 10.50
CA ASP A 465 -53.37 -20.45 10.38
C ASP A 465 -54.66 -19.63 10.28
N LYS A 466 -54.73 -18.50 10.99
CA LYS A 466 -55.89 -17.63 10.89
C LYS A 466 -56.05 -17.07 9.49
N LEU A 467 -54.93 -16.66 8.87
CA LEU A 467 -55.05 -16.07 7.54
C LEU A 467 -55.41 -17.11 6.52
N PHE A 468 -54.71 -18.25 6.51
CA PHE A 468 -55.05 -19.36 5.63
C PHE A 468 -56.55 -19.63 5.68
N ARG A 469 -57.07 -19.96 6.87
CA ARG A 469 -58.48 -20.29 7.01
C ARG A 469 -59.36 -19.12 6.62
N SER A 470 -58.88 -17.89 6.77
CA SER A 470 -59.62 -16.72 6.33
C SER A 470 -59.63 -16.62 4.81
N PHE A 471 -58.47 -16.78 4.18
CA PHE A 471 -58.40 -16.74 2.72
C PHE A 471 -59.21 -17.86 2.10
N VAL A 472 -59.16 -19.07 2.68
CA VAL A 472 -59.96 -20.17 2.18
C VAL A 472 -61.44 -19.84 2.23
N ARG A 473 -61.89 -19.28 3.36
CA ARG A 473 -63.31 -18.99 3.53
C ARG A 473 -63.77 -17.93 2.54
N ARG A 474 -63.01 -16.83 2.44
CA ARG A 474 -63.34 -15.76 1.50
C ARG A 474 -63.26 -16.24 0.05
N ALA A 475 -62.51 -17.31 -0.21
CA ALA A 475 -62.42 -17.87 -1.55
C ALA A 475 -63.68 -18.61 -1.97
N GLN A 476 -64.55 -18.98 -1.03
CA GLN A 476 -65.78 -19.69 -1.34
C GLN A 476 -67.01 -18.81 -1.17
N GLU A 477 -66.86 -17.50 -1.40
CA GLU A 477 -67.98 -16.57 -1.33
C GLU A 477 -67.98 -15.59 -2.50
N MET B 1 6.97 3.80 20.98
CA MET B 1 6.45 3.46 19.67
C MET B 1 5.90 2.03 19.64
N LYS B 2 4.58 1.92 19.47
CA LYS B 2 3.96 0.61 19.27
C LYS B 2 4.64 -0.11 18.12
N LYS B 3 5.10 -1.33 18.38
CA LYS B 3 5.87 -2.09 17.41
C LYS B 3 5.11 -3.34 17.00
N LEU B 4 5.01 -3.59 15.70
CA LEU B 4 4.53 -4.86 15.19
C LEU B 4 5.64 -5.90 15.31
N PHE B 5 5.28 -7.10 15.74
CA PHE B 5 6.21 -8.22 15.90
C PHE B 5 5.99 -9.22 14.77
N LEU B 6 7.00 -9.36 13.90
CA LEU B 6 6.95 -10.25 12.74
C LEU B 6 7.84 -11.46 12.98
N VAL B 7 7.28 -12.64 12.77
CA VAL B 7 8.00 -13.89 12.99
C VAL B 7 7.93 -14.70 11.70
N PHE B 8 9.10 -15.02 11.15
CA PHE B 8 9.23 -15.83 9.94
C PHE B 8 9.65 -17.22 10.36
N TRP B 9 8.88 -18.22 9.96
CA TRP B 9 9.17 -19.62 10.25
C TRP B 9 9.12 -20.35 8.92
N TRP B 10 10.29 -20.69 8.40
CA TRP B 10 10.40 -21.38 7.12
C TRP B 10 10.49 -22.87 7.37
N HIS B 11 9.63 -23.64 6.70
CA HIS B 11 9.56 -25.09 6.87
C HIS B 11 10.35 -25.76 5.75
N MET B 12 11.31 -26.60 6.12
CA MET B 12 12.15 -27.30 5.17
C MET B 12 12.00 -28.79 5.40
N HIS B 13 11.46 -29.50 4.41
CA HIS B 13 11.23 -30.93 4.54
C HIS B 13 11.38 -31.60 3.19
N GLN B 14 11.91 -32.83 3.21
CA GLN B 14 11.86 -33.71 2.05
C GLN B 14 11.62 -35.16 2.51
N PRO B 15 10.65 -35.87 1.94
CA PRO B 15 10.47 -37.28 2.29
C PRO B 15 11.67 -38.13 1.93
N LEU B 16 11.67 -39.37 2.43
CA LEU B 16 12.73 -40.33 2.14
C LEU B 16 12.57 -40.86 0.72
N TYR B 17 13.44 -40.41 -0.18
CA TYR B 17 13.45 -40.82 -1.58
C TYR B 17 14.33 -42.04 -1.83
N ARG B 18 14.93 -42.62 -0.79
CA ARG B 18 15.93 -43.68 -0.96
C ARG B 18 15.23 -45.04 -0.82
N GLU B 19 15.21 -45.81 -1.90
CA GLU B 19 14.55 -47.11 -1.86
C GLU B 19 15.34 -48.06 -0.96
N PRO B 20 14.65 -48.86 -0.12
CA PRO B 20 15.38 -49.64 0.91
C PRO B 20 16.25 -50.75 0.36
N TYR B 21 15.79 -51.51 -0.64
CA TYR B 21 16.58 -52.63 -1.12
C TYR B 21 17.76 -52.17 -1.97
N THR B 22 17.49 -51.38 -3.01
CA THR B 22 18.57 -50.91 -3.89
C THR B 22 19.47 -49.89 -3.20
N GLY B 23 18.98 -49.17 -2.19
CA GLY B 23 19.78 -48.15 -1.56
C GLY B 23 20.00 -46.92 -2.41
N GLU B 24 19.09 -46.64 -3.34
CA GLU B 24 19.27 -45.58 -4.32
C GLU B 24 18.14 -44.57 -4.21
N TYR B 25 18.49 -43.29 -4.33
CA TYR B 25 17.51 -42.21 -4.33
C TYR B 25 16.83 -42.14 -5.69
N LEU B 26 15.53 -42.39 -5.71
CA LEU B 26 14.79 -42.48 -6.96
C LEU B 26 14.38 -41.13 -7.51
N LEU B 27 14.69 -40.04 -6.81
CA LEU B 27 14.34 -38.68 -7.19
C LEU B 27 15.41 -37.73 -6.68
N PRO B 28 15.71 -36.67 -7.44
CA PRO B 28 16.79 -35.75 -7.08
C PRO B 28 16.38 -34.54 -6.26
N TRP B 29 15.16 -34.52 -5.74
CA TRP B 29 14.61 -33.28 -5.18
C TRP B 29 15.38 -32.83 -3.95
N THR B 30 15.79 -33.75 -3.09
CA THR B 30 16.56 -33.37 -1.92
C THR B 30 17.83 -32.62 -2.31
N PHE B 31 18.52 -33.08 -3.36
CA PHE B 31 19.79 -32.46 -3.73
C PHE B 31 19.58 -31.05 -4.30
N PHE B 32 18.60 -30.90 -5.19
CA PHE B 32 18.41 -29.62 -5.86
C PHE B 32 17.95 -28.55 -4.88
N HIS B 33 17.14 -28.92 -3.89
CA HIS B 33 16.70 -27.92 -2.93
C HIS B 33 17.75 -27.64 -1.87
N ALA B 34 18.74 -28.53 -1.73
CA ALA B 34 19.88 -28.23 -0.87
C ALA B 34 20.75 -27.14 -1.49
N VAL B 35 21.00 -27.23 -2.79
CA VAL B 35 21.89 -26.25 -3.40
C VAL B 35 21.19 -24.91 -3.56
N LYS B 36 19.88 -24.91 -3.80
CA LYS B 36 19.19 -23.66 -4.07
C LYS B 36 18.72 -22.94 -2.82
N ASP B 37 18.19 -23.66 -1.84
CA ASP B 37 17.44 -23.05 -0.74
C ASP B 37 17.91 -23.42 0.66
N TYR B 38 18.36 -24.67 0.90
CA TYR B 38 18.55 -25.12 2.28
C TYR B 38 19.78 -24.50 2.94
N TYR B 39 20.76 -24.05 2.17
CA TYR B 39 21.83 -23.24 2.74
C TYR B 39 21.57 -21.75 2.59
N ASP B 40 21.02 -21.33 1.45
CA ASP B 40 20.96 -19.90 1.14
C ASP B 40 19.91 -19.20 1.99
N MET B 41 18.79 -19.87 2.25
CA MET B 41 17.73 -19.23 3.04
C MET B 41 18.19 -18.83 4.44
N PRO B 42 18.81 -19.71 5.23
CA PRO B 42 19.43 -19.22 6.47
C PRO B 42 20.60 -18.28 6.21
N ALA B 43 21.23 -18.33 5.04
CA ALA B 43 22.42 -17.54 4.77
C ALA B 43 22.11 -16.06 4.56
N TYR B 44 20.86 -15.72 4.27
CA TYR B 44 20.48 -14.31 4.22
C TYR B 44 20.80 -13.62 5.55
N LEU B 45 20.68 -14.35 6.66
CA LEU B 45 20.91 -13.78 7.99
C LEU B 45 22.32 -13.25 8.16
N LYS B 46 23.30 -13.86 7.48
CA LYS B 46 24.65 -13.34 7.54
C LYS B 46 24.76 -11.98 6.86
N ASP B 47 23.83 -11.67 5.96
CA ASP B 47 23.88 -10.42 5.20
C ASP B 47 22.83 -9.39 5.65
N PHE B 48 21.96 -9.74 6.60
CA PHE B 48 20.85 -8.87 6.97
C PHE B 48 20.61 -8.98 8.47
N GLU B 49 20.46 -7.81 9.11
CA GLU B 49 20.25 -7.71 10.55
C GLU B 49 18.76 -7.84 10.86
N ILE B 50 18.24 -9.05 10.61
CA ILE B 50 16.89 -9.43 10.98
C ILE B 50 16.94 -10.82 11.60
N LYS B 51 15.78 -11.31 12.02
CA LYS B 51 15.65 -12.63 12.64
C LYS B 51 14.82 -13.53 11.73
N LEU B 52 15.31 -14.75 11.51
CA LEU B 52 14.61 -15.74 10.70
C LEU B 52 14.66 -17.09 11.41
N ASN B 53 13.53 -17.80 11.41
CA ASN B 53 13.45 -19.10 12.05
C ASN B 53 13.20 -20.17 11.00
N PHE B 54 13.67 -21.37 11.27
CA PHE B 54 13.61 -22.45 10.30
C PHE B 54 13.20 -23.75 10.98
N ASN B 55 12.54 -24.61 10.21
CA ASN B 55 12.19 -25.95 10.63
C ASN B 55 12.83 -26.95 9.68
N LEU B 56 13.54 -27.92 10.23
CA LEU B 56 14.20 -28.96 9.44
C LEU B 56 13.72 -30.31 9.95
N THR B 57 13.17 -31.12 9.05
CA THR B 57 12.69 -32.43 9.43
C THR B 57 13.84 -33.42 9.49
N PRO B 58 13.81 -34.34 10.45
CA PRO B 58 14.92 -35.31 10.58
C PRO B 58 15.18 -36.11 9.33
N VAL B 59 14.13 -36.51 8.61
CA VAL B 59 14.35 -37.30 7.40
C VAL B 59 15.12 -36.48 6.37
N LEU B 60 14.86 -35.17 6.30
CA LEU B 60 15.65 -34.32 5.43
C LEU B 60 17.09 -34.23 5.92
N ILE B 61 17.27 -34.09 7.22
CA ILE B 61 18.61 -33.99 7.78
C ILE B 61 19.40 -35.27 7.52
N ASP B 62 18.73 -36.42 7.62
CA ASP B 62 19.39 -37.69 7.30
C ASP B 62 19.90 -37.69 5.87
N GLN B 63 19.06 -37.25 4.93
CA GLN B 63 19.46 -37.22 3.53
C GLN B 63 20.61 -36.26 3.29
N ILE B 64 20.53 -35.05 3.86
CA ILE B 64 21.62 -34.09 3.70
C ILE B 64 22.93 -34.69 4.19
N GLN B 65 22.89 -35.41 5.30
CA GLN B 65 24.10 -36.07 5.77
C GLN B 65 24.58 -37.11 4.78
N GLU B 66 23.66 -37.86 4.18
CA GLU B 66 24.07 -38.87 3.21
C GLU B 66 24.61 -38.23 1.93
N TYR B 67 24.01 -37.11 1.51
CA TYR B 67 24.52 -36.40 0.33
C TYR B 67 25.85 -35.72 0.62
N ALA B 68 26.06 -35.29 1.86
CA ALA B 68 27.30 -34.58 2.19
C ALA B 68 28.48 -35.52 2.35
N GLN B 69 28.25 -36.78 2.73
CA GLN B 69 29.32 -37.75 2.94
C GLN B 69 29.50 -38.67 1.74
N GLY B 70 28.96 -38.29 0.57
CA GLY B 70 29.18 -39.01 -0.67
C GLY B 70 28.48 -40.34 -0.81
N LYS B 71 27.69 -40.76 0.19
CA LYS B 71 27.09 -42.09 0.15
C LYS B 71 25.79 -42.16 -0.63
N ALA B 72 25.21 -41.02 -1.00
CA ALA B 72 23.95 -41.05 -1.72
C ALA B 72 24.15 -41.52 -3.16
N LYS B 73 23.20 -42.28 -3.66
CA LYS B 73 23.21 -42.75 -5.04
C LYS B 73 22.00 -42.17 -5.76
N ASP B 74 22.05 -40.89 -6.09
CA ASP B 74 20.97 -40.27 -6.84
C ASP B 74 21.08 -40.67 -8.31
N VAL B 75 20.06 -41.38 -8.80
CA VAL B 75 20.14 -41.92 -10.16
C VAL B 75 20.12 -40.81 -11.18
N PHE B 76 19.33 -39.77 -10.93
CA PHE B 76 19.29 -38.65 -11.85
C PHE B 76 20.61 -37.90 -11.85
N LEU B 77 21.26 -37.81 -10.69
CA LEU B 77 22.52 -37.07 -10.61
C LEU B 77 23.60 -37.76 -11.43
N GLU B 78 23.65 -39.09 -11.38
CA GLU B 78 24.66 -39.81 -12.16
C GLU B 78 24.49 -39.55 -13.65
N ALA B 79 23.25 -39.34 -14.11
CA ALA B 79 23.02 -38.95 -15.50
C ALA B 79 23.66 -37.61 -15.81
N ILE B 80 23.51 -36.65 -14.90
CA ILE B 80 24.13 -35.35 -15.08
C ILE B 80 25.65 -35.48 -15.07
N ARG B 81 26.18 -36.19 -14.07
CA ARG B 81 27.63 -36.28 -13.91
C ARG B 81 28.30 -36.98 -15.09
N LYS B 82 27.67 -38.05 -15.60
CA LYS B 82 28.29 -38.85 -16.65
C LYS B 82 28.59 -38.01 -17.89
N ASP B 83 29.67 -38.37 -18.57
CA ASP B 83 29.88 -37.83 -19.91
C ASP B 83 28.68 -38.24 -20.77
N PRO B 84 28.16 -37.34 -21.62
CA PRO B 84 26.96 -37.68 -22.38
C PRO B 84 27.14 -38.88 -23.30
N ASP B 85 28.38 -39.26 -23.63
CA ASP B 85 28.59 -40.41 -24.48
C ASP B 85 28.30 -41.72 -23.77
N ASP B 86 28.38 -41.76 -22.44
CA ASP B 86 28.07 -42.96 -21.68
C ASP B 86 26.62 -43.04 -21.25
N LEU B 87 25.80 -42.04 -21.58
CA LEU B 87 24.41 -42.03 -21.17
C LEU B 87 23.60 -43.03 -21.98
N GLU B 88 22.77 -43.81 -21.31
CA GLU B 88 21.87 -44.71 -22.02
C GLU B 88 20.58 -43.99 -22.37
N LYS B 89 19.77 -44.64 -23.22
CA LYS B 89 18.58 -43.99 -23.75
C LYS B 89 17.61 -43.61 -22.64
N GLU B 90 17.40 -44.50 -21.66
CA GLU B 90 16.48 -44.20 -20.58
C GLU B 90 16.95 -43.01 -19.75
N GLU B 91 18.27 -42.90 -19.55
CA GLU B 91 18.80 -41.75 -18.82
C GLU B 91 18.58 -40.47 -19.61
N VAL B 92 18.82 -40.52 -20.92
CA VAL B 92 18.61 -39.36 -21.78
C VAL B 92 17.14 -38.95 -21.78
N GLU B 93 16.24 -39.93 -21.86
CA GLU B 93 14.81 -39.61 -21.83
C GLU B 93 14.44 -38.91 -20.53
N LYS B 94 15.03 -39.34 -19.42
CA LYS B 94 14.66 -38.81 -18.11
C LYS B 94 15.21 -37.40 -17.90
N LEU B 95 16.33 -37.08 -18.52
CA LEU B 95 16.82 -35.70 -18.49
C LEU B 95 15.85 -34.77 -19.20
N ILE B 96 15.36 -35.19 -20.36
CA ILE B 96 14.39 -34.38 -21.09
C ILE B 96 13.10 -34.25 -20.32
N GLU B 97 12.63 -35.36 -19.72
CA GLU B 97 11.40 -35.32 -18.94
C GLU B 97 11.55 -34.39 -17.75
N PHE B 98 12.71 -34.40 -17.11
CA PHE B 98 12.97 -33.46 -16.02
C PHE B 98 12.93 -32.02 -16.53
N THR B 99 13.64 -31.76 -17.63
CA THR B 99 13.60 -30.44 -18.25
C THR B 99 12.17 -30.01 -18.54
N LYS B 100 11.37 -30.91 -19.13
CA LYS B 100 10.01 -30.55 -19.52
C LYS B 100 9.19 -30.11 -18.32
N LEU B 101 9.38 -30.75 -17.16
CA LEU B 101 8.63 -30.32 -15.98
C LEU B 101 8.96 -28.88 -15.61
N ASN B 102 10.22 -28.48 -15.75
CA ASN B 102 10.65 -27.18 -15.25
C ASN B 102 10.85 -26.14 -16.35
N TYR B 103 10.38 -26.43 -17.57
CA TYR B 103 10.57 -25.50 -18.69
C TYR B 103 9.95 -24.13 -18.39
N GLU B 104 8.78 -24.13 -17.75
CA GLU B 104 8.00 -22.94 -17.47
C GLU B 104 8.54 -22.14 -16.29
N LYS B 105 9.36 -22.74 -15.45
CA LYS B 105 9.83 -22.06 -14.25
C LYS B 105 10.80 -20.95 -14.62
N PRO B 106 10.69 -19.78 -13.98
CA PRO B 106 11.62 -18.67 -14.26
C PRO B 106 13.10 -19.04 -14.12
N ILE B 107 13.46 -19.86 -13.13
CA ILE B 107 14.84 -20.27 -12.93
C ILE B 107 15.39 -21.08 -14.10
N TYR B 108 14.52 -21.56 -15.00
CA TYR B 108 14.92 -22.32 -16.17
C TYR B 108 14.87 -21.50 -17.45
N ARG B 109 14.88 -20.17 -17.35
CA ARG B 109 14.78 -19.32 -18.53
C ARG B 109 16.17 -19.08 -19.11
N PHE B 110 16.72 -20.17 -19.64
CA PHE B 110 17.95 -20.15 -20.42
C PHE B 110 17.58 -20.36 -21.88
N GLU B 111 18.18 -19.56 -22.76
CA GLU B 111 17.87 -19.65 -24.19
C GLU B 111 18.31 -20.97 -24.78
N ARG B 112 19.43 -21.53 -24.31
CA ARG B 112 19.89 -22.82 -24.82
C ARG B 112 18.89 -23.92 -24.51
N ILE B 113 18.27 -23.86 -23.32
CA ILE B 113 17.22 -24.83 -22.98
C ILE B 113 16.10 -24.80 -24.01
N ARG B 114 15.77 -23.60 -24.52
CA ARG B 114 14.75 -23.49 -25.56
C ARG B 114 15.18 -24.20 -26.84
N GLU B 115 16.44 -24.03 -27.24
CA GLU B 115 16.91 -24.64 -28.48
C GLU B 115 16.95 -26.16 -28.35
N LEU B 116 17.55 -26.65 -27.26
CA LEU B 116 17.65 -28.10 -27.05
C LEU B 116 16.28 -28.75 -27.07
N MET B 117 15.30 -28.11 -26.42
CA MET B 117 13.98 -28.72 -26.31
C MET B 117 13.26 -28.75 -27.66
N ASN B 118 13.41 -27.71 -28.47
CA ASN B 118 12.85 -27.70 -29.81
C ASN B 118 13.67 -28.52 -30.80
N LYS B 119 14.88 -28.95 -30.44
CA LYS B 119 15.66 -29.83 -31.29
C LYS B 119 15.21 -31.27 -31.13
N GLU B 120 15.23 -32.01 -32.24
CA GLU B 120 14.66 -33.35 -32.29
C GLU B 120 15.65 -34.41 -31.83
N LYS B 121 16.91 -34.27 -32.21
CA LYS B 121 17.99 -35.14 -31.77
C LYS B 121 19.17 -34.26 -31.35
N LEU B 122 19.90 -34.71 -30.33
CA LEU B 122 20.91 -33.90 -29.64
C LEU B 122 22.26 -34.61 -29.64
N ASN B 123 23.32 -33.89 -29.98
CA ASN B 123 24.66 -34.48 -29.95
C ASN B 123 25.23 -34.41 -28.54
N ARG B 124 26.48 -34.86 -28.41
CA ARG B 124 27.11 -34.89 -27.09
C ARG B 124 27.22 -33.49 -26.50
N GLU B 125 27.64 -32.52 -27.30
CA GLU B 125 27.84 -31.16 -26.79
C GLU B 125 26.52 -30.54 -26.36
N GLU B 126 25.45 -30.79 -27.13
CA GLU B 126 24.14 -30.29 -26.76
C GLU B 126 23.65 -30.95 -25.48
N LEU B 127 23.80 -32.28 -25.39
CA LEU B 127 23.42 -32.99 -24.17
C LEU B 127 24.20 -32.44 -22.97
N LEU B 128 25.48 -32.10 -23.17
CA LEU B 128 26.24 -31.50 -22.09
C LEU B 128 25.62 -30.19 -21.65
N ASP B 129 25.07 -29.43 -22.59
CA ASP B 129 24.43 -28.17 -22.24
C ASP B 129 23.13 -28.40 -21.46
N LEU B 130 22.40 -29.45 -21.79
CA LEU B 130 21.21 -29.77 -21.02
C LEU B 130 21.59 -30.16 -19.59
N GLN B 131 22.63 -30.98 -19.43
CA GLN B 131 23.06 -31.39 -18.10
C GLN B 131 23.50 -30.20 -17.28
N THR B 132 24.42 -29.39 -17.81
CA THR B 132 24.97 -28.29 -17.05
C THR B 132 23.93 -27.22 -16.76
N LEU B 133 23.00 -26.99 -17.68
CA LEU B 133 22.02 -25.93 -17.47
C LEU B 133 20.94 -26.37 -16.49
N ASN B 134 20.58 -27.65 -16.50
CA ASN B 134 19.75 -28.19 -15.43
C ASN B 134 20.39 -27.95 -14.08
N LEU B 135 21.71 -28.09 -14.00
CA LEU B 135 22.41 -27.81 -12.77
C LEU B 135 22.38 -26.32 -12.44
N LEU B 136 22.76 -25.49 -13.40
CA LEU B 136 22.92 -24.07 -13.11
C LEU B 136 21.57 -23.41 -12.85
N ALA B 137 20.48 -23.97 -13.35
CA ALA B 137 19.16 -23.41 -13.05
C ALA B 137 18.88 -23.48 -11.55
N TRP B 138 19.28 -24.59 -10.92
CA TRP B 138 19.10 -24.79 -9.49
C TRP B 138 20.31 -24.26 -8.72
N CYS B 139 20.59 -22.97 -8.89
CA CYS B 139 21.72 -22.33 -8.24
C CYS B 139 21.21 -21.35 -7.18
N GLY B 140 21.82 -21.43 -5.98
CA GLY B 140 21.45 -20.54 -4.89
C GLY B 140 22.16 -19.20 -4.94
N ARG B 141 21.68 -18.28 -4.09
CA ARG B 141 22.15 -16.90 -4.09
C ARG B 141 23.65 -16.81 -3.84
N THR B 142 24.19 -17.66 -2.97
CA THR B 142 25.62 -17.64 -2.69
C THR B 142 26.44 -17.96 -3.93
N LEU B 143 26.15 -19.10 -4.56
CA LEU B 143 26.97 -19.58 -5.67
C LEU B 143 26.71 -18.85 -6.98
N ARG B 144 25.55 -18.17 -7.11
CA ARG B 144 25.32 -17.33 -8.28
C ARG B 144 26.40 -16.26 -8.42
N LYS B 145 26.99 -15.84 -7.30
CA LYS B 145 28.13 -14.92 -7.32
C LYS B 145 29.42 -15.65 -7.69
N ASP B 146 29.58 -16.89 -7.25
CA ASP B 146 30.80 -17.64 -7.56
C ASP B 146 30.82 -18.10 -9.02
N LEU B 147 29.68 -18.55 -9.53
CA LEU B 147 29.58 -19.10 -10.89
C LEU B 147 29.00 -18.10 -11.86
N LYS B 148 29.42 -16.83 -11.77
CA LYS B 148 28.83 -15.78 -12.58
C LYS B 148 29.11 -15.99 -14.07
N ASP B 149 30.38 -16.15 -14.45
CA ASP B 149 30.70 -16.29 -15.86
C ASP B 149 30.06 -17.53 -16.46
N LEU B 150 30.16 -18.66 -15.76
CA LEU B 150 29.50 -19.88 -16.24
C LEU B 150 28.02 -19.62 -16.47
N LEU B 151 27.38 -18.89 -15.55
CA LEU B 151 25.96 -18.56 -15.70
C LEU B 151 25.74 -17.63 -16.89
N ASN B 152 26.68 -16.71 -17.14
CA ASN B 152 26.56 -15.77 -18.25
C ASN B 152 26.95 -16.38 -19.60
N LYS B 153 27.77 -17.42 -19.61
CA LYS B 153 28.11 -18.09 -20.87
C LYS B 153 26.84 -18.57 -21.57
N GLY B 154 26.00 -19.32 -20.87
CA GLY B 154 24.72 -19.77 -21.38
C GLY B 154 24.76 -21.00 -22.27
N ARG B 155 25.94 -21.47 -22.67
CA ARG B 155 26.04 -22.53 -23.67
C ARG B 155 27.47 -23.02 -23.77
N ASN B 156 27.65 -24.11 -24.54
CA ASN B 156 28.96 -24.67 -24.86
C ASN B 156 29.75 -24.99 -23.60
N TYR B 157 29.12 -25.72 -22.69
CA TYR B 157 29.82 -26.14 -21.49
C TYR B 157 30.67 -27.37 -21.77
N THR B 158 31.68 -27.57 -20.94
CA THR B 158 32.56 -28.72 -21.01
C THR B 158 32.33 -29.62 -19.82
N GLN B 159 32.87 -30.84 -19.92
CA GLN B 159 32.73 -31.79 -18.81
C GLN B 159 33.42 -31.26 -17.57
N GLU B 160 34.61 -30.68 -17.70
CA GLU B 160 35.32 -30.15 -16.54
C GLU B 160 34.52 -29.04 -15.86
N GLU B 161 33.89 -28.16 -16.64
CA GLU B 161 33.07 -27.09 -16.07
C GLU B 161 31.91 -27.66 -15.27
N LYS B 162 31.23 -28.67 -15.82
CA LYS B 162 30.11 -29.28 -15.12
C LYS B 162 30.56 -29.95 -13.82
N GLU B 163 31.75 -30.57 -13.83
CA GLU B 163 32.26 -31.19 -12.61
C GLU B 163 32.74 -30.13 -11.62
N TYR B 164 33.07 -28.94 -12.10
CA TYR B 164 33.38 -27.83 -11.20
C TYR B 164 32.11 -27.33 -10.51
N VAL B 165 31.04 -27.17 -11.29
CA VAL B 165 29.76 -26.76 -10.73
C VAL B 165 29.27 -27.76 -9.69
N LEU B 166 29.41 -29.05 -10.01
CA LEU B 166 28.97 -30.08 -9.07
C LEU B 166 29.83 -30.09 -7.82
N ASN B 167 31.12 -29.83 -7.96
CA ASN B 167 31.99 -29.81 -6.79
C ASN B 167 31.54 -28.75 -5.80
N LYS B 168 31.20 -27.55 -6.30
CA LYS B 168 30.79 -26.47 -5.42
C LYS B 168 29.41 -26.74 -4.83
N TYR B 169 28.53 -27.37 -5.61
CA TYR B 169 27.21 -27.70 -5.09
C TYR B 169 27.30 -28.62 -3.89
N PHE B 170 28.27 -29.54 -3.90
CA PHE B 170 28.46 -30.39 -2.73
C PHE B 170 29.17 -29.64 -1.61
N GLU B 171 29.97 -28.63 -1.97
CA GLU B 171 30.55 -27.76 -0.94
C GLU B 171 29.47 -27.05 -0.15
N ILE B 172 28.36 -26.69 -0.79
CA ILE B 172 27.23 -26.08 -0.09
C ILE B 172 26.57 -27.10 0.82
N ILE B 173 26.39 -28.33 0.34
CA ILE B 173 25.67 -29.34 1.10
C ILE B 173 26.43 -29.73 2.36
N LYS B 174 27.76 -29.80 2.27
CA LYS B 174 28.56 -30.12 3.43
C LYS B 174 28.60 -29.00 4.45
N LYS B 175 28.19 -27.78 4.07
CA LYS B 175 28.15 -26.66 5.01
C LYS B 175 26.73 -26.28 5.39
N THR B 176 25.74 -27.03 4.94
CA THR B 176 24.34 -26.67 5.18
C THR B 176 24.00 -26.76 6.66
N LEU B 177 24.20 -27.93 7.26
CA LEU B 177 23.83 -28.11 8.67
C LEU B 177 24.60 -27.16 9.57
N SER B 178 25.83 -26.79 9.19
CA SER B 178 26.61 -25.90 10.04
C SER B 178 26.03 -24.50 10.09
N ILE B 179 25.46 -24.03 8.98
CA ILE B 179 24.87 -22.70 8.95
C ILE B 179 23.66 -22.63 9.87
N TYR B 180 22.98 -23.75 10.07
CA TYR B 180 21.83 -23.76 10.98
C TYR B 180 22.28 -23.77 12.44
N ARG B 181 23.36 -24.48 12.75
CA ARG B 181 23.95 -24.36 14.08
C ARG B 181 24.43 -22.93 14.33
N GLU B 182 25.06 -22.32 13.33
CA GLU B 182 25.66 -21.01 13.55
C GLU B 182 24.61 -19.93 13.85
N ILE B 183 23.48 -19.93 13.13
CA ILE B 183 22.48 -18.91 13.40
C ILE B 183 21.79 -19.17 14.74
N LYS B 184 21.70 -20.44 15.15
CA LYS B 184 21.14 -20.73 16.46
C LYS B 184 22.04 -20.21 17.57
N GLU B 185 23.34 -20.53 17.50
CA GLU B 185 24.27 -20.09 18.53
C GLU B 185 24.44 -18.57 18.52
N GLU B 186 24.57 -17.98 17.33
CA GLU B 186 24.73 -16.54 17.21
C GLU B 186 23.42 -15.79 17.41
N GLY B 187 22.32 -16.51 17.67
CA GLY B 187 21.08 -15.87 18.04
C GLY B 187 20.29 -15.27 16.89
N LYS B 188 20.74 -15.46 15.65
CA LYS B 188 20.05 -14.87 14.52
C LYS B 188 18.71 -15.55 14.24
N GLY B 189 18.53 -16.77 14.73
CA GLY B 189 17.25 -17.44 14.53
C GLY B 189 17.13 -18.78 15.21
N SER B 190 15.93 -19.09 15.68
CA SER B 190 15.68 -20.37 16.32
C SER B 190 15.49 -21.45 15.26
N VAL B 191 15.93 -22.67 15.58
CA VAL B 191 15.74 -23.83 14.71
C VAL B 191 14.82 -24.82 15.43
N SER B 192 13.82 -25.31 14.74
CA SER B 192 12.90 -26.31 15.27
C SER B 192 12.94 -27.55 14.41
N THR B 193 12.21 -28.57 14.83
CA THR B 193 12.09 -29.79 14.06
C THR B 193 10.63 -30.23 14.05
N SER B 194 10.36 -31.33 13.36
CA SER B 194 9.05 -31.95 13.29
C SER B 194 9.21 -33.40 13.68
N PRO B 195 8.10 -34.08 14.00
CA PRO B 195 8.15 -35.54 14.14
C PRO B 195 8.84 -36.18 12.93
N TYR B 196 9.66 -37.20 13.19
CA TYR B 196 10.72 -37.66 12.30
C TYR B 196 10.34 -37.67 10.80
N TYR B 197 9.35 -38.50 10.44
CA TYR B 197 9.04 -38.77 9.04
C TYR B 197 7.84 -37.97 8.55
N HIS B 198 7.71 -36.72 8.98
CA HIS B 198 6.57 -35.86 8.67
C HIS B 198 5.21 -36.56 8.77
N PRO B 199 4.91 -37.30 9.85
CA PRO B 199 3.61 -37.99 9.93
C PRO B 199 2.48 -37.07 10.36
N LEU B 200 1.26 -37.55 10.12
CA LEU B 200 0.08 -36.88 10.64
C LEU B 200 -0.18 -37.41 12.04
N ILE B 201 0.45 -36.77 13.02
CA ILE B 201 0.33 -37.22 14.42
C ILE B 201 -1.12 -37.35 14.84
N PRO B 202 -2.03 -36.43 14.52
CA PRO B 202 -3.42 -36.62 14.96
C PRO B 202 -4.05 -37.94 14.53
N ILE B 203 -3.88 -38.34 13.27
CA ILE B 203 -4.46 -39.61 12.82
C ILE B 203 -3.80 -40.78 13.52
N LEU B 204 -2.48 -40.70 13.75
CA LEU B 204 -1.78 -41.79 14.43
C LEU B 204 -2.29 -41.99 15.85
N LEU B 205 -2.56 -40.91 16.58
CA LEU B 205 -3.10 -41.04 17.92
C LEU B 205 -4.54 -41.52 17.89
N ASN B 206 -5.43 -40.73 17.26
CA ASN B 206 -6.83 -41.12 17.13
C ASN B 206 -7.32 -40.81 15.73
N PRO B 207 -7.61 -41.85 14.93
CA PRO B 207 -8.16 -41.60 13.59
C PRO B 207 -9.50 -40.89 13.58
N ASN B 208 -10.27 -40.91 14.69
CA ASN B 208 -11.57 -40.25 14.72
C ASN B 208 -11.47 -38.73 14.75
N CYS B 209 -10.27 -38.16 14.79
CA CYS B 209 -10.15 -36.72 14.68
C CYS B 209 -10.58 -36.20 13.31
N VAL B 210 -10.76 -37.09 12.33
CA VAL B 210 -11.21 -36.70 11.01
C VAL B 210 -12.67 -36.28 11.04
N TYR B 211 -13.45 -36.82 11.98
CA TYR B 211 -14.89 -36.57 12.00
C TYR B 211 -15.25 -35.24 12.65
N GLU B 212 -14.33 -34.65 13.43
CA GLU B 212 -14.58 -33.32 13.98
C GLU B 212 -14.80 -32.30 12.86
N THR B 213 -13.95 -32.36 11.83
CA THR B 213 -14.07 -31.42 10.73
C THR B 213 -14.87 -31.96 9.55
N THR B 214 -14.72 -33.23 9.22
CA THR B 214 -15.51 -33.87 8.20
C THR B 214 -16.22 -35.06 8.78
N PRO B 215 -17.43 -34.85 9.29
CA PRO B 215 -18.10 -36.02 10.01
C PRO B 215 -18.62 -37.11 9.08
N ASN B 216 -19.00 -36.73 7.84
CA ASN B 216 -19.56 -37.74 6.93
C ASN B 216 -18.51 -38.50 6.11
N VAL B 217 -17.23 -38.27 6.40
CA VAL B 217 -16.17 -38.93 5.65
C VAL B 217 -16.21 -40.43 5.91
N LYS B 218 -15.65 -41.19 4.98
CA LYS B 218 -15.52 -42.63 5.13
C LYS B 218 -14.04 -42.96 5.18
N ILE B 219 -13.61 -43.54 6.29
CA ILE B 219 -12.23 -43.96 6.49
C ILE B 219 -12.27 -45.46 6.81
N PRO B 220 -11.16 -46.16 6.59
CA PRO B 220 -11.13 -47.59 6.91
C PRO B 220 -11.17 -47.81 8.42
N ASP B 221 -11.40 -49.06 8.81
CA ASP B 221 -11.34 -49.43 10.21
C ASP B 221 -9.89 -49.61 10.63
N PHE B 222 -9.44 -48.82 11.60
CA PHE B 222 -8.06 -48.87 12.06
C PHE B 222 -7.98 -49.89 13.20
N ALA B 223 -7.66 -51.13 12.85
CA ALA B 223 -7.60 -52.18 13.88
C ALA B 223 -6.40 -51.97 14.79
N VAL B 224 -5.23 -51.72 14.21
CA VAL B 224 -4.01 -51.53 14.98
C VAL B 224 -4.04 -50.19 15.71
N SER B 225 -3.04 -49.95 16.57
CA SER B 225 -2.83 -48.64 17.18
C SER B 225 -1.51 -48.05 16.69
N PHE B 226 -1.53 -46.77 16.40
CA PHE B 226 -0.33 -46.02 16.05
C PHE B 226 0.07 -45.05 17.16
N ARG B 227 -0.48 -45.21 18.36
CA ARG B 227 -0.19 -44.26 19.42
C ARG B 227 1.26 -44.32 19.85
N GLU B 228 1.87 -45.51 19.86
CA GLU B 228 3.26 -45.58 20.23
C GLU B 228 4.16 -45.09 19.11
N ASP B 229 3.74 -45.26 17.85
CA ASP B 229 4.54 -44.76 16.74
C ASP B 229 4.60 -43.24 16.75
N ALA B 230 3.52 -42.57 17.18
CA ALA B 230 3.55 -41.12 17.29
C ALA B 230 4.57 -40.67 18.33
N SER B 231 4.63 -41.37 19.47
CA SER B 231 5.65 -41.07 20.47
C SER B 231 7.05 -41.31 19.92
N LYS B 232 7.21 -42.31 19.04
CA LYS B 232 8.52 -42.58 18.48
C LYS B 232 8.96 -41.46 17.55
N HIS B 233 8.05 -40.99 16.69
CA HIS B 233 8.39 -39.90 15.78
C HIS B 233 8.95 -38.70 16.53
N VAL B 234 8.34 -38.35 17.65
CA VAL B 234 8.76 -37.18 18.40
C VAL B 234 10.08 -37.46 19.11
N GLU B 235 10.13 -38.56 19.86
CA GLU B 235 11.34 -38.87 20.62
C GLU B 235 12.54 -39.05 19.71
N LEU B 236 12.36 -39.71 18.56
CA LEU B 236 13.48 -39.89 17.63
C LEU B 236 13.86 -38.57 16.97
N ALA B 237 12.89 -37.69 16.75
CA ALA B 237 13.21 -36.36 16.25
C ALA B 237 14.03 -35.58 17.27
N LYS B 238 13.73 -35.75 18.56
CA LYS B 238 14.50 -35.03 19.57
C LYS B 238 15.93 -35.54 19.64
N GLU B 239 16.14 -36.83 19.33
CA GLU B 239 17.49 -37.35 19.29
C GLU B 239 18.26 -36.83 18.09
N LYS B 240 17.61 -36.80 16.91
CA LYS B 240 18.27 -36.25 15.73
C LYS B 240 18.62 -34.79 15.94
N TYR B 241 17.69 -34.00 16.50
CA TYR B 241 17.97 -32.60 16.78
C TYR B 241 19.15 -32.48 17.74
N PHE B 242 19.18 -33.32 18.79
CA PHE B 242 20.29 -33.30 19.73
C PHE B 242 21.60 -33.58 19.02
N GLU B 243 21.61 -34.58 18.14
CA GLU B 243 22.83 -34.94 17.43
C GLU B 243 23.39 -33.76 16.66
N ILE B 244 22.51 -32.96 16.05
CA ILE B 244 22.95 -31.84 15.24
C ILE B 244 23.31 -30.64 16.11
N PHE B 245 22.46 -30.28 17.07
CA PHE B 245 22.59 -29.01 17.78
C PHE B 245 23.09 -29.14 19.21
N GLY B 246 23.21 -30.36 19.75
CA GLY B 246 23.72 -30.57 21.07
C GLY B 246 22.71 -30.45 22.19
N GLU B 247 21.48 -30.05 21.89
CA GLU B 247 20.45 -29.88 22.90
C GLU B 247 19.15 -30.46 22.36
N HIS B 248 18.22 -30.71 23.26
CA HIS B 248 16.91 -31.18 22.79
C HIS B 248 16.07 -29.99 22.36
N PRO B 249 15.10 -30.21 21.47
CA PRO B 249 14.31 -29.09 20.96
C PRO B 249 13.17 -28.75 21.90
N VAL B 250 12.86 -27.46 21.97
CA VAL B 250 11.70 -26.99 22.71
C VAL B 250 10.58 -26.50 21.79
N TYR B 251 10.86 -26.27 20.51
CA TYR B 251 9.87 -25.80 19.53
C TYR B 251 9.75 -26.84 18.43
N MET B 252 8.52 -27.08 17.99
CA MET B 252 8.22 -28.10 17.01
C MET B 252 7.17 -27.58 16.05
N TRP B 253 7.38 -27.79 14.75
CA TRP B 253 6.37 -27.45 13.75
C TRP B 253 5.54 -28.69 13.45
N PRO B 254 4.24 -28.70 13.77
CA PRO B 254 3.43 -29.87 13.45
C PRO B 254 3.30 -30.02 11.94
N PRO B 255 3.52 -31.23 11.42
CA PRO B 255 3.49 -31.42 9.97
C PRO B 255 2.12 -31.11 9.40
N GLN B 256 2.10 -30.29 8.34
CA GLN B 256 0.87 -29.81 7.70
C GLN B 256 0.01 -28.98 8.65
N ALA B 257 0.64 -28.39 9.68
CA ALA B 257 -0.02 -27.67 10.77
C ALA B 257 -1.06 -28.51 11.52
N SER B 258 -1.03 -29.83 11.33
CA SER B 258 -2.09 -30.69 11.83
C SER B 258 -2.03 -30.80 13.35
N VAL B 259 -3.15 -30.50 14.01
CA VAL B 259 -3.20 -30.45 15.46
C VAL B 259 -4.50 -31.08 15.94
N SER B 260 -4.46 -31.59 17.16
CA SER B 260 -5.63 -32.12 17.85
C SER B 260 -5.38 -31.89 19.33
N ASN B 261 -6.42 -32.05 20.13
CA ASN B 261 -6.23 -32.00 21.57
C ASN B 261 -5.22 -33.04 22.03
N GLU B 262 -5.23 -34.22 21.40
CA GLU B 262 -4.33 -35.29 21.78
C GLU B 262 -2.91 -35.03 21.30
N ALA B 263 -2.77 -34.61 20.05
CA ALA B 263 -1.46 -34.23 19.52
C ALA B 263 -0.80 -33.20 20.43
N LEU B 264 -1.55 -32.16 20.82
CA LEU B 264 -0.98 -31.15 21.70
C LEU B 264 -0.55 -31.76 23.03
N GLU B 265 -1.27 -32.79 23.49
CA GLU B 265 -0.89 -33.44 24.74
C GLU B 265 0.41 -34.21 24.58
N LEU B 266 0.64 -34.80 23.41
CA LEU B 266 1.86 -35.58 23.22
C LEU B 266 3.09 -34.68 23.13
N TYR B 267 2.96 -33.56 22.44
CA TYR B 267 4.08 -32.62 22.39
C TYR B 267 4.43 -32.09 23.78
N TYR B 268 3.42 -31.83 24.61
CA TYR B 268 3.68 -31.39 25.97
C TYR B 268 4.41 -32.45 26.76
N GLU B 269 3.98 -33.71 26.65
CA GLU B 269 4.59 -34.79 27.41
C GLU B 269 5.99 -35.11 26.94
N LYS B 270 6.37 -34.67 25.74
CA LYS B 270 7.71 -34.90 25.24
C LYS B 270 8.58 -33.65 25.29
N GLY B 271 8.14 -32.65 26.04
CA GLY B 271 9.01 -31.54 26.39
C GLY B 271 8.84 -30.30 25.55
N ILE B 272 7.92 -30.29 24.58
CA ILE B 272 7.82 -29.17 23.65
C ILE B 272 6.98 -28.07 24.27
N ASN B 273 7.54 -26.86 24.34
CA ASN B 273 6.84 -25.73 24.91
C ASN B 273 6.01 -24.95 23.89
N MET B 274 6.32 -25.03 22.60
CA MET B 274 5.64 -24.18 21.63
C MET B 274 5.54 -24.88 20.28
N LEU B 275 4.40 -24.73 19.64
CA LEU B 275 4.19 -25.16 18.26
C LEU B 275 3.33 -24.11 17.58
N ALA B 276 2.99 -24.37 16.32
CA ALA B 276 2.32 -23.38 15.49
C ALA B 276 1.41 -24.08 14.50
N THR B 277 0.24 -23.49 14.26
CA THR B 277 -0.69 -24.06 13.29
C THR B 277 -1.33 -22.94 12.49
N ASP B 278 -2.29 -23.30 11.64
CA ASP B 278 -2.94 -22.35 10.72
C ASP B 278 -4.09 -21.63 11.41
N GLU B 279 -4.47 -20.48 10.85
CA GLU B 279 -5.57 -19.73 11.44
C GLU B 279 -6.92 -20.33 11.11
N VAL B 280 -6.97 -21.22 10.12
CA VAL B 280 -8.23 -21.94 9.87
C VAL B 280 -8.60 -22.79 11.07
N ILE B 281 -7.61 -23.31 11.80
CA ILE B 281 -7.88 -24.08 13.01
C ILE B 281 -8.37 -23.15 14.12
N LEU B 282 -7.75 -21.97 14.23
CA LEU B 282 -8.14 -21.02 15.27
C LEU B 282 -9.57 -20.53 15.04
N LYS B 283 -9.92 -20.20 13.80
CA LYS B 283 -11.28 -19.74 13.52
C LYS B 283 -12.30 -20.85 13.77
N ASN B 284 -11.91 -22.11 13.53
CA ASN B 284 -12.80 -23.24 13.76
C ASN B 284 -12.95 -23.56 15.23
N SER B 285 -11.89 -23.40 16.01
CA SER B 285 -11.91 -23.79 17.41
C SER B 285 -12.32 -22.65 18.33
N VAL B 286 -11.97 -21.41 18.01
CA VAL B 286 -12.28 -20.25 18.84
C VAL B 286 -13.18 -19.29 18.07
N GLU B 287 -14.10 -18.63 18.79
CA GLU B 287 -15.20 -17.88 18.20
C GLU B 287 -14.76 -16.86 17.16
N ARG B 288 -14.36 -15.68 17.61
CA ARG B 288 -13.90 -14.62 16.72
C ARG B 288 -12.51 -14.18 17.16
N ALA B 289 -11.57 -15.13 17.16
CA ALA B 289 -10.23 -14.90 17.66
C ALA B 289 -9.36 -14.24 16.61
N SER B 290 -8.31 -13.59 17.08
CA SER B 290 -7.32 -13.02 16.19
C SER B 290 -6.03 -13.81 16.27
N PRO B 291 -5.37 -14.06 15.13
CA PRO B 291 -4.09 -14.75 15.15
C PRO B 291 -2.91 -13.86 15.53
N TYR B 292 -3.16 -12.67 16.06
CA TYR B 292 -2.09 -11.74 16.41
C TYR B 292 -1.80 -11.74 17.91
N LEU B 293 -2.04 -12.87 18.57
CA LEU B 293 -1.85 -13.05 20.00
C LEU B 293 -1.19 -14.38 20.25
N ARG B 294 -0.47 -14.47 21.36
CA ARG B 294 0.05 -15.75 21.82
C ARG B 294 -1.04 -16.51 22.57
N TYR B 295 -1.24 -17.78 22.21
CA TYR B 295 -2.23 -18.62 22.85
C TYR B 295 -1.54 -19.67 23.71
N TYR B 296 -2.08 -19.91 24.91
CA TYR B 296 -1.64 -20.97 25.81
C TYR B 296 -2.73 -22.04 25.87
N PHE B 297 -2.45 -23.22 25.32
CA PHE B 297 -3.38 -24.36 25.37
C PHE B 297 -3.37 -24.96 26.77
N ARG B 298 -4.49 -24.83 27.48
CA ARG B 298 -4.71 -25.45 28.80
C ARG B 298 -3.57 -25.17 29.76
N GLU B 299 -2.92 -24.02 29.58
CA GLU B 299 -1.80 -23.59 30.42
C GLU B 299 -0.62 -24.54 30.28
N LEU B 300 -0.70 -25.52 29.38
CA LEU B 300 0.36 -26.51 29.24
C LEU B 300 1.34 -26.18 28.12
N ILE B 301 0.88 -25.59 27.03
CA ILE B 301 1.72 -25.34 25.86
C ILE B 301 1.33 -24.00 25.26
N SER B 302 2.20 -23.49 24.43
CA SER B 302 1.99 -22.22 23.74
C SER B 302 1.79 -22.47 22.26
N VAL B 303 0.70 -21.95 21.70
CA VAL B 303 0.37 -22.16 20.30
C VAL B 303 0.27 -20.80 19.61
N PHE B 304 1.01 -20.65 18.52
CA PHE B 304 0.89 -19.48 17.66
C PHE B 304 0.16 -19.88 16.39
N PHE B 305 -0.82 -19.09 15.99
CA PHE B 305 -1.59 -19.36 14.78
C PHE B 305 -1.12 -18.43 13.67
N ARG B 306 -0.74 -19.03 12.53
CA ARG B 306 -0.12 -18.30 11.46
C ARG B 306 -1.12 -17.37 10.74
N ASP B 307 -0.59 -16.37 10.06
CA ASP B 307 -1.38 -15.47 9.22
C ASP B 307 -1.46 -16.07 7.83
N LYS B 308 -2.57 -16.76 7.55
CA LYS B 308 -2.72 -17.44 6.27
C LYS B 308 -2.56 -16.47 5.11
N THR B 309 -3.13 -15.27 5.23
CA THR B 309 -3.17 -14.36 4.08
C THR B 309 -1.78 -13.88 3.71
N LEU B 310 -0.98 -13.51 4.71
CA LEU B 310 0.38 -13.05 4.42
C LEU B 310 1.26 -14.20 3.94
N SER B 311 1.14 -15.36 4.57
CA SER B 311 1.92 -16.52 4.17
C SER B 311 1.60 -16.96 2.74
N ASP B 312 0.31 -17.03 2.39
CA ASP B 312 -0.07 -17.49 1.06
C ASP B 312 0.24 -16.46 -0.03
N LEU B 313 0.33 -15.18 0.33
CA LEU B 313 0.82 -14.19 -0.62
C LEU B 313 2.24 -14.51 -1.05
N ILE B 314 3.13 -14.78 -0.09
CA ILE B 314 4.51 -15.12 -0.42
C ILE B 314 4.56 -16.42 -1.19
N GLY B 315 3.85 -17.43 -0.70
CA GLY B 315 3.96 -18.76 -1.27
C GLY B 315 3.43 -18.86 -2.68
N PHE B 316 2.31 -18.19 -2.98
CA PHE B 316 1.59 -18.40 -4.23
C PHE B 316 1.39 -17.11 -5.02
N SER B 317 0.97 -16.02 -4.37
CA SER B 317 0.53 -14.85 -5.13
C SER B 317 1.69 -14.07 -5.72
N TYR B 318 2.73 -13.83 -4.93
CA TYR B 318 3.74 -12.85 -5.30
C TYR B 318 4.66 -13.29 -6.43
N HIS B 319 4.52 -14.50 -6.99
CA HIS B 319 5.42 -14.88 -8.06
C HIS B 319 5.15 -14.08 -9.33
N ALA B 320 3.90 -13.63 -9.53
CA ALA B 320 3.57 -12.79 -10.68
C ALA B 320 3.98 -11.33 -10.48
N TRP B 321 4.16 -10.90 -9.24
CA TRP B 321 4.41 -9.49 -8.96
C TRP B 321 5.89 -9.16 -9.14
N ASN B 322 6.16 -7.90 -9.48
CA ASN B 322 7.51 -7.37 -9.34
C ASN B 322 7.87 -7.21 -7.87
N ALA B 323 9.14 -7.47 -7.54
CA ALA B 323 9.54 -7.58 -6.14
C ALA B 323 9.21 -6.30 -5.36
N GLU B 324 9.55 -5.13 -5.92
CA GLU B 324 9.29 -3.88 -5.22
C GLU B 324 7.80 -3.66 -4.97
N ASP B 325 6.95 -4.08 -5.91
CA ASP B 325 5.51 -3.98 -5.68
C ASP B 325 5.06 -4.97 -4.62
N ALA B 326 5.67 -6.16 -4.59
CA ALA B 326 5.28 -7.14 -3.58
C ALA B 326 5.71 -6.71 -2.18
N VAL B 327 6.94 -6.18 -2.05
CA VAL B 327 7.39 -5.71 -0.75
C VAL B 327 6.49 -4.60 -0.24
N ARG B 328 6.11 -3.67 -1.13
CA ARG B 328 5.25 -2.57 -0.71
C ARG B 328 3.86 -3.07 -0.32
N ASP B 329 3.36 -4.08 -1.04
CA ASP B 329 2.11 -4.71 -0.61
C ASP B 329 2.27 -5.34 0.76
N PHE B 330 3.33 -6.15 0.93
CA PHE B 330 3.57 -6.83 2.20
C PHE B 330 3.66 -5.84 3.36
N ILE B 331 4.49 -4.82 3.22
CA ILE B 331 4.62 -3.81 4.27
C ILE B 331 3.28 -3.12 4.50
N GLY B 332 2.57 -2.79 3.41
CA GLY B 332 1.27 -2.15 3.54
C GLY B 332 0.31 -2.96 4.40
N ARG B 333 0.24 -4.27 4.15
CA ARG B 333 -0.63 -5.12 4.96
C ARG B 333 -0.18 -5.15 6.41
N LEU B 334 1.13 -5.01 6.64
CA LEU B 334 1.63 -5.00 8.01
C LEU B 334 1.31 -3.69 8.71
N LYS B 335 1.27 -2.57 7.97
CA LYS B 335 0.81 -1.32 8.55
C LYS B 335 -0.66 -1.41 8.95
N LYS B 336 -1.47 -2.07 8.12
CA LYS B 336 -2.88 -2.21 8.42
C LYS B 336 -3.10 -3.08 9.64
N ILE B 337 -2.32 -4.16 9.76
CA ILE B 337 -2.38 -4.98 10.96
C ILE B 337 -1.99 -4.15 12.18
N HIS B 338 -0.95 -3.31 12.04
CA HIS B 338 -0.53 -2.45 13.14
C HIS B 338 -1.64 -1.52 13.59
N GLU B 339 -2.41 -1.00 12.64
CA GLU B 339 -3.47 -0.04 12.96
C GLU B 339 -4.74 -0.72 13.47
N SER B 340 -4.95 -1.99 13.16
CA SER B 340 -6.21 -2.64 13.49
C SER B 340 -6.31 -3.05 14.96
N VAL B 341 -5.19 -3.13 15.68
CA VAL B 341 -5.19 -3.64 17.04
C VAL B 341 -4.64 -2.59 17.99
N ASP B 342 -5.26 -2.48 19.16
CA ASP B 342 -4.76 -1.56 20.18
C ASP B 342 -3.46 -2.09 20.78
N PHE B 343 -3.35 -3.40 20.96
CA PHE B 343 -2.17 -4.00 21.55
C PHE B 343 -1.02 -4.04 20.53
N GLN B 344 0.07 -4.73 20.88
CA GLN B 344 1.18 -4.93 19.95
C GLN B 344 1.05 -6.32 19.34
N PRO B 345 0.82 -6.41 18.03
CA PRO B 345 0.54 -7.72 17.43
C PRO B 345 1.81 -8.53 17.22
N VAL B 346 1.63 -9.85 17.26
CA VAL B 346 2.63 -10.81 16.80
C VAL B 346 2.10 -11.44 15.52
N VAL B 347 2.86 -11.31 14.44
CA VAL B 347 2.44 -11.79 13.12
C VAL B 347 3.35 -12.95 12.74
N PHE B 348 2.75 -14.15 12.66
CA PHE B 348 3.49 -15.36 12.32
C PHE B 348 3.28 -15.67 10.85
N VAL B 349 4.37 -15.68 10.09
CA VAL B 349 4.36 -15.99 8.66
C VAL B 349 5.11 -17.31 8.50
N VAL B 350 4.35 -18.39 8.32
CA VAL B 350 4.89 -19.75 8.29
C VAL B 350 4.48 -20.39 6.97
N LEU B 351 5.45 -20.98 6.28
CA LEU B 351 5.25 -21.60 4.98
C LEU B 351 6.48 -22.42 4.64
N ASP B 352 6.31 -23.35 3.71
CA ASP B 352 7.43 -24.13 3.22
C ASP B 352 8.48 -23.20 2.63
N GLY B 353 9.72 -23.37 3.09
CA GLY B 353 10.79 -22.47 2.71
C GLY B 353 11.54 -22.79 1.43
N GLU B 354 11.17 -23.84 0.70
CA GLU B 354 11.90 -24.25 -0.50
C GLU B 354 11.07 -24.27 -1.78
N ASN B 355 9.75 -24.38 -1.72
CA ASN B 355 8.97 -24.66 -2.91
C ASN B 355 8.50 -23.42 -3.66
N CYS B 356 8.47 -22.25 -3.04
CA CYS B 356 7.85 -21.12 -3.74
C CYS B 356 8.84 -20.33 -4.59
N TRP B 357 10.14 -20.50 -4.36
CA TRP B 357 11.11 -19.60 -4.98
C TRP B 357 11.37 -19.94 -6.45
N GLU B 358 11.19 -21.20 -6.83
CA GLU B 358 11.44 -21.57 -8.23
C GLU B 358 10.54 -20.80 -9.19
N TYR B 359 9.41 -20.27 -8.71
CA TYR B 359 8.48 -19.57 -9.58
C TYR B 359 8.67 -18.06 -9.56
N TYR B 360 9.57 -17.55 -8.74
CA TYR B 360 9.93 -16.15 -8.77
C TYR B 360 11.06 -15.92 -9.76
N GLU B 361 11.18 -14.69 -10.24
CA GLU B 361 12.32 -14.33 -11.06
C GLU B 361 13.58 -14.39 -10.21
N GLU B 362 14.62 -15.05 -10.73
CA GLU B 362 15.90 -15.19 -10.04
C GLU B 362 15.71 -15.85 -8.67
N ASN B 363 14.88 -16.90 -8.63
CA ASN B 363 14.66 -17.72 -7.43
C ASN B 363 14.27 -16.89 -6.21
N GLY B 364 13.46 -15.85 -6.38
CA GLY B 364 13.13 -14.98 -5.27
C GLY B 364 14.29 -14.22 -4.65
N ILE B 365 15.53 -14.38 -5.15
CA ILE B 365 16.63 -13.61 -4.61
C ILE B 365 16.34 -12.12 -4.64
N PRO B 366 15.81 -11.53 -5.72
CA PRO B 366 15.50 -10.09 -5.65
C PRO B 366 14.36 -9.77 -4.71
N PHE B 367 13.33 -10.61 -4.65
CA PHE B 367 12.22 -10.35 -3.73
C PHE B 367 12.68 -10.39 -2.29
N LEU B 368 13.40 -11.46 -1.91
CA LEU B 368 13.78 -11.63 -0.51
C LEU B 368 14.76 -10.56 -0.06
N GLU B 369 15.66 -10.15 -0.94
CA GLU B 369 16.64 -9.15 -0.55
C GLU B 369 15.99 -7.78 -0.37
N LYS B 370 14.91 -7.50 -1.12
CA LYS B 370 14.20 -6.24 -0.91
C LYS B 370 13.35 -6.29 0.36
N LEU B 371 12.70 -7.43 0.61
CA LEU B 371 11.89 -7.58 1.82
C LEU B 371 12.76 -7.47 3.06
N TYR B 372 13.81 -8.28 3.13
CA TYR B 372 14.71 -8.26 4.28
C TYR B 372 15.40 -6.91 4.46
N SER B 373 15.70 -6.21 3.36
CA SER B 373 16.33 -4.89 3.49
C SER B 373 15.33 -3.85 3.99
N THR B 374 14.12 -3.86 3.44
CA THR B 374 13.12 -2.88 3.86
C THR B 374 12.76 -3.07 5.33
N LEU B 375 12.58 -4.32 5.77
CA LEU B 375 12.31 -4.59 7.18
C LEU B 375 13.44 -4.10 8.08
N GLU B 376 14.68 -4.18 7.61
CA GLU B 376 15.83 -3.75 8.39
C GLU B 376 15.77 -2.27 8.72
N LYS B 377 15.05 -1.47 7.91
CA LYS B 377 15.01 -0.02 8.07
C LYS B 377 13.64 0.47 8.51
N GLU B 378 12.76 -0.43 8.95
CA GLU B 378 11.46 -0.06 9.51
C GLU B 378 11.48 -0.34 11.00
N GLU B 379 11.46 0.72 11.81
CA GLU B 379 11.54 0.57 13.25
C GLU B 379 10.22 0.10 13.85
N TRP B 380 9.12 0.29 13.15
CA TRP B 380 7.83 -0.17 13.65
C TRP B 380 7.62 -1.66 13.47
N ILE B 381 8.58 -2.39 12.88
CA ILE B 381 8.53 -3.84 12.79
C ILE B 381 9.75 -4.39 13.50
N GLU B 382 9.56 -5.46 14.27
CA GLU B 382 10.63 -6.09 15.05
C GLU B 382 10.56 -7.58 14.76
N THR B 383 11.40 -8.06 13.85
CA THR B 383 11.50 -9.50 13.61
C THR B 383 12.08 -10.18 14.84
N LEU B 384 11.55 -11.35 15.16
CA LEU B 384 11.90 -12.02 16.40
C LEU B 384 12.14 -13.51 16.16
N THR B 385 12.97 -14.08 17.03
CA THR B 385 13.16 -15.52 17.07
C THR B 385 11.99 -16.17 17.79
N LEU B 386 11.87 -17.48 17.60
CA LEU B 386 10.84 -18.23 18.31
C LEU B 386 11.03 -18.13 19.82
N GLU B 387 12.28 -18.06 20.27
CA GLU B 387 12.56 -17.87 21.69
C GLU B 387 12.13 -16.48 22.14
N GLU B 388 12.49 -15.45 21.36
CA GLU B 388 12.13 -14.08 21.73
C GLU B 388 10.62 -13.89 21.73
N ALA B 389 9.92 -14.55 20.81
CA ALA B 389 8.46 -14.51 20.85
C ALA B 389 7.91 -15.29 22.04
N MET B 390 8.67 -16.25 22.55
CA MET B 390 8.23 -17.01 23.70
C MET B 390 8.48 -16.28 25.00
N ARG B 391 9.44 -15.36 25.04
CA ARG B 391 9.75 -14.59 26.23
C ARG B 391 9.18 -13.18 26.20
N LYS B 392 8.53 -12.78 25.11
CA LYS B 392 8.10 -11.39 24.96
C LYS B 392 6.93 -11.07 25.88
N GLU B 393 7.06 -9.97 26.62
CA GLU B 393 6.04 -9.49 27.52
C GLU B 393 5.08 -8.48 26.89
N ASP B 394 5.49 -7.85 25.79
CA ASP B 394 4.65 -6.86 25.13
C ASP B 394 3.44 -7.47 24.43
N VAL B 395 3.44 -8.77 24.20
CA VAL B 395 2.40 -9.40 23.39
C VAL B 395 1.26 -9.84 24.28
N LYS B 396 0.06 -9.75 23.74
CA LYS B 396 -1.14 -10.13 24.48
C LYS B 396 -1.31 -11.65 24.43
N THR B 397 -1.80 -12.23 25.52
CA THR B 397 -1.86 -13.68 25.65
C THR B 397 -3.24 -14.11 26.13
N GLU B 398 -3.82 -15.09 25.43
CA GLU B 398 -5.11 -15.66 25.79
C GLU B 398 -4.96 -17.16 25.97
N VAL B 399 -5.69 -17.71 26.94
CA VAL B 399 -5.69 -19.15 27.20
C VAL B 399 -6.92 -19.78 26.58
N ILE B 400 -6.71 -20.85 25.82
CA ILE B 400 -7.77 -21.62 25.22
C ILE B 400 -7.62 -23.06 25.67
N GLU B 401 -8.73 -23.80 25.68
CA GLU B 401 -8.75 -25.12 26.28
C GLU B 401 -9.05 -26.26 25.30
N SER B 402 -9.18 -25.97 24.00
CA SER B 402 -9.51 -27.02 23.04
C SER B 402 -9.24 -26.53 21.63
N VAL B 403 -8.99 -27.48 20.72
CA VAL B 403 -8.86 -27.19 19.30
C VAL B 403 -9.63 -28.25 18.53
N LYS B 404 -10.16 -27.86 17.38
CA LYS B 404 -10.76 -28.83 16.47
C LYS B 404 -9.69 -29.33 15.52
N ALA B 405 -9.57 -30.65 15.42
CA ALA B 405 -8.50 -31.27 14.65
C ALA B 405 -8.60 -30.91 13.17
N GLY B 406 -7.49 -30.45 12.61
CA GLY B 406 -7.45 -30.08 11.21
C GLY B 406 -6.03 -29.89 10.75
N THR B 407 -5.90 -29.36 9.53
CA THR B 407 -4.61 -29.09 8.89
C THR B 407 -4.66 -27.71 8.26
N TRP B 408 -3.54 -27.27 7.67
CA TRP B 408 -3.59 -26.01 6.94
C TRP B 408 -4.17 -26.15 5.54
N PHE B 409 -4.60 -27.35 5.15
CA PHE B 409 -5.25 -27.61 3.87
C PHE B 409 -6.75 -27.78 4.10
N ASP B 410 -7.47 -26.65 4.07
CA ASP B 410 -8.93 -26.57 4.20
C ASP B 410 -9.41 -26.94 5.60
N GLY B 411 -8.52 -26.94 6.59
CA GLY B 411 -8.90 -27.29 7.94
C GLY B 411 -9.29 -28.74 8.14
N ASN B 412 -9.09 -29.61 7.15
CA ASN B 412 -9.51 -31.01 7.25
C ASN B 412 -8.38 -31.94 6.81
N PHE B 413 -8.64 -33.24 6.89
CA PHE B 413 -7.69 -34.26 6.51
C PHE B 413 -8.02 -34.92 5.18
N LEU B 414 -8.88 -34.30 4.37
CA LEU B 414 -9.29 -34.91 3.11
C LEU B 414 -8.17 -34.95 2.07
N LYS B 415 -7.12 -34.17 2.26
CA LYS B 415 -5.99 -34.25 1.35
C LYS B 415 -5.23 -35.56 1.51
N TRP B 416 -5.38 -36.25 2.64
CA TRP B 416 -4.66 -37.50 2.87
C TRP B 416 -5.55 -38.70 3.13
N ILE B 417 -6.83 -38.50 3.44
CA ILE B 417 -7.76 -39.59 3.71
C ILE B 417 -9.13 -39.17 3.20
N GLY B 418 -10.01 -40.16 2.98
CA GLY B 418 -11.39 -39.91 2.68
C GLY B 418 -11.85 -40.30 1.29
N ASN B 419 -10.94 -40.50 0.35
CA ASN B 419 -11.31 -41.03 -0.96
C ASN B 419 -10.80 -42.46 -1.09
N LYS B 420 -11.35 -43.19 -2.05
CA LYS B 420 -11.01 -44.60 -2.17
C LYS B 420 -9.52 -44.80 -2.40
N GLU B 421 -8.90 -43.96 -3.24
CA GLU B 421 -7.49 -44.15 -3.56
C GLU B 421 -6.60 -43.85 -2.37
N LYS B 422 -6.87 -42.74 -1.66
CA LYS B 422 -6.14 -42.46 -0.43
C LYS B 422 -6.42 -43.50 0.65
N ASN B 423 -7.64 -44.06 0.69
CA ASN B 423 -7.95 -45.03 1.74
C ASN B 423 -7.27 -46.37 1.50
N GLU B 424 -6.93 -46.69 0.24
CA GLU B 424 -6.18 -47.92 -0.03
C GLU B 424 -4.81 -47.89 0.61
N TYR B 425 -4.12 -46.74 0.56
CA TYR B 425 -2.82 -46.61 1.20
C TYR B 425 -2.91 -46.82 2.71
N TRP B 426 -4.01 -46.35 3.32
CA TRP B 426 -4.19 -46.54 4.76
C TRP B 426 -4.46 -47.99 5.08
N LYS B 427 -5.29 -48.66 4.27
CA LYS B 427 -5.53 -50.08 4.49
C LYS B 427 -4.23 -50.88 4.41
N ILE B 428 -3.35 -50.53 3.46
CA ILE B 428 -2.07 -51.22 3.35
C ILE B 428 -1.24 -51.01 4.61
N LEU B 429 -1.18 -49.76 5.09
CA LEU B 429 -0.40 -49.48 6.30
C LEU B 429 -0.99 -50.17 7.52
N ILE B 430 -2.32 -50.25 7.61
CA ILE B 430 -2.94 -50.94 8.73
C ILE B 430 -2.52 -52.40 8.76
N GLU B 431 -2.57 -53.06 7.60
CA GLU B 431 -2.13 -54.46 7.52
C GLU B 431 -0.63 -54.58 7.79
N ALA B 432 0.15 -53.63 7.29
CA ALA B 432 1.61 -53.69 7.50
C ALA B 432 1.96 -53.52 8.96
N LYS B 433 1.29 -52.57 9.64
CA LYS B 433 1.51 -52.37 11.07
C LYS B 433 1.29 -53.66 11.85
N LYS B 434 0.33 -54.48 11.41
CA LYS B 434 0.06 -55.74 12.08
C LYS B 434 1.28 -56.64 12.11
N LYS B 435 1.99 -56.74 11.00
CA LYS B 435 3.13 -57.65 10.88
C LYS B 435 4.46 -56.92 10.70
N ALA B 436 4.53 -55.65 11.11
CA ALA B 436 5.75 -54.89 10.93
C ALA B 436 6.76 -55.24 12.00
N LYS B 437 7.99 -55.54 11.58
CA LYS B 437 9.05 -55.92 12.50
C LYS B 437 10.24 -54.97 12.51
N ASN B 438 10.20 -53.89 11.74
CA ASN B 438 11.25 -52.88 11.78
C ASN B 438 10.62 -51.50 11.75
N ASP B 439 11.47 -50.48 11.76
CA ASP B 439 11.03 -49.10 11.86
C ASP B 439 10.80 -48.43 10.51
N TYR B 440 10.94 -49.17 9.40
CA TYR B 440 10.51 -48.62 8.12
C TYR B 440 9.00 -48.44 8.07
N ILE B 441 8.27 -49.01 9.04
CA ILE B 441 6.86 -48.72 9.16
C ILE B 441 6.65 -47.23 9.42
N LEU B 442 7.58 -46.59 10.14
CA LEU B 442 7.47 -45.15 10.38
C LEU B 442 7.72 -44.35 9.12
N VAL B 443 8.57 -44.85 8.23
CA VAL B 443 8.78 -44.17 6.95
C VAL B 443 7.53 -44.22 6.10
N ALA B 444 6.80 -45.34 6.16
CA ALA B 444 5.55 -45.45 5.40
C ALA B 444 4.42 -44.63 6.02
N GLU B 445 4.61 -44.11 7.24
CA GLU B 445 3.62 -43.21 7.84
C GLU B 445 3.76 -41.78 7.34
N GLY B 446 4.48 -41.55 6.26
CA GLY B 446 4.73 -40.19 5.86
C GLY B 446 3.49 -39.57 5.29
N SER B 447 3.37 -38.26 5.45
CA SER B 447 2.24 -37.57 4.87
C SER B 447 2.39 -37.46 3.37
N ASP B 448 3.61 -37.55 2.87
CA ASP B 448 3.80 -37.30 1.44
C ASP B 448 3.25 -38.44 0.58
N TRP B 449 3.23 -39.68 1.09
CA TRP B 449 2.72 -40.79 0.29
C TRP B 449 1.23 -40.64 0.00
N PHE B 450 0.48 -40.16 0.99
CA PHE B 450 -0.97 -40.04 0.82
C PHE B 450 -1.35 -38.80 0.04
N TRP B 451 -0.51 -37.76 0.06
CA TRP B 451 -0.81 -36.53 -0.64
C TRP B 451 -0.82 -36.76 -2.16
N TRP B 452 0.18 -37.48 -2.66
CA TRP B 452 0.36 -37.69 -4.10
C TRP B 452 -0.49 -38.81 -4.65
N GLN B 453 -1.18 -39.56 -3.81
CA GLN B 453 -1.89 -40.76 -4.24
C GLN B 453 -3.34 -40.39 -4.56
N GLY B 454 -3.77 -40.74 -5.77
CA GLY B 454 -5.17 -40.56 -6.13
C GLY B 454 -5.60 -39.15 -6.40
N GLU B 455 -4.71 -38.17 -6.34
CA GLU B 455 -5.08 -36.80 -6.66
C GLU B 455 -5.42 -36.66 -8.15
N GLU B 456 -4.44 -36.24 -8.95
CA GLU B 456 -4.62 -36.09 -10.39
C GLU B 456 -3.35 -36.55 -11.08
N LYS B 457 -3.51 -37.13 -12.27
CA LYS B 457 -2.41 -37.75 -12.98
C LYS B 457 -1.40 -36.69 -13.40
N ALA B 458 -0.22 -36.72 -12.78
CA ALA B 458 0.88 -35.82 -13.05
C ALA B 458 2.16 -36.63 -13.01
N PRO B 459 3.23 -36.16 -13.63
CA PRO B 459 4.45 -36.97 -13.73
C PRO B 459 5.12 -37.16 -12.37
N PHE B 460 6.00 -38.16 -12.34
CA PHE B 460 6.86 -38.54 -11.23
C PHE B 460 6.07 -39.01 -10.01
N VAL B 461 4.74 -39.07 -10.09
CA VAL B 461 3.95 -39.54 -8.96
C VAL B 461 4.15 -41.04 -8.75
N GLU B 462 4.41 -41.79 -9.83
CA GLU B 462 4.54 -43.23 -9.71
C GLU B 462 5.70 -43.62 -8.82
N VAL B 463 6.74 -42.80 -8.76
CA VAL B 463 7.89 -43.13 -7.92
C VAL B 463 7.49 -43.15 -6.46
N PHE B 464 6.63 -42.21 -6.05
CA PHE B 464 6.21 -42.16 -4.66
C PHE B 464 5.49 -43.44 -4.28
N ASP B 465 4.69 -43.98 -5.19
CA ASP B 465 4.06 -45.26 -4.94
C ASP B 465 5.10 -46.37 -4.79
N LYS B 466 6.07 -46.42 -5.72
CA LYS B 466 7.12 -47.43 -5.64
C LYS B 466 7.91 -47.31 -4.33
N LEU B 467 8.14 -46.07 -3.87
CA LEU B 467 8.84 -45.91 -2.61
C LEU B 467 7.97 -46.31 -1.43
N PHE B 468 6.71 -45.85 -1.41
CA PHE B 468 5.81 -46.21 -0.32
C PHE B 468 5.61 -47.72 -0.27
N ARG B 469 5.48 -48.37 -1.42
CA ARG B 469 5.30 -49.81 -1.43
C ARG B 469 6.58 -50.55 -1.08
N SER B 470 7.74 -49.93 -1.30
CA SER B 470 8.98 -50.56 -0.88
C SER B 470 9.10 -50.53 0.64
N PHE B 471 8.83 -49.37 1.25
CA PHE B 471 8.95 -49.28 2.70
C PHE B 471 7.98 -50.23 3.40
N VAL B 472 6.76 -50.37 2.89
CA VAL B 472 5.82 -51.23 3.58
C VAL B 472 6.25 -52.69 3.50
N ARG B 473 6.84 -53.10 2.37
CA ARG B 473 7.32 -54.48 2.26
C ARG B 473 8.51 -54.71 3.16
N ARG B 474 9.42 -53.73 3.24
CA ARG B 474 10.58 -53.82 4.09
C ARG B 474 10.22 -53.82 5.57
N ALA B 475 9.04 -53.30 5.93
CA ALA B 475 8.65 -53.28 7.33
C ALA B 475 8.32 -54.66 7.86
N GLN B 476 7.76 -55.53 7.03
CA GLN B 476 7.27 -56.85 7.44
C GLN B 476 8.32 -57.94 7.35
N GLU B 477 9.58 -57.61 7.10
CA GLU B 477 10.64 -58.61 7.07
C GLU B 477 11.63 -58.42 8.23
N MET C 1 -13.62 13.46 26.18
CA MET C 1 -12.87 13.72 24.95
C MET C 1 -12.96 15.14 24.46
N LYS C 2 -11.83 15.84 24.51
CA LYS C 2 -11.74 17.13 23.87
C LYS C 2 -11.83 16.93 22.36
N LYS C 3 -12.61 17.77 21.70
CA LYS C 3 -12.92 17.60 20.29
C LYS C 3 -12.31 18.75 19.52
N LEU C 4 -11.34 18.44 18.67
CA LEU C 4 -10.88 19.42 17.68
C LEU C 4 -11.97 19.60 16.63
N PHE C 5 -12.28 20.86 16.32
CA PHE C 5 -13.34 21.20 15.38
C PHE C 5 -12.69 21.59 14.05
N LEU C 6 -12.86 20.75 13.04
CA LEU C 6 -12.27 20.97 11.73
C LEU C 6 -13.37 21.47 10.78
N VAL C 7 -13.13 22.62 10.17
CA VAL C 7 -14.05 23.23 9.22
C VAL C 7 -13.36 23.31 7.87
N PHE C 8 -13.86 22.54 6.90
CA PHE C 8 -13.37 22.58 5.52
C PHE C 8 -14.20 23.59 4.73
N TRP C 9 -13.53 24.51 4.05
CA TRP C 9 -14.20 25.56 3.28
C TRP C 9 -13.52 25.66 1.91
N TRP C 10 -14.10 24.99 0.91
CA TRP C 10 -13.55 25.00 -0.44
C TRP C 10 -14.08 26.19 -1.22
N HIS C 11 -13.18 26.98 -1.79
CA HIS C 11 -13.54 28.22 -2.48
C HIS C 11 -13.51 28.00 -3.99
N MET C 12 -14.63 28.29 -4.65
CA MET C 12 -14.79 28.03 -6.08
C MET C 12 -15.07 29.34 -6.82
N HIS C 13 -14.24 29.65 -7.81
CA HIS C 13 -14.37 30.91 -8.52
C HIS C 13 -13.71 30.82 -9.88
N GLN C 14 -14.32 31.48 -10.87
CA GLN C 14 -13.80 31.61 -12.21
C GLN C 14 -14.11 33.02 -12.70
N PRO C 15 -13.18 33.68 -13.38
CA PRO C 15 -13.46 35.02 -13.91
C PRO C 15 -14.47 34.93 -15.04
N LEU C 16 -14.89 36.09 -15.50
CA LEU C 16 -15.87 36.16 -16.58
C LEU C 16 -15.12 36.01 -17.90
N TYR C 17 -15.11 34.78 -18.42
CA TYR C 17 -14.39 34.48 -19.66
C TYR C 17 -15.19 34.84 -20.91
N ARG C 18 -16.41 35.36 -20.77
CA ARG C 18 -17.28 35.65 -21.90
C ARG C 18 -17.04 37.08 -22.38
N GLU C 19 -16.50 37.21 -23.60
CA GLU C 19 -16.27 38.53 -24.17
C GLU C 19 -17.60 39.28 -24.29
N PRO C 20 -17.64 40.58 -23.99
CA PRO C 20 -18.92 41.31 -24.02
C PRO C 20 -19.49 41.53 -25.41
N TYR C 21 -18.66 41.92 -26.38
CA TYR C 21 -19.17 42.23 -27.73
C TYR C 21 -19.50 40.95 -28.51
N THR C 22 -18.48 40.10 -28.73
CA THR C 22 -18.70 38.87 -29.53
C THR C 22 -19.62 37.90 -28.81
N GLY C 23 -19.50 37.78 -27.49
CA GLY C 23 -20.25 36.80 -26.74
C GLY C 23 -19.56 35.47 -26.57
N GLU C 24 -18.42 35.25 -27.23
CA GLU C 24 -17.73 33.97 -27.11
C GLU C 24 -17.04 33.84 -25.76
N TYR C 25 -16.85 32.60 -25.33
CA TYR C 25 -16.04 32.25 -24.17
C TYR C 25 -14.64 31.94 -24.67
N LEU C 26 -13.72 32.89 -24.49
CA LEU C 26 -12.37 32.76 -25.03
C LEU C 26 -11.52 31.76 -24.26
N LEU C 27 -11.97 31.28 -23.11
CA LEU C 27 -11.25 30.26 -22.36
C LEU C 27 -12.24 29.22 -21.86
N PRO C 28 -11.85 27.94 -21.83
CA PRO C 28 -12.78 26.87 -21.42
C PRO C 28 -12.70 26.47 -19.95
N TRP C 29 -12.01 27.23 -19.11
CA TRP C 29 -11.71 26.78 -17.75
C TRP C 29 -12.97 26.56 -16.92
N THR C 30 -14.02 27.34 -17.18
CA THR C 30 -15.28 27.14 -16.48
C THR C 30 -15.87 25.77 -16.80
N PHE C 31 -15.86 25.38 -18.08
CA PHE C 31 -16.41 24.07 -18.46
C PHE C 31 -15.60 22.94 -17.82
N PHE C 32 -14.27 22.97 -17.96
CA PHE C 32 -13.43 21.86 -17.54
C PHE C 32 -13.43 21.69 -16.02
N HIS C 33 -13.29 22.79 -15.27
CA HIS C 33 -13.31 22.69 -13.82
C HIS C 33 -14.70 22.36 -13.30
N ALA C 34 -15.75 22.66 -14.07
CA ALA C 34 -17.09 22.22 -13.68
C ALA C 34 -17.25 20.71 -13.81
N VAL C 35 -16.78 20.14 -14.93
CA VAL C 35 -16.93 18.71 -15.12
C VAL C 35 -15.99 17.93 -14.19
N LYS C 36 -14.89 18.56 -13.76
CA LYS C 36 -13.92 17.86 -12.95
C LYS C 36 -14.16 18.03 -11.45
N ASP C 37 -14.54 19.22 -10.99
CA ASP C 37 -14.52 19.47 -9.55
C ASP C 37 -15.79 20.12 -9.00
N TYR C 38 -16.46 20.96 -9.79
CA TYR C 38 -17.57 21.75 -9.23
C TYR C 38 -18.74 20.87 -8.82
N TYR C 39 -19.00 19.79 -9.55
CA TYR C 39 -20.06 18.89 -9.09
C TYR C 39 -19.50 17.85 -8.12
N ASP C 40 -18.31 17.34 -8.37
CA ASP C 40 -17.84 16.16 -7.65
C ASP C 40 -17.37 16.50 -6.24
N MET C 41 -16.76 17.68 -6.06
CA MET C 41 -16.27 18.05 -4.73
C MET C 41 -17.38 18.08 -3.69
N PRO C 42 -18.56 18.67 -3.93
CA PRO C 42 -19.66 18.50 -2.98
C PRO C 42 -20.31 17.13 -3.05
N ALA C 43 -20.13 16.40 -4.14
CA ALA C 43 -20.73 15.07 -4.25
C ALA C 43 -20.10 14.07 -3.29
N TYR C 44 -18.88 14.34 -2.80
CA TYR C 44 -18.28 13.46 -1.80
C TYR C 44 -19.17 13.35 -0.57
N LEU C 45 -19.97 14.38 -0.30
CA LEU C 45 -20.82 14.41 0.90
C LEU C 45 -21.89 13.32 0.88
N LYS C 46 -22.29 12.85 -0.30
CA LYS C 46 -23.22 11.74 -0.37
C LYS C 46 -22.57 10.40 -0.05
N ASP C 47 -21.26 10.28 -0.21
CA ASP C 47 -20.55 9.01 -0.06
C ASP C 47 -19.71 8.93 1.21
N PHE C 48 -19.59 10.02 1.97
CA PHE C 48 -18.87 10.04 3.23
C PHE C 48 -19.70 10.83 4.24
N GLU C 49 -19.55 10.47 5.52
CA GLU C 49 -20.37 11.07 6.57
C GLU C 49 -19.53 12.09 7.36
N ILE C 50 -19.25 13.21 6.71
CA ILE C 50 -18.57 14.35 7.31
C ILE C 50 -19.29 15.62 6.89
N LYS C 51 -18.73 16.77 7.29
CA LYS C 51 -19.27 18.06 6.90
C LYS C 51 -18.24 18.76 6.01
N LEU C 52 -18.72 19.34 4.92
CA LEU C 52 -17.87 20.14 4.05
C LEU C 52 -18.63 21.39 3.64
N ASN C 53 -17.98 22.54 3.69
CA ASN C 53 -18.59 23.80 3.31
C ASN C 53 -17.96 24.34 2.03
N PHE C 54 -18.73 25.14 1.30
CA PHE C 54 -18.32 25.58 -0.03
C PHE C 54 -18.63 27.06 -0.24
N ASN C 55 -17.80 27.69 -1.07
CA ASN C 55 -18.00 29.06 -1.47
C ASN C 55 -18.11 29.13 -2.99
N LEU C 56 -19.18 29.77 -3.48
CA LEU C 56 -19.42 29.91 -4.91
C LEU C 56 -19.48 31.40 -5.24
N THR C 57 -18.60 31.84 -6.15
CA THR C 57 -18.68 33.23 -6.55
C THR C 57 -19.84 33.44 -7.51
N PRO C 58 -20.54 34.57 -7.42
CA PRO C 58 -21.68 34.80 -8.32
C PRO C 58 -21.33 34.74 -9.80
N VAL C 59 -20.14 35.22 -10.18
CA VAL C 59 -19.74 35.18 -11.58
C VAL C 59 -19.65 33.74 -12.07
N LEU C 60 -19.14 32.84 -11.23
CA LEU C 60 -19.07 31.43 -11.60
C LEU C 60 -20.47 30.83 -11.72
N ILE C 61 -21.38 31.26 -10.86
CA ILE C 61 -22.76 30.77 -10.91
C ILE C 61 -23.44 31.17 -12.21
N ASP C 62 -23.13 32.38 -12.70
CA ASP C 62 -23.70 32.83 -13.97
C ASP C 62 -23.25 31.94 -15.13
N GLN C 63 -21.95 31.62 -15.16
CA GLN C 63 -21.40 30.91 -16.32
C GLN C 63 -21.89 29.48 -16.37
N ILE C 64 -22.00 28.82 -15.21
CA ILE C 64 -22.56 27.47 -15.18
C ILE C 64 -24.00 27.49 -15.65
N GLN C 65 -24.75 28.52 -15.25
CA GLN C 65 -26.14 28.64 -15.68
C GLN C 65 -26.23 28.82 -17.19
N GLU C 66 -25.37 29.67 -17.75
CA GLU C 66 -25.33 29.82 -19.21
C GLU C 66 -24.84 28.54 -19.88
N TYR C 67 -23.80 27.91 -19.32
CA TYR C 67 -23.31 26.66 -19.88
C TYR C 67 -24.40 25.58 -19.85
N ALA C 68 -25.16 25.51 -18.76
CA ALA C 68 -26.22 24.51 -18.63
C ALA C 68 -27.45 24.85 -19.46
N GLN C 69 -27.67 26.14 -19.74
CA GLN C 69 -28.76 26.58 -20.58
C GLN C 69 -28.43 26.51 -22.07
N GLY C 70 -27.24 26.06 -22.45
CA GLY C 70 -26.88 25.91 -23.84
C GLY C 70 -26.52 27.20 -24.56
N LYS C 71 -26.49 28.33 -23.86
CA LYS C 71 -26.25 29.63 -24.46
C LYS C 71 -24.81 30.10 -24.32
N ALA C 72 -23.87 29.18 -24.07
CA ALA C 72 -22.46 29.52 -23.91
C ALA C 72 -21.70 29.13 -25.17
N LYS C 73 -21.00 30.11 -25.76
CA LYS C 73 -20.29 29.89 -27.03
C LYS C 73 -18.81 29.70 -26.77
N ASP C 74 -18.47 28.52 -26.26
CA ASP C 74 -17.08 28.19 -25.97
C ASP C 74 -16.36 27.86 -27.28
N VAL C 75 -15.35 28.66 -27.61
CA VAL C 75 -14.65 28.51 -28.89
C VAL C 75 -13.88 27.20 -28.93
N PHE C 76 -13.15 26.90 -27.84
CA PHE C 76 -12.33 25.69 -27.80
C PHE C 76 -13.20 24.43 -27.74
N LEU C 77 -14.39 24.53 -27.14
CA LEU C 77 -15.28 23.37 -27.06
C LEU C 77 -15.82 22.99 -28.43
N GLU C 78 -16.13 23.98 -29.28
CA GLU C 78 -16.52 23.66 -30.64
C GLU C 78 -15.38 23.00 -31.40
N ALA C 79 -14.14 23.37 -31.10
CA ALA C 79 -12.99 22.69 -31.72
C ALA C 79 -12.92 21.23 -31.27
N ILE C 80 -13.30 20.96 -30.02
CA ILE C 80 -13.44 19.59 -29.58
C ILE C 80 -14.65 18.94 -30.24
N ARG C 81 -15.77 19.66 -30.29
CA ARG C 81 -17.02 19.06 -30.74
C ARG C 81 -16.95 18.66 -32.21
N LYS C 82 -16.48 19.54 -33.07
CA LYS C 82 -16.57 19.33 -34.51
C LYS C 82 -15.69 18.16 -34.95
N ASP C 83 -16.15 17.48 -35.99
CA ASP C 83 -15.32 16.49 -36.66
C ASP C 83 -14.08 17.17 -37.23
N PRO C 84 -12.89 16.56 -37.10
CA PRO C 84 -11.66 17.27 -37.49
C PRO C 84 -11.60 17.61 -38.96
N ASP C 85 -12.42 16.96 -39.79
CA ASP C 85 -12.46 17.32 -41.21
C ASP C 85 -13.05 18.70 -41.42
N ASP C 86 -13.91 19.14 -40.50
CA ASP C 86 -14.49 20.47 -40.53
C ASP C 86 -13.71 21.47 -39.68
N LEU C 87 -12.55 21.06 -39.15
CA LEU C 87 -11.78 21.89 -38.23
C LEU C 87 -10.88 22.85 -39.00
N GLU C 88 -10.93 24.12 -38.61
CA GLU C 88 -10.00 25.08 -39.17
C GLU C 88 -8.61 24.88 -38.58
N LYS C 89 -7.58 25.27 -39.34
CA LYS C 89 -6.20 25.07 -38.89
C LYS C 89 -5.94 25.80 -37.58
N GLU C 90 -6.54 26.99 -37.40
CA GLU C 90 -6.45 27.67 -36.11
C GLU C 90 -6.96 26.79 -34.98
N GLU C 91 -8.09 26.10 -35.21
CA GLU C 91 -8.63 25.20 -34.19
C GLU C 91 -7.67 24.07 -33.87
N VAL C 92 -6.96 23.57 -34.89
CA VAL C 92 -5.95 22.54 -34.67
C VAL C 92 -4.87 23.05 -33.71
N GLU C 93 -4.36 24.25 -33.97
CA GLU C 93 -3.28 24.80 -33.14
C GLU C 93 -3.75 25.03 -31.70
N LYS C 94 -5.01 25.46 -31.52
CA LYS C 94 -5.56 25.56 -30.17
C LYS C 94 -5.53 24.21 -29.46
N LEU C 95 -5.89 23.14 -30.18
CA LEU C 95 -5.94 21.81 -29.59
C LEU C 95 -4.55 21.32 -29.19
N ILE C 96 -3.56 21.54 -30.05
CA ILE C 96 -2.17 21.17 -29.75
C ILE C 96 -1.65 21.99 -28.58
N GLU C 97 -1.88 23.31 -28.61
CA GLU C 97 -1.35 24.18 -27.56
C GLU C 97 -1.97 23.86 -26.21
N PHE C 98 -3.27 23.54 -26.18
CA PHE C 98 -3.91 23.17 -24.93
C PHE C 98 -3.32 21.90 -24.37
N THR C 99 -2.94 20.97 -25.24
CA THR C 99 -2.35 19.72 -24.79
C THR C 99 -0.94 19.93 -24.26
N LYS C 100 -0.18 20.86 -24.87
CA LYS C 100 1.15 21.14 -24.36
C LYS C 100 1.10 21.81 -23.00
N LEU C 101 0.10 22.65 -22.76
CA LEU C 101 -0.04 23.32 -21.47
C LEU C 101 -0.30 22.31 -20.35
N ASN C 102 -1.22 21.38 -20.56
CA ASN C 102 -1.61 20.39 -19.57
C ASN C 102 -0.89 19.06 -19.74
N TYR C 103 0.19 19.03 -20.52
CA TYR C 103 0.85 17.77 -20.88
C TYR C 103 1.41 17.07 -19.66
N GLU C 104 2.28 17.76 -18.92
CA GLU C 104 2.97 17.15 -17.77
C GLU C 104 2.08 17.04 -16.54
N LYS C 105 0.78 17.26 -16.67
CA LYS C 105 -0.12 17.11 -15.54
C LYS C 105 -0.51 15.64 -15.40
N PRO C 106 -0.62 15.13 -14.18
CA PRO C 106 -0.90 13.70 -13.99
C PRO C 106 -2.21 13.25 -14.60
N ILE C 107 -3.21 14.13 -14.69
CA ILE C 107 -4.49 13.77 -15.28
C ILE C 107 -4.40 13.57 -16.79
N TYR C 108 -3.31 14.03 -17.42
CA TYR C 108 -3.10 13.86 -18.87
C TYR C 108 -2.14 12.71 -19.16
N ARG C 109 -2.06 11.73 -18.26
CA ARG C 109 -1.15 10.59 -18.44
C ARG C 109 -1.82 9.50 -19.26
N PHE C 110 -2.16 9.84 -20.50
CA PHE C 110 -2.67 8.89 -21.48
C PHE C 110 -1.58 8.63 -22.52
N GLU C 111 -1.32 7.34 -22.78
CA GLU C 111 -0.25 6.97 -23.70
C GLU C 111 -0.51 7.50 -25.09
N ARG C 112 -1.76 7.41 -25.56
CA ARG C 112 -2.11 7.94 -26.88
C ARG C 112 -1.76 9.43 -26.99
N ILE C 113 -2.00 10.20 -25.93
CA ILE C 113 -1.63 11.61 -25.95
C ILE C 113 -0.13 11.76 -26.13
N ARG C 114 0.64 10.93 -25.43
CA ARG C 114 2.10 10.92 -25.60
C ARG C 114 2.47 10.67 -27.06
N GLU C 115 1.96 9.58 -27.63
CA GLU C 115 2.29 9.24 -29.01
C GLU C 115 1.78 10.29 -29.99
N LEU C 116 0.57 10.79 -29.76
CA LEU C 116 -0.01 11.75 -30.69
C LEU C 116 0.82 13.01 -30.79
N MET C 117 1.41 13.45 -29.66
CA MET C 117 2.20 14.68 -29.67
C MET C 117 3.48 14.51 -30.48
N ASN C 118 4.04 13.30 -30.52
CA ASN C 118 5.28 13.06 -31.25
C ASN C 118 5.06 13.01 -32.76
N LYS C 119 3.83 12.79 -33.21
CA LYS C 119 3.56 12.75 -34.63
C LYS C 119 3.58 14.17 -35.21
N GLU C 120 4.37 14.37 -36.26
CA GLU C 120 4.47 15.67 -36.89
C GLU C 120 3.15 16.07 -37.54
N LYS C 121 2.44 15.10 -38.12
CA LYS C 121 1.16 15.33 -38.76
C LYS C 121 0.11 14.41 -38.16
N LEU C 122 -1.13 14.87 -38.12
CA LEU C 122 -2.21 14.14 -37.45
C LEU C 122 -3.40 14.00 -38.38
N ASN C 123 -3.88 12.77 -38.55
CA ASN C 123 -5.01 12.52 -39.43
C ASN C 123 -6.32 12.77 -38.69
N ARG C 124 -7.43 12.47 -39.36
CA ARG C 124 -8.74 12.62 -38.73
C ARG C 124 -8.89 11.68 -37.54
N GLU C 125 -8.33 10.48 -37.64
CA GLU C 125 -8.43 9.51 -36.54
C GLU C 125 -7.75 10.04 -35.29
N GLU C 126 -6.48 10.44 -35.43
CA GLU C 126 -5.71 10.92 -34.27
C GLU C 126 -6.30 12.21 -33.72
N LEU C 127 -6.77 13.10 -34.60
CA LEU C 127 -7.38 14.34 -34.14
C LEU C 127 -8.61 14.05 -33.29
N LEU C 128 -9.48 13.13 -33.74
CA LEU C 128 -10.62 12.70 -32.93
C LEU C 128 -10.17 12.28 -31.53
N ASP C 129 -9.14 11.44 -31.45
CA ASP C 129 -8.67 10.94 -30.16
C ASP C 129 -8.08 12.06 -29.31
N LEU C 130 -7.31 12.97 -29.92
CA LEU C 130 -6.78 14.10 -29.15
C LEU C 130 -7.90 14.95 -28.61
N GLN C 131 -8.94 15.20 -29.42
CA GLN C 131 -10.12 15.93 -28.94
C GLN C 131 -10.74 15.22 -27.74
N THR C 132 -11.05 13.93 -27.89
CA THR C 132 -11.79 13.20 -26.88
C THR C 132 -10.95 12.95 -25.63
N LEU C 133 -9.65 12.70 -25.81
CA LEU C 133 -8.80 12.44 -24.66
C LEU C 133 -8.59 13.70 -23.83
N ASN C 134 -8.45 14.84 -24.50
CA ASN C 134 -8.43 16.10 -23.76
C ASN C 134 -9.69 16.26 -22.93
N LEU C 135 -10.82 15.78 -23.44
CA LEU C 135 -12.06 15.84 -22.68
C LEU C 135 -12.02 14.90 -21.48
N LEU C 136 -11.49 13.71 -21.68
CA LEU C 136 -11.56 12.67 -20.64
C LEU C 136 -10.54 12.91 -19.53
N ALA C 137 -9.51 13.71 -19.78
CA ALA C 137 -8.52 13.95 -18.74
C ALA C 137 -9.11 14.78 -17.59
N TRP C 138 -10.17 15.54 -17.88
CA TRP C 138 -10.87 16.34 -16.88
C TRP C 138 -12.08 15.62 -16.32
N CYS C 139 -12.09 14.29 -16.38
CA CYS C 139 -13.24 13.53 -15.91
C CYS C 139 -13.32 13.54 -14.38
N GLY C 140 -14.48 13.93 -13.86
CA GLY C 140 -14.68 13.94 -12.42
C GLY C 140 -15.02 12.58 -11.86
N ARG C 141 -14.96 12.50 -10.52
CA ARG C 141 -15.03 11.20 -9.84
C ARG C 141 -16.27 10.41 -10.23
N THR C 142 -17.43 11.07 -10.26
CA THR C 142 -18.67 10.39 -10.61
C THR C 142 -18.58 9.76 -11.99
N LEU C 143 -18.13 10.53 -12.98
CA LEU C 143 -18.18 10.05 -14.35
C LEU C 143 -17.06 9.08 -14.69
N ARG C 144 -15.97 9.05 -13.90
CA ARG C 144 -14.97 8.01 -14.12
C ARG C 144 -15.55 6.62 -13.88
N LYS C 145 -16.52 6.51 -12.98
CA LYS C 145 -17.16 5.22 -12.74
C LYS C 145 -18.12 4.86 -13.87
N ASP C 146 -18.82 5.85 -14.42
CA ASP C 146 -19.82 5.59 -15.44
C ASP C 146 -19.21 5.46 -16.83
N LEU C 147 -18.04 6.05 -17.06
CA LEU C 147 -17.35 5.97 -18.34
C LEU C 147 -16.01 5.27 -18.21
N LYS C 148 -15.98 4.20 -17.42
CA LYS C 148 -14.77 3.40 -17.32
C LYS C 148 -14.45 2.70 -18.64
N ASP C 149 -15.48 2.34 -19.41
CA ASP C 149 -15.26 1.68 -20.69
C ASP C 149 -14.43 2.56 -21.63
N LEU C 150 -14.97 3.74 -21.98
CA LEU C 150 -14.25 4.63 -22.88
C LEU C 150 -12.91 5.05 -22.31
N LEU C 151 -12.80 5.17 -20.99
CA LEU C 151 -11.56 5.61 -20.37
C LEU C 151 -10.43 4.61 -20.58
N ASN C 152 -10.71 3.32 -20.35
CA ASN C 152 -9.69 2.30 -20.48
C ASN C 152 -9.37 1.96 -21.93
N LYS C 153 -10.29 2.24 -22.86
CA LYS C 153 -10.01 2.09 -24.28
C LYS C 153 -8.72 2.83 -24.66
N GLY C 154 -8.64 4.12 -24.32
CA GLY C 154 -7.43 4.91 -24.51
C GLY C 154 -7.18 5.44 -25.90
N ARG C 155 -7.76 4.83 -26.93
CA ARG C 155 -7.47 5.23 -28.30
C ARG C 155 -8.64 4.83 -29.20
N ASN C 156 -8.56 5.24 -30.46
CA ASN C 156 -9.52 4.85 -31.50
C ASN C 156 -10.94 5.24 -31.14
N TYR C 157 -11.11 6.46 -30.63
CA TYR C 157 -12.44 6.95 -30.29
C TYR C 157 -13.17 7.36 -31.58
N THR C 158 -14.43 7.75 -31.42
CA THR C 158 -15.28 8.12 -32.55
C THR C 158 -15.95 9.46 -32.25
N GLN C 159 -16.57 10.03 -33.29
CA GLN C 159 -17.38 11.23 -33.09
C GLN C 159 -18.56 10.94 -32.18
N GLU C 160 -19.19 9.77 -32.36
CA GLU C 160 -20.36 9.41 -31.57
C GLU C 160 -20.00 9.16 -30.10
N GLU C 161 -18.87 8.50 -29.85
CA GLU C 161 -18.41 8.31 -28.48
C GLU C 161 -18.08 9.65 -27.82
N LYS C 162 -17.33 10.51 -28.52
CA LYS C 162 -16.99 11.82 -27.99
C LYS C 162 -18.25 12.62 -27.64
N GLU C 163 -19.26 12.57 -28.51
CA GLU C 163 -20.48 13.31 -28.25
C GLU C 163 -21.26 12.76 -27.07
N TYR C 164 -21.18 11.44 -26.84
CA TYR C 164 -21.76 10.84 -25.65
C TYR C 164 -21.11 11.39 -24.39
N VAL C 165 -19.77 11.39 -24.34
CA VAL C 165 -19.03 11.99 -23.23
C VAL C 165 -19.46 13.44 -23.03
N LEU C 166 -19.59 14.18 -24.13
CA LEU C 166 -19.99 15.58 -24.06
C LEU C 166 -21.35 15.74 -23.38
N ASN C 167 -22.35 14.96 -23.82
CA ASN C 167 -23.67 15.03 -23.22
C ASN C 167 -23.64 14.57 -21.77
N LYS C 168 -22.79 13.60 -21.43
CA LYS C 168 -22.58 13.24 -20.03
C LYS C 168 -22.00 14.41 -19.25
N TYR C 169 -20.99 15.07 -19.82
CA TYR C 169 -20.39 16.22 -19.15
C TYR C 169 -21.42 17.31 -18.92
N PHE C 170 -22.27 17.58 -19.93
CA PHE C 170 -23.21 18.70 -19.82
C PHE C 170 -24.32 18.40 -18.82
N GLU C 171 -24.68 17.12 -18.67
CA GLU C 171 -25.65 16.74 -17.65
C GLU C 171 -25.11 17.06 -16.26
N ILE C 172 -23.80 16.89 -16.06
CA ILE C 172 -23.19 17.24 -14.77
C ILE C 172 -23.35 18.73 -14.50
N ILE C 173 -23.14 19.56 -15.53
CA ILE C 173 -23.28 21.00 -15.38
C ILE C 173 -24.71 21.36 -15.00
N LYS C 174 -25.69 20.81 -15.72
CA LYS C 174 -27.10 21.09 -15.44
C LYS C 174 -27.53 20.62 -14.05
N LYS C 175 -26.81 19.66 -13.47
CA LYS C 175 -27.09 19.19 -12.12
C LYS C 175 -26.17 19.79 -11.07
N THR C 176 -25.19 20.59 -11.50
CA THR C 176 -24.13 21.04 -10.60
C THR C 176 -24.68 21.99 -9.55
N LEU C 177 -25.44 23.00 -9.96
CA LEU C 177 -25.94 23.96 -8.98
C LEU C 177 -26.94 23.34 -8.03
N SER C 178 -27.59 22.23 -8.43
CA SER C 178 -28.57 21.60 -7.56
C SER C 178 -27.90 20.89 -6.39
N ILE C 179 -26.70 20.34 -6.61
CA ILE C 179 -26.03 19.61 -5.55
C ILE C 179 -25.70 20.53 -4.39
N TYR C 180 -25.45 21.80 -4.67
CA TYR C 180 -25.11 22.71 -3.59
C TYR C 180 -26.32 23.01 -2.74
N ARG C 181 -27.49 23.19 -3.36
CA ARG C 181 -28.71 23.36 -2.58
C ARG C 181 -28.98 22.13 -1.73
N GLU C 182 -28.88 20.94 -2.33
CA GLU C 182 -29.22 19.70 -1.62
C GLU C 182 -28.37 19.51 -0.37
N ILE C 183 -27.05 19.77 -0.46
CA ILE C 183 -26.22 19.56 0.72
C ILE C 183 -26.50 20.64 1.76
N LYS C 184 -26.92 21.83 1.31
CA LYS C 184 -27.27 22.89 2.24
C LYS C 184 -28.59 22.59 2.94
N GLU C 185 -29.56 22.02 2.22
CA GLU C 185 -30.84 21.71 2.85
C GLU C 185 -30.80 20.44 3.69
N GLU C 186 -29.83 19.55 3.48
CA GLU C 186 -29.70 18.33 4.25
C GLU C 186 -28.69 18.46 5.37
N GLY C 187 -28.13 19.65 5.56
CA GLY C 187 -27.25 19.90 6.68
C GLY C 187 -25.85 19.36 6.52
N LYS C 188 -25.51 18.82 5.35
CA LYS C 188 -24.16 18.30 5.18
C LYS C 188 -23.13 19.40 5.01
N GLY C 189 -23.55 20.64 4.75
CA GLY C 189 -22.59 21.72 4.64
C GLY C 189 -23.29 23.05 4.46
N SER C 190 -22.51 24.12 4.61
CA SER C 190 -23.01 25.48 4.43
C SER C 190 -22.40 26.08 3.18
N VAL C 191 -23.17 26.91 2.48
CA VAL C 191 -22.74 27.54 1.24
C VAL C 191 -22.58 29.02 1.47
N SER C 192 -21.45 29.56 1.03
CA SER C 192 -21.18 30.99 1.14
C SER C 192 -20.96 31.55 -0.25
N THR C 193 -20.80 32.88 -0.31
CA THR C 193 -20.52 33.56 -1.56
C THR C 193 -19.42 34.59 -1.32
N SER C 194 -19.03 35.27 -2.38
CA SER C 194 -18.08 36.38 -2.32
C SER C 194 -18.71 37.58 -2.98
N PRO C 195 -18.08 38.76 -2.89
CA PRO C 195 -18.46 39.86 -3.77
C PRO C 195 -18.49 39.38 -5.22
N TYR C 196 -19.42 39.95 -6.00
CA TYR C 196 -19.89 39.35 -7.24
C TYR C 196 -18.74 38.90 -8.14
N TYR C 197 -17.83 39.82 -8.47
CA TYR C 197 -16.80 39.55 -9.46
C TYR C 197 -15.41 39.40 -8.85
N HIS C 198 -15.31 38.89 -7.63
CA HIS C 198 -14.03 38.62 -6.97
C HIS C 198 -13.06 39.82 -6.96
N PRO C 199 -13.51 40.99 -6.49
CA PRO C 199 -12.61 42.14 -6.40
C PRO C 199 -11.83 42.12 -5.09
N LEU C 200 -10.87 43.05 -4.99
CA LEU C 200 -10.16 43.30 -3.74
C LEU C 200 -10.90 44.43 -3.03
N ILE C 201 -11.89 44.05 -2.20
CA ILE C 201 -12.76 45.06 -1.57
C ILE C 201 -11.97 46.09 -0.78
N PRO C 202 -10.96 45.75 0.01
CA PRO C 202 -10.21 46.80 0.73
C PRO C 202 -9.65 47.89 -0.17
N ILE C 203 -9.09 47.54 -1.33
CA ILE C 203 -8.56 48.57 -2.22
C ILE C 203 -9.67 49.45 -2.75
N LEU C 204 -10.82 48.85 -3.09
CA LEU C 204 -11.93 49.63 -3.62
C LEU C 204 -12.45 50.61 -2.58
N LEU C 205 -12.61 50.16 -1.34
CA LEU C 205 -13.08 51.02 -0.27
C LEU C 205 -12.09 52.14 0.02
N ASN C 206 -10.89 51.79 0.43
CA ASN C 206 -9.87 52.81 0.60
C ASN C 206 -8.53 52.29 0.09
N PRO C 207 -8.03 52.84 -1.02
CA PRO C 207 -6.74 52.35 -1.56
C PRO C 207 -5.54 52.59 -0.66
N ASN C 208 -5.69 53.35 0.44
CA ASN C 208 -4.56 53.55 1.34
C ASN C 208 -4.25 52.32 2.18
N CYS C 209 -5.10 51.29 2.11
CA CYS C 209 -4.89 50.07 2.87
C CYS C 209 -3.61 49.36 2.48
N VAL C 210 -3.07 49.62 1.30
CA VAL C 210 -1.85 48.95 0.86
C VAL C 210 -0.64 49.41 1.67
N TYR C 211 -0.70 50.62 2.26
CA TYR C 211 0.42 51.12 3.03
C TYR C 211 0.45 50.59 4.45
N GLU C 212 -0.57 49.86 4.88
CA GLU C 212 -0.55 49.33 6.25
C GLU C 212 0.46 48.20 6.37
N THR C 213 0.64 47.44 5.29
CA THR C 213 1.62 46.35 5.23
C THR C 213 2.79 46.64 4.30
N THR C 214 2.63 47.54 3.33
CA THR C 214 3.69 47.89 2.39
C THR C 214 3.72 49.40 2.28
N PRO C 215 4.46 50.09 3.16
CA PRO C 215 4.31 51.56 3.29
C PRO C 215 4.83 52.38 2.13
N ASN C 216 5.90 51.95 1.44
CA ASN C 216 6.53 52.77 0.41
C ASN C 216 6.25 52.27 -1.00
N VAL C 217 5.08 51.69 -1.22
CA VAL C 217 4.72 51.21 -2.55
C VAL C 217 4.24 52.39 -3.39
N LYS C 218 4.62 52.39 -4.66
CA LYS C 218 4.11 53.36 -5.62
C LYS C 218 2.86 52.79 -6.29
N ILE C 219 1.73 53.46 -6.10
CA ILE C 219 0.48 53.05 -6.74
C ILE C 219 -0.13 54.24 -7.47
N PRO C 220 -0.94 54.00 -8.50
CA PRO C 220 -1.52 55.11 -9.27
C PRO C 220 -2.40 55.99 -8.40
N ASP C 221 -2.55 57.24 -8.81
CA ASP C 221 -3.44 58.16 -8.09
C ASP C 221 -4.89 57.73 -8.29
N PHE C 222 -5.57 57.41 -7.20
CA PHE C 222 -6.97 56.99 -7.23
C PHE C 222 -7.86 58.23 -7.08
N ALA C 223 -8.00 58.97 -8.17
CA ALA C 223 -8.86 60.14 -8.21
C ALA C 223 -10.31 59.79 -8.52
N VAL C 224 -10.74 58.55 -8.25
CA VAL C 224 -12.13 58.15 -8.32
C VAL C 224 -12.47 57.30 -7.10
N SER C 225 -13.75 57.28 -6.78
CA SER C 225 -14.27 56.51 -5.67
C SER C 225 -14.79 55.17 -6.18
N PHE C 226 -14.24 54.09 -5.66
CA PHE C 226 -14.74 52.75 -5.91
C PHE C 226 -15.59 52.24 -4.75
N ARG C 227 -15.98 53.13 -3.82
CA ARG C 227 -16.67 52.66 -2.61
C ARG C 227 -18.08 52.20 -2.93
N GLU C 228 -18.79 52.91 -3.82
CA GLU C 228 -20.14 52.48 -4.16
C GLU C 228 -20.12 51.18 -4.95
N ASP C 229 -19.08 50.94 -5.74
CA ASP C 229 -18.95 49.67 -6.44
C ASP C 229 -18.74 48.52 -5.46
N ALA C 230 -18.00 48.76 -4.37
CA ALA C 230 -17.81 47.72 -3.37
C ALA C 230 -19.15 47.27 -2.78
N SER C 231 -20.05 48.21 -2.48
CA SER C 231 -21.38 47.85 -1.99
C SER C 231 -22.15 47.07 -3.05
N LYS C 232 -22.00 47.45 -4.32
CA LYS C 232 -22.68 46.74 -5.40
C LYS C 232 -22.28 45.28 -5.45
N HIS C 233 -20.98 45.00 -5.36
CA HIS C 233 -20.50 43.62 -5.36
C HIS C 233 -21.17 42.80 -4.26
N VAL C 234 -21.24 43.34 -3.05
CA VAL C 234 -21.81 42.61 -1.93
C VAL C 234 -23.32 42.47 -2.08
N GLU C 235 -24.00 43.53 -2.52
CA GLU C 235 -25.45 43.49 -2.62
C GLU C 235 -25.91 42.64 -3.81
N LEU C 236 -25.22 42.74 -4.94
CA LEU C 236 -25.60 41.91 -6.09
C LEU C 236 -25.32 40.44 -5.82
N ALA C 237 -24.32 40.14 -4.99
CA ALA C 237 -24.04 38.76 -4.62
C ALA C 237 -25.16 38.18 -3.78
N LYS C 238 -25.66 38.97 -2.82
CA LYS C 238 -26.71 38.50 -1.94
C LYS C 238 -27.99 38.21 -2.70
N GLU C 239 -28.26 38.97 -3.76
CA GLU C 239 -29.42 38.67 -4.60
C GLU C 239 -29.20 37.40 -5.41
N LYS C 240 -27.99 37.19 -5.94
CA LYS C 240 -27.73 35.96 -6.69
C LYS C 240 -27.77 34.74 -5.78
N TYR C 241 -27.26 34.87 -4.55
CA TYR C 241 -27.42 33.80 -3.58
C TYR C 241 -28.90 33.53 -3.32
N PHE C 242 -29.71 34.58 -3.25
CA PHE C 242 -31.14 34.40 -2.99
C PHE C 242 -31.82 33.68 -4.16
N GLU C 243 -31.41 33.98 -5.39
CA GLU C 243 -32.00 33.31 -6.54
C GLU C 243 -31.76 31.81 -6.48
N ILE C 244 -30.53 31.40 -6.15
CA ILE C 244 -30.20 29.98 -6.16
C ILE C 244 -30.76 29.27 -4.93
N PHE C 245 -30.44 29.79 -3.74
CA PHE C 245 -30.72 29.11 -2.48
C PHE C 245 -31.93 29.66 -1.74
N GLY C 246 -32.65 30.63 -2.31
CA GLY C 246 -33.92 31.04 -1.73
C GLY C 246 -33.81 31.86 -0.46
N GLU C 247 -32.61 32.11 0.03
CA GLU C 247 -32.38 32.92 1.22
C GLU C 247 -31.16 33.79 0.97
N HIS C 248 -31.01 34.82 1.81
CA HIS C 248 -29.84 35.66 1.69
C HIS C 248 -28.66 34.99 2.43
N PRO C 249 -27.43 35.25 1.99
CA PRO C 249 -26.27 34.57 2.59
C PRO C 249 -25.82 35.24 3.87
N VAL C 250 -25.59 34.42 4.91
CA VAL C 250 -25.05 34.92 6.18
C VAL C 250 -23.54 34.77 6.27
N TYR C 251 -22.92 33.96 5.42
CA TYR C 251 -21.50 33.70 5.46
C TYR C 251 -20.88 34.10 4.12
N MET C 252 -19.69 34.70 4.18
CA MET C 252 -19.00 35.13 2.97
C MET C 252 -17.53 34.83 3.07
N TRP C 253 -16.92 34.55 1.91
CA TRP C 253 -15.47 34.44 1.82
C TRP C 253 -14.92 35.70 1.17
N PRO C 254 -14.17 36.54 1.89
CA PRO C 254 -13.53 37.68 1.24
C PRO C 254 -12.56 37.21 0.17
N PRO C 255 -12.67 37.76 -1.04
CA PRO C 255 -11.80 37.33 -2.13
C PRO C 255 -10.34 37.59 -1.79
N GLN C 256 -9.51 36.57 -2.01
CA GLN C 256 -8.09 36.58 -1.68
C GLN C 256 -7.83 36.76 -0.20
N ALA C 257 -8.84 36.45 0.63
CA ALA C 257 -8.77 36.61 2.09
C ALA C 257 -8.55 38.08 2.48
N SER C 258 -8.80 39.00 1.56
CA SER C 258 -8.53 40.41 1.78
C SER C 258 -9.46 40.97 2.86
N VAL C 259 -8.88 41.54 3.90
CA VAL C 259 -9.66 42.09 4.99
C VAL C 259 -9.03 43.42 5.41
N SER C 260 -9.87 44.29 5.95
CA SER C 260 -9.44 45.56 6.50
C SER C 260 -10.50 46.00 7.50
N ASN C 261 -10.14 46.99 8.33
CA ASN C 261 -11.13 47.58 9.22
C ASN C 261 -12.36 48.01 8.43
N GLU C 262 -12.17 48.72 7.32
CA GLU C 262 -13.30 49.23 6.55
C GLU C 262 -14.07 48.11 5.87
N ALA C 263 -13.36 47.09 5.38
CA ALA C 263 -14.03 46.00 4.67
C ALA C 263 -14.95 45.23 5.62
N LEU C 264 -14.42 44.87 6.79
CA LEU C 264 -15.24 44.17 7.77
C LEU C 264 -16.46 45.00 8.17
N GLU C 265 -16.35 46.34 8.17
CA GLU C 265 -17.52 47.17 8.44
C GLU C 265 -18.57 47.04 7.34
N LEU C 266 -18.14 46.88 6.08
CA LEU C 266 -19.08 46.78 4.97
C LEU C 266 -19.78 45.43 4.96
N TYR C 267 -19.09 44.37 5.37
CA TYR C 267 -19.73 43.07 5.44
C TYR C 267 -20.76 43.02 6.57
N TYR C 268 -20.48 43.71 7.68
CA TYR C 268 -21.41 43.76 8.79
C TYR C 268 -22.67 44.51 8.43
N GLU C 269 -22.54 45.65 7.75
CA GLU C 269 -23.70 46.45 7.40
C GLU C 269 -24.52 45.80 6.30
N LYS C 270 -23.93 44.86 5.54
CA LYS C 270 -24.63 44.10 4.52
C LYS C 270 -25.17 42.77 5.05
N GLY C 271 -25.05 42.53 6.35
CA GLY C 271 -25.72 41.41 6.96
C GLY C 271 -24.88 40.17 7.14
N ILE C 272 -23.60 40.22 6.79
CA ILE C 272 -22.75 39.04 6.89
C ILE C 272 -22.34 38.85 8.36
N ASN C 273 -22.65 37.69 8.92
CA ASN C 273 -22.34 37.40 10.32
C ASN C 273 -20.96 36.79 10.51
N MET C 274 -20.34 36.23 9.47
CA MET C 274 -19.06 35.58 9.64
C MET C 274 -18.26 35.63 8.33
N LEU C 275 -16.94 35.62 8.46
CA LEU C 275 -16.03 35.47 7.33
C LEU C 275 -14.73 34.86 7.84
N ALA C 276 -13.77 34.68 6.94
CA ALA C 276 -12.48 34.10 7.30
C ALA C 276 -11.38 34.76 6.49
N THR C 277 -10.15 34.67 7.01
CA THR C 277 -8.97 35.19 6.33
C THR C 277 -7.75 34.39 6.80
N ASP C 278 -6.58 34.71 6.23
CA ASP C 278 -5.36 33.97 6.54
C ASP C 278 -4.79 34.38 7.89
N GLU C 279 -4.08 33.44 8.54
CA GLU C 279 -3.47 33.73 9.83
C GLU C 279 -2.32 34.72 9.71
N VAL C 280 -1.77 34.91 8.50
CA VAL C 280 -0.73 35.92 8.30
C VAL C 280 -1.26 37.30 8.69
N ILE C 281 -2.50 37.60 8.33
CA ILE C 281 -3.14 38.84 8.75
C ILE C 281 -3.30 38.87 10.26
N LEU C 282 -3.66 37.74 10.85
CA LEU C 282 -3.80 37.67 12.30
C LEU C 282 -2.47 37.97 12.98
N LYS C 283 -1.37 37.43 12.45
CA LYS C 283 -0.05 37.66 13.05
C LYS C 283 0.30 39.14 13.04
N ASN C 284 -0.04 39.85 11.97
CA ASN C 284 0.25 41.27 11.89
C ASN C 284 -0.70 42.09 12.76
N SER C 285 -1.90 41.57 13.03
CA SER C 285 -2.92 42.34 13.73
C SER C 285 -2.94 42.11 15.24
N VAL C 286 -2.73 40.88 15.69
CA VAL C 286 -2.79 40.56 17.12
C VAL C 286 -1.44 40.04 17.58
N GLU C 287 -1.04 40.45 18.79
CA GLU C 287 0.26 40.18 19.38
C GLU C 287 0.67 38.70 19.28
N ARG C 288 0.28 37.89 20.26
CA ARG C 288 0.50 36.46 20.20
C ARG C 288 -0.87 35.78 20.14
N ALA C 289 -1.29 35.37 18.95
CA ALA C 289 -2.64 34.86 18.73
C ALA C 289 -2.61 33.46 18.13
N SER C 290 -3.45 32.58 18.68
CA SER C 290 -3.67 31.31 18.02
C SER C 290 -4.75 31.44 16.94
N PRO C 291 -4.63 30.72 15.84
CA PRO C 291 -5.65 30.80 14.81
C PRO C 291 -6.81 29.86 15.07
N TYR C 292 -6.99 29.44 16.32
CA TYR C 292 -7.96 28.40 16.67
C TYR C 292 -9.10 28.92 17.53
N LEU C 293 -9.37 30.21 17.50
CA LEU C 293 -10.40 30.82 18.31
C LEU C 293 -11.31 31.66 17.43
N ARG C 294 -12.60 31.60 17.72
CA ARG C 294 -13.50 32.52 17.05
C ARG C 294 -13.19 33.93 17.55
N TYR C 295 -12.91 34.83 16.63
CA TYR C 295 -12.67 36.22 16.98
C TYR C 295 -13.89 37.06 16.62
N TYR C 296 -14.26 37.97 17.52
CA TYR C 296 -15.31 38.95 17.27
C TYR C 296 -14.64 40.26 16.94
N PHE C 297 -14.91 40.79 15.74
CA PHE C 297 -14.34 42.07 15.33
C PHE C 297 -15.24 43.19 15.84
N ARG C 298 -14.77 43.89 16.87
CA ARG C 298 -15.54 44.98 17.50
C ARG C 298 -16.92 44.54 17.95
N GLU C 299 -17.07 43.24 18.21
CA GLU C 299 -18.35 42.58 18.53
C GLU C 299 -19.30 42.61 17.34
N LEU C 300 -18.93 43.24 16.22
CA LEU C 300 -19.89 43.36 15.13
C LEU C 300 -20.01 42.05 14.36
N ILE C 301 -18.89 41.51 13.89
CA ILE C 301 -18.89 40.31 13.05
C ILE C 301 -17.85 39.33 13.57
N SER C 302 -18.12 38.04 13.38
CA SER C 302 -17.23 36.96 13.80
C SER C 302 -16.29 36.61 12.67
N VAL C 303 -15.00 36.57 12.98
CA VAL C 303 -13.97 36.22 12.02
C VAL C 303 -13.27 34.95 12.48
N PHE C 304 -12.94 34.10 11.53
CA PHE C 304 -12.07 32.96 11.77
C PHE C 304 -10.81 33.11 10.94
N PHE C 305 -9.71 32.60 11.46
CA PHE C 305 -8.44 32.61 10.76
C PHE C 305 -8.07 31.17 10.40
N ARG C 306 -7.71 30.96 9.14
CA ARG C 306 -7.41 29.63 8.63
C ARG C 306 -6.01 29.20 9.06
N ASP C 307 -5.70 27.92 8.84
CA ASP C 307 -4.38 27.35 9.13
C ASP C 307 -3.61 27.32 7.81
N LYS C 308 -2.66 28.25 7.68
CA LYS C 308 -1.90 28.37 6.44
C LYS C 308 -1.10 27.10 6.16
N THR C 309 -0.35 26.63 7.16
CA THR C 309 0.47 25.42 7.00
C THR C 309 -0.38 24.24 6.53
N LEU C 310 -1.51 24.01 7.21
CA LEU C 310 -2.37 22.88 6.86
C LEU C 310 -2.98 23.08 5.48
N SER C 311 -3.52 24.27 5.22
CA SER C 311 -4.21 24.50 3.95
C SER C 311 -3.25 24.47 2.77
N ASP C 312 -2.03 24.99 2.95
CA ASP C 312 -1.07 24.97 1.85
C ASP C 312 -0.59 23.56 1.56
N LEU C 313 -0.56 22.69 2.57
CA LEU C 313 -0.13 21.31 2.36
C LEU C 313 -1.06 20.59 1.39
N ILE C 314 -2.38 20.74 1.60
CA ILE C 314 -3.33 20.17 0.66
C ILE C 314 -3.25 20.88 -0.67
N GLY C 315 -3.03 22.20 -0.65
CA GLY C 315 -2.84 22.98 -1.85
C GLY C 315 -1.63 22.54 -2.64
N PHE C 316 -0.45 22.68 -2.06
CA PHE C 316 0.80 22.60 -2.80
C PHE C 316 1.55 21.29 -2.59
N SER C 317 1.83 20.92 -1.34
CA SER C 317 2.81 19.85 -1.12
C SER C 317 2.23 18.46 -1.35
N TYR C 318 1.00 18.22 -0.90
CA TYR C 318 0.54 16.84 -0.77
C TYR C 318 0.33 16.13 -2.10
N HIS C 319 0.38 16.84 -3.23
CA HIS C 319 0.27 16.14 -4.51
C HIS C 319 1.48 15.25 -4.74
N ALA C 320 2.65 15.63 -4.20
CA ALA C 320 3.83 14.77 -4.26
C ALA C 320 3.69 13.57 -3.32
N TRP C 321 3.03 13.73 -2.19
CA TRP C 321 2.95 12.67 -1.20
C TRP C 321 1.99 11.57 -1.65
N ASN C 322 2.30 10.34 -1.26
CA ASN C 322 1.34 9.26 -1.37
C ASN C 322 0.19 9.50 -0.40
N ALA C 323 -1.00 9.00 -0.76
CA ALA C 323 -2.21 9.40 -0.06
C ALA C 323 -2.20 8.98 1.40
N GLU C 324 -1.79 7.74 1.69
CA GLU C 324 -1.75 7.30 3.08
C GLU C 324 -0.77 8.12 3.90
N ASP C 325 0.36 8.50 3.29
CA ASP C 325 1.33 9.36 3.98
C ASP C 325 0.76 10.76 4.22
N ALA C 326 0.05 11.31 3.22
CA ALA C 326 -0.49 12.65 3.34
C ALA C 326 -1.57 12.72 4.40
N VAL C 327 -2.53 11.79 4.36
CA VAL C 327 -3.61 11.78 5.35
C VAL C 327 -3.03 11.53 6.74
N ARG C 328 -2.03 10.67 6.84
CA ARG C 328 -1.42 10.42 8.15
C ARG C 328 -0.79 11.69 8.72
N ASP C 329 -0.06 12.45 7.88
CA ASP C 329 0.55 13.69 8.35
C ASP C 329 -0.52 14.68 8.81
N PHE C 330 -1.49 14.96 7.95
CA PHE C 330 -2.60 15.85 8.30
C PHE C 330 -3.25 15.43 9.61
N ILE C 331 -3.68 14.17 9.69
CA ILE C 331 -4.32 13.66 10.90
C ILE C 331 -3.39 13.83 12.11
N GLY C 332 -2.12 13.45 11.94
CA GLY C 332 -1.16 13.64 13.00
C GLY C 332 -0.88 15.10 13.31
N ARG C 333 -0.94 15.96 12.29
CA ARG C 333 -0.74 17.39 12.51
C ARG C 333 -1.88 17.98 13.36
N LEU C 334 -3.11 17.53 13.16
CA LEU C 334 -4.20 17.99 14.01
C LEU C 334 -4.09 17.45 15.43
N LYS C 335 -3.52 16.25 15.57
CA LYS C 335 -3.27 15.69 16.90
C LYS C 335 -2.37 16.62 17.70
N LYS C 336 -1.29 17.11 17.08
CA LYS C 336 -0.41 18.04 17.77
C LYS C 336 -1.17 19.29 18.20
N ILE C 337 -2.08 19.78 17.35
CA ILE C 337 -2.89 20.94 17.73
C ILE C 337 -3.81 20.59 18.90
N HIS C 338 -4.34 19.36 18.90
CA HIS C 338 -5.25 18.96 19.97
C HIS C 338 -4.58 19.03 21.34
N GLU C 339 -3.40 18.41 21.47
CA GLU C 339 -2.65 18.49 22.71
C GLU C 339 -2.03 19.86 22.97
N SER C 340 -1.96 20.73 21.96
CA SER C 340 -1.29 22.02 22.11
C SER C 340 -2.17 23.09 22.77
N VAL C 341 -3.45 22.82 22.98
CA VAL C 341 -4.37 23.81 23.52
C VAL C 341 -5.23 23.17 24.61
N ASP C 342 -5.56 23.98 25.62
CA ASP C 342 -6.45 23.53 26.69
C ASP C 342 -7.91 23.57 26.25
N PHE C 343 -8.28 24.52 25.41
CA PHE C 343 -9.64 24.66 24.92
C PHE C 343 -9.89 23.69 23.77
N GLN C 344 -11.15 23.60 23.35
CA GLN C 344 -11.51 22.82 22.17
C GLN C 344 -11.14 23.60 20.91
N PRO C 345 -10.12 23.17 20.17
CA PRO C 345 -9.61 23.98 19.07
C PRO C 345 -10.53 23.94 17.87
N VAL C 346 -10.58 25.07 17.16
CA VAL C 346 -11.31 25.19 15.90
C VAL C 346 -10.27 25.47 14.82
N VAL C 347 -10.11 24.52 13.89
CA VAL C 347 -9.15 24.61 12.81
C VAL C 347 -9.91 24.81 11.50
N PHE C 348 -9.60 25.89 10.80
CA PHE C 348 -10.18 26.20 9.49
C PHE C 348 -9.14 25.87 8.41
N VAL C 349 -9.54 25.03 7.48
CA VAL C 349 -8.73 24.69 6.32
C VAL C 349 -9.42 25.30 5.11
N VAL C 350 -8.93 26.44 4.65
CA VAL C 350 -9.55 27.19 3.56
C VAL C 350 -8.56 27.28 2.41
N LEU C 351 -8.93 26.71 1.25
CA LEU C 351 -8.11 26.80 0.05
C LEU C 351 -9.00 26.70 -1.19
N ASP C 352 -8.39 26.93 -2.35
CA ASP C 352 -9.12 26.83 -3.60
C ASP C 352 -9.51 25.37 -3.86
N GLY C 353 -10.77 25.16 -4.24
CA GLY C 353 -11.34 23.83 -4.34
C GLY C 353 -11.18 23.12 -5.65
N GLU C 354 -10.62 23.77 -6.67
CA GLU C 354 -10.54 23.15 -7.98
C GLU C 354 -9.13 23.06 -8.55
N ASN C 355 -8.18 23.85 -8.05
CA ASN C 355 -6.94 23.97 -8.80
C ASN C 355 -5.90 22.92 -8.40
N CYS C 356 -5.87 22.52 -7.13
CA CYS C 356 -4.78 21.66 -6.69
C CYS C 356 -4.90 20.25 -7.22
N TRP C 357 -6.11 19.83 -7.62
CA TRP C 357 -6.37 18.40 -7.82
C TRP C 357 -5.77 17.87 -9.12
N GLU C 358 -5.64 18.70 -10.13
CA GLU C 358 -5.11 18.24 -11.41
C GLU C 358 -3.64 17.82 -11.32
N TYR C 359 -2.90 18.34 -10.35
CA TYR C 359 -1.52 17.93 -10.10
C TYR C 359 -1.43 16.76 -9.13
N TYR C 360 -2.56 16.30 -8.63
CA TYR C 360 -2.61 15.10 -7.82
C TYR C 360 -2.74 13.87 -8.72
N GLU C 361 -2.51 12.71 -8.12
CA GLU C 361 -2.79 11.45 -8.79
C GLU C 361 -4.29 11.22 -8.88
N GLU C 362 -4.79 11.01 -10.10
CA GLU C 362 -6.20 10.70 -10.33
C GLU C 362 -7.09 11.82 -9.80
N ASN C 363 -6.67 13.07 -10.02
CA ASN C 363 -7.39 14.26 -9.57
C ASN C 363 -7.61 14.26 -8.06
N GLY C 364 -6.66 13.70 -7.32
CA GLY C 364 -6.77 13.61 -5.87
C GLY C 364 -7.89 12.73 -5.37
N ILE C 365 -8.56 11.97 -6.24
CA ILE C 365 -9.63 11.10 -5.79
C ILE C 365 -9.14 10.16 -4.71
N PRO C 366 -7.96 9.54 -4.81
CA PRO C 366 -7.50 8.70 -3.69
C PRO C 366 -7.28 9.48 -2.41
N PHE C 367 -6.66 10.65 -2.50
CA PHE C 367 -6.35 11.44 -1.31
C PHE C 367 -7.63 11.84 -0.59
N LEU C 368 -8.59 12.39 -1.34
CA LEU C 368 -9.82 12.86 -0.72
C LEU C 368 -10.64 11.72 -0.17
N GLU C 369 -10.72 10.60 -0.89
CA GLU C 369 -11.46 9.46 -0.38
C GLU C 369 -10.78 8.90 0.87
N LYS C 370 -9.45 8.92 0.89
CA LYS C 370 -8.73 8.48 2.09
C LYS C 370 -8.97 9.43 3.24
N LEU C 371 -8.77 10.72 3.02
CA LEU C 371 -8.92 11.70 4.09
C LEU C 371 -10.34 11.68 4.64
N TYR C 372 -11.33 11.87 3.76
CA TYR C 372 -12.73 11.90 4.19
C TYR C 372 -13.15 10.60 4.87
N SER C 373 -12.63 9.46 4.45
CA SER C 373 -12.94 8.21 5.15
C SER C 373 -12.26 8.15 6.51
N THR C 374 -11.01 8.63 6.59
CA THR C 374 -10.28 8.60 7.86
C THR C 374 -10.92 9.53 8.89
N LEU C 375 -11.24 10.77 8.49
CA LEU C 375 -11.89 11.69 9.43
C LEU C 375 -13.22 11.12 9.92
N GLU C 376 -13.88 10.31 9.10
CA GLU C 376 -15.10 9.64 9.52
C GLU C 376 -14.84 8.77 10.75
N LYS C 377 -13.79 7.95 10.70
CA LYS C 377 -13.42 7.07 11.81
C LYS C 377 -12.67 7.80 12.92
N GLU C 378 -12.31 9.07 12.73
CA GLU C 378 -11.62 9.84 13.76
C GLU C 378 -12.65 10.50 14.66
N GLU C 379 -12.92 9.87 15.80
CA GLU C 379 -13.99 10.32 16.70
C GLU C 379 -13.63 11.56 17.51
N TRP C 380 -12.34 11.88 17.64
CA TRP C 380 -11.93 13.12 18.29
C TRP C 380 -11.90 14.32 17.35
N ILE C 381 -12.07 14.11 16.04
CA ILE C 381 -12.19 15.19 15.07
C ILE C 381 -13.67 15.28 14.68
N GLU C 382 -14.25 16.46 14.84
CA GLU C 382 -15.64 16.70 14.48
C GLU C 382 -15.67 17.72 13.34
N THR C 383 -16.01 17.27 12.13
CA THR C 383 -16.23 18.19 11.03
C THR C 383 -17.51 18.98 11.26
N LEU C 384 -17.49 20.25 10.90
CA LEU C 384 -18.56 21.19 11.24
C LEU C 384 -18.94 22.01 10.02
N THR C 385 -20.24 22.25 9.84
CA THR C 385 -20.67 23.25 8.89
C THR C 385 -20.31 24.63 9.39
N LEU C 386 -20.40 25.61 8.50
CA LEU C 386 -20.13 26.99 8.91
C LEU C 386 -21.11 27.42 10.00
N GLU C 387 -22.39 27.10 9.82
CA GLU C 387 -23.39 27.47 10.82
C GLU C 387 -23.13 26.77 12.14
N GLU C 388 -22.76 25.50 12.10
CA GLU C 388 -22.46 24.76 13.32
C GLU C 388 -21.27 25.34 14.06
N ALA C 389 -20.23 25.73 13.32
CA ALA C 389 -19.12 26.44 13.93
C ALA C 389 -19.57 27.76 14.55
N MET C 390 -20.56 28.41 13.93
CA MET C 390 -21.06 29.66 14.47
C MET C 390 -21.87 29.47 15.75
N ARG C 391 -22.45 28.29 15.93
CA ARG C 391 -23.34 28.03 17.05
C ARG C 391 -22.64 27.32 18.20
N LYS C 392 -21.43 26.82 17.96
CA LYS C 392 -20.70 26.06 18.97
C LYS C 392 -20.25 27.00 20.11
N GLU C 393 -20.78 26.78 21.31
CA GLU C 393 -20.38 27.55 22.48
C GLU C 393 -19.12 26.99 23.15
N ASP C 394 -18.68 25.79 22.80
CA ASP C 394 -17.47 25.20 23.37
C ASP C 394 -16.20 25.92 22.92
N VAL C 395 -16.30 26.81 21.94
CA VAL C 395 -15.13 27.45 21.35
C VAL C 395 -14.63 28.58 22.23
N LYS C 396 -13.31 28.68 22.37
CA LYS C 396 -12.70 29.85 22.98
C LYS C 396 -12.86 31.05 22.06
N THR C 397 -13.25 32.19 22.64
CA THR C 397 -13.62 33.38 21.86
C THR C 397 -12.90 34.60 22.39
N GLU C 398 -12.43 35.43 21.47
CA GLU C 398 -11.68 36.64 21.77
C GLU C 398 -12.21 37.78 20.92
N VAL C 399 -12.22 38.97 21.49
CA VAL C 399 -12.64 40.18 20.78
C VAL C 399 -11.40 40.90 20.27
N ILE C 400 -11.49 41.41 19.03
CA ILE C 400 -10.43 42.20 18.43
C ILE C 400 -11.04 43.50 17.90
N GLU C 401 -10.22 44.56 17.89
CA GLU C 401 -10.71 45.88 17.49
C GLU C 401 -10.09 46.40 16.19
N SER C 402 -9.19 45.65 15.57
CA SER C 402 -8.45 46.17 14.43
C SER C 402 -7.84 45.02 13.64
N VAL C 403 -7.55 45.29 12.36
CA VAL C 403 -6.86 44.33 11.51
C VAL C 403 -5.99 45.09 10.53
N LYS C 404 -4.75 44.64 10.36
CA LYS C 404 -3.88 45.19 9.34
C LYS C 404 -4.25 44.62 7.99
N ALA C 405 -4.54 45.50 7.02
CA ALA C 405 -5.06 45.07 5.74
C ALA C 405 -4.06 44.19 5.00
N GLY C 406 -4.57 43.18 4.32
CA GLY C 406 -3.72 42.33 3.53
C GLY C 406 -4.51 41.22 2.87
N THR C 407 -3.77 40.29 2.30
CA THR C 407 -4.28 39.10 1.63
C THR C 407 -3.64 37.87 2.25
N TRP C 408 -4.02 36.69 1.76
CA TRP C 408 -3.32 35.48 2.16
C TRP C 408 -2.01 35.30 1.40
N PHE C 409 -1.56 36.34 0.71
CA PHE C 409 -0.37 36.31 -0.14
C PHE C 409 0.64 37.28 0.47
N ASP C 410 1.46 36.78 1.40
CA ASP C 410 2.48 37.54 2.12
C ASP C 410 1.88 38.62 3.01
N GLY C 411 0.57 38.66 3.18
CA GLY C 411 -0.07 39.68 3.98
C GLY C 411 -0.20 41.03 3.32
N ASN C 412 0.12 41.13 2.03
CA ASN C 412 0.08 42.41 1.32
C ASN C 412 -0.68 42.24 0.01
N PHE C 413 -0.91 43.37 -0.66
CA PHE C 413 -1.60 43.39 -1.95
C PHE C 413 -0.62 43.47 -3.13
N LEU C 414 0.61 43.01 -2.96
CA LEU C 414 1.64 43.24 -3.98
C LEU C 414 1.51 42.29 -5.17
N LYS C 415 0.65 41.29 -5.08
CA LYS C 415 0.35 40.46 -6.23
C LYS C 415 -0.57 41.15 -7.24
N TRP C 416 -1.22 42.25 -6.86
CA TRP C 416 -2.17 42.94 -7.74
C TRP C 416 -1.88 44.42 -7.93
N ILE C 417 -0.93 44.99 -7.20
CA ILE C 417 -0.63 46.42 -7.29
C ILE C 417 0.82 46.61 -6.88
N GLY C 418 1.36 47.78 -7.23
CA GLY C 418 2.64 48.19 -6.72
C GLY C 418 3.84 48.03 -7.63
N ASN C 419 3.68 47.46 -8.84
CA ASN C 419 4.73 47.48 -9.86
C ASN C 419 4.22 48.21 -11.10
N LYS C 420 5.16 48.54 -12.00
CA LYS C 420 4.81 49.34 -13.17
C LYS C 420 3.71 48.67 -14.00
N GLU C 421 3.81 47.35 -14.20
CA GLU C 421 2.86 46.65 -15.06
C GLU C 421 1.48 46.56 -14.43
N LYS C 422 1.40 46.22 -13.14
CA LYS C 422 0.10 46.10 -12.48
C LYS C 422 -0.56 47.45 -12.28
N ASN C 423 0.22 48.50 -12.01
CA ASN C 423 -0.35 49.82 -11.84
C ASN C 423 -0.99 50.33 -13.12
N GLU C 424 -0.52 49.85 -14.28
CA GLU C 424 -1.09 50.32 -15.54
C GLU C 424 -2.53 49.85 -15.70
N TYR C 425 -2.82 48.61 -15.30
CA TYR C 425 -4.21 48.15 -15.28
C TYR C 425 -5.06 49.01 -14.37
N TRP C 426 -4.50 49.41 -13.22
CA TRP C 426 -5.24 50.26 -12.30
C TRP C 426 -5.47 51.64 -12.88
N LYS C 427 -4.50 52.17 -13.64
CA LYS C 427 -4.72 53.44 -14.30
C LYS C 427 -5.78 53.33 -15.39
N ILE C 428 -5.87 52.16 -16.04
CA ILE C 428 -6.92 51.94 -17.05
C ILE C 428 -8.28 51.87 -16.38
N LEU C 429 -8.37 51.14 -15.26
CA LEU C 429 -9.64 51.01 -14.56
C LEU C 429 -10.07 52.32 -13.94
N ILE C 430 -9.14 53.05 -13.32
CA ILE C 430 -9.45 54.35 -12.73
C ILE C 430 -10.02 55.29 -13.79
N GLU C 431 -9.42 55.29 -14.98
CA GLU C 431 -9.84 56.21 -16.03
C GLU C 431 -11.19 55.81 -16.59
N ALA C 432 -11.43 54.51 -16.77
CA ALA C 432 -12.73 54.07 -17.27
C ALA C 432 -13.83 54.37 -16.26
N LYS C 433 -13.57 54.17 -14.97
CA LYS C 433 -14.57 54.44 -13.94
C LYS C 433 -15.06 55.89 -14.00
N LYS C 434 -14.20 56.82 -14.43
CA LYS C 434 -14.64 58.20 -14.61
C LYS C 434 -15.72 58.30 -15.69
N LYS C 435 -15.56 57.57 -16.78
CA LYS C 435 -16.51 57.58 -17.87
C LYS C 435 -17.37 56.33 -17.88
N ALA C 436 -17.41 55.58 -16.78
CA ALA C 436 -18.14 54.33 -16.74
C ALA C 436 -19.63 54.60 -16.62
N LYS C 437 -20.42 53.96 -17.49
CA LYS C 437 -21.86 54.14 -17.50
C LYS C 437 -22.64 52.82 -17.42
N ASN C 438 -21.96 51.69 -17.22
CA ASN C 438 -22.64 50.41 -17.00
C ASN C 438 -21.81 49.54 -16.07
N ASP C 439 -22.38 48.42 -15.66
CA ASP C 439 -21.82 47.65 -14.57
C ASP C 439 -20.66 46.76 -14.98
N TYR C 440 -20.23 46.83 -16.24
CA TYR C 440 -19.06 46.07 -16.65
C TYR C 440 -17.80 46.56 -15.97
N ILE C 441 -17.85 47.73 -15.35
CA ILE C 441 -16.73 48.18 -14.52
C ILE C 441 -16.59 47.28 -13.30
N LEU C 442 -17.69 46.67 -12.84
CA LEU C 442 -17.60 45.73 -11.73
C LEU C 442 -16.91 44.45 -12.17
N VAL C 443 -17.14 44.03 -13.42
CA VAL C 443 -16.41 42.89 -13.95
C VAL C 443 -14.92 43.20 -14.03
N ALA C 444 -14.58 44.39 -14.54
CA ALA C 444 -13.18 44.79 -14.67
C ALA C 444 -12.50 44.94 -13.33
N GLU C 445 -13.28 45.08 -12.26
CA GLU C 445 -12.73 45.19 -10.91
C GLU C 445 -12.34 43.84 -10.33
N GLY C 446 -12.41 42.76 -11.11
CA GLY C 446 -12.06 41.46 -10.59
C GLY C 446 -10.57 41.33 -10.35
N SER C 447 -10.22 40.53 -9.34
CA SER C 447 -8.82 40.42 -8.95
C SER C 447 -8.00 39.64 -9.96
N ASP C 448 -8.64 38.80 -10.76
CA ASP C 448 -7.89 37.92 -11.63
C ASP C 448 -7.13 38.70 -12.69
N TRP C 449 -7.76 39.74 -13.26
CA TRP C 449 -7.10 40.51 -14.32
C TRP C 449 -5.76 41.06 -13.86
N PHE C 450 -5.66 41.51 -12.60
CA PHE C 450 -4.42 42.08 -12.09
C PHE C 450 -3.39 41.01 -11.74
N TRP C 451 -3.84 39.78 -11.45
CA TRP C 451 -2.92 38.75 -10.98
C TRP C 451 -1.93 38.35 -12.07
N TRP C 452 -2.40 38.23 -13.31
CA TRP C 452 -1.53 37.76 -14.39
C TRP C 452 -0.63 38.85 -14.95
N GLN C 453 -1.00 40.12 -14.78
CA GLN C 453 -0.21 41.22 -15.32
C GLN C 453 1.18 41.24 -14.69
N GLY C 454 2.19 41.34 -15.54
CA GLY C 454 3.55 41.42 -15.06
C GLY C 454 4.11 40.14 -14.50
N GLU C 455 3.33 39.06 -14.46
CA GLU C 455 3.84 37.78 -14.01
C GLU C 455 4.84 37.22 -15.01
N GLU C 456 5.63 36.24 -14.55
CA GLU C 456 6.51 35.47 -15.43
C GLU C 456 5.71 34.93 -16.62
N LYS C 457 6.40 34.41 -17.64
CA LYS C 457 5.75 33.73 -18.76
C LYS C 457 4.58 32.91 -18.21
N ALA C 458 3.36 33.32 -18.55
CA ALA C 458 2.16 32.71 -18.00
C ALA C 458 1.18 32.38 -19.12
N PRO C 459 0.32 31.40 -18.91
CA PRO C 459 -0.51 30.88 -19.99
C PRO C 459 -1.66 31.80 -20.35
N PHE C 460 -1.83 32.04 -21.65
CA PHE C 460 -2.93 32.84 -22.20
C PHE C 460 -3.13 34.15 -21.45
N VAL C 461 -2.05 34.76 -20.96
CA VAL C 461 -2.18 36.08 -20.35
C VAL C 461 -2.74 37.07 -21.35
N GLU C 462 -2.46 36.86 -22.63
CA GLU C 462 -3.03 37.70 -23.67
C GLU C 462 -4.55 37.61 -23.68
N VAL C 463 -5.09 36.40 -23.46
CA VAL C 463 -6.53 36.21 -23.46
C VAL C 463 -7.16 36.97 -22.30
N PHE C 464 -6.56 36.90 -21.12
CA PHE C 464 -7.05 37.71 -20.00
C PHE C 464 -6.92 39.20 -20.29
N ASP C 465 -5.89 39.59 -21.04
CA ASP C 465 -5.70 41.00 -21.32
C ASP C 465 -6.76 41.51 -22.30
N LYS C 466 -7.10 40.69 -23.29
CA LYS C 466 -8.19 41.03 -24.21
C LYS C 466 -9.48 41.31 -23.43
N LEU C 467 -9.84 40.39 -22.53
CA LEU C 467 -11.08 40.53 -21.78
C LEU C 467 -11.06 41.78 -20.92
N PHE C 468 -10.00 41.97 -20.13
CA PHE C 468 -9.93 43.13 -19.26
C PHE C 468 -10.13 44.42 -20.05
N ARG C 469 -9.48 44.53 -21.21
CA ARG C 469 -9.63 45.72 -22.04
C ARG C 469 -11.00 45.80 -22.68
N SER C 470 -11.55 44.64 -23.04
CA SER C 470 -12.89 44.61 -23.63
C SER C 470 -13.96 45.01 -22.63
N PHE C 471 -13.83 44.55 -21.37
CA PHE C 471 -14.78 44.94 -20.34
C PHE C 471 -14.63 46.41 -19.98
N VAL C 472 -13.38 46.90 -19.96
CA VAL C 472 -13.17 48.32 -19.70
C VAL C 472 -13.85 49.16 -20.77
N ARG C 473 -13.76 48.72 -22.03
CA ARG C 473 -14.39 49.47 -23.12
C ARG C 473 -15.91 49.41 -23.01
N ARG C 474 -16.46 48.21 -22.82
CA ARG C 474 -17.90 48.06 -22.71
C ARG C 474 -18.47 48.86 -21.55
N ALA C 475 -17.71 48.95 -20.46
CA ALA C 475 -18.14 49.72 -19.31
C ALA C 475 -18.27 51.22 -19.60
N GLN C 476 -17.59 51.72 -20.65
CA GLN C 476 -17.68 53.12 -21.05
C GLN C 476 -18.74 53.33 -22.15
N GLU C 477 -19.82 52.55 -22.10
CA GLU C 477 -20.92 52.67 -23.05
C GLU C 477 -22.24 52.79 -22.29
N LEU C 478 -23.22 53.44 -22.92
CA LEU C 478 -24.58 53.40 -22.39
C LEU C 478 -25.18 52.02 -22.62
N GLU C 479 -26.01 51.59 -21.68
CA GLU C 479 -26.59 50.25 -21.75
C GLU C 479 -27.98 50.22 -22.33
N HIS C 480 -28.55 51.35 -22.73
CA HIS C 480 -29.96 51.40 -23.09
C HIS C 480 -30.20 51.47 -24.59
N HIS C 481 -29.16 51.45 -25.42
CA HIS C 481 -29.25 51.48 -26.88
C HIS C 481 -29.72 52.84 -27.39
N HIS C 482 -28.95 53.48 -28.26
CA HIS C 482 -29.18 54.89 -28.52
C HIS C 482 -28.63 55.28 -29.88
N HIS C 483 -29.04 56.46 -30.34
CA HIS C 483 -28.47 57.12 -31.50
C HIS C 483 -28.40 58.62 -31.23
N HIS C 484 -27.74 59.35 -32.12
CA HIS C 484 -27.61 60.80 -31.96
C HIS C 484 -28.66 61.55 -32.77
N MET D 1 20.68 3.79 -26.79
CA MET D 1 20.16 5.09 -26.34
C MET D 1 21.30 6.01 -25.92
N LYS D 2 20.92 7.13 -25.31
CA LYS D 2 21.86 8.09 -24.76
C LYS D 2 21.74 8.06 -23.25
N LYS D 3 22.76 7.53 -22.59
CA LYS D 3 22.79 7.43 -21.14
C LYS D 3 23.91 8.31 -20.61
N LEU D 4 23.65 8.98 -19.49
CA LEU D 4 24.68 9.74 -18.80
C LEU D 4 25.38 8.77 -17.86
N PHE D 5 26.56 8.31 -18.26
CA PHE D 5 27.36 7.46 -17.40
C PHE D 5 27.95 8.29 -16.26
N LEU D 6 27.59 7.93 -15.03
CA LEU D 6 27.99 8.67 -13.84
C LEU D 6 28.87 7.79 -12.96
N VAL D 7 29.99 8.34 -12.50
CA VAL D 7 30.92 7.64 -11.62
C VAL D 7 30.97 8.41 -10.30
N PHE D 8 30.64 7.73 -9.21
CA PHE D 8 30.78 8.27 -7.87
C PHE D 8 32.07 7.72 -7.26
N TRP D 9 32.96 8.60 -6.83
CA TRP D 9 34.23 8.20 -6.23
C TRP D 9 34.38 8.94 -4.91
N TRP D 10 34.35 8.21 -3.80
CA TRP D 10 34.46 8.76 -2.46
C TRP D 10 35.86 8.50 -1.91
N HIS D 11 36.52 9.55 -1.45
CA HIS D 11 37.89 9.46 -0.95
C HIS D 11 37.88 9.41 0.57
N MET D 12 38.51 8.36 1.12
CA MET D 12 38.54 8.15 2.57
C MET D 12 39.98 8.12 3.06
N HIS D 13 40.34 9.10 3.89
CA HIS D 13 41.71 9.23 4.36
C HIS D 13 41.73 9.87 5.75
N GLN D 14 42.62 9.37 6.61
CA GLN D 14 42.95 10.00 7.89
C GLN D 14 44.46 10.06 8.01
N PRO D 15 45.04 11.19 8.42
CA PRO D 15 46.48 11.23 8.69
C PRO D 15 46.84 10.35 9.88
N LEU D 16 48.14 10.15 10.07
CA LEU D 16 48.63 9.24 11.12
C LEU D 16 48.62 9.95 12.46
N TYR D 17 47.61 9.68 13.29
CA TYR D 17 47.49 10.30 14.62
C TYR D 17 48.27 9.56 15.70
N ARG D 18 49.04 8.54 15.34
CA ARG D 18 49.74 7.72 16.31
C ARG D 18 51.13 8.29 16.55
N GLU D 19 51.38 8.78 17.76
CA GLU D 19 52.70 9.31 18.08
C GLU D 19 53.73 8.18 18.01
N PRO D 20 54.89 8.41 17.39
CA PRO D 20 55.86 7.31 17.23
C PRO D 20 56.38 6.74 18.55
N TYR D 21 56.79 7.61 19.48
CA TYR D 21 57.42 7.15 20.71
C TYR D 21 56.40 6.58 21.70
N THR D 22 55.39 7.39 22.07
CA THR D 22 54.40 6.95 23.05
C THR D 22 53.41 5.94 22.47
N GLY D 23 53.31 5.84 21.14
CA GLY D 23 52.37 4.93 20.53
C GLY D 23 50.91 5.25 20.81
N GLU D 24 50.61 6.51 21.09
CA GLU D 24 49.27 6.92 21.45
C GLU D 24 48.61 7.68 20.30
N TYR D 25 47.29 7.54 20.22
CA TYR D 25 46.49 8.26 19.23
C TYR D 25 46.08 9.59 19.85
N LEU D 26 46.74 10.66 19.42
CA LEU D 26 46.52 11.96 20.02
C LEU D 26 45.20 12.58 19.59
N LEU D 27 44.58 12.09 18.53
CA LEU D 27 43.30 12.61 18.06
C LEU D 27 42.37 11.45 17.74
N PRO D 28 41.10 11.56 18.14
CA PRO D 28 40.16 10.45 17.95
C PRO D 28 39.48 10.43 16.59
N TRP D 29 39.94 11.25 15.65
CA TRP D 29 39.18 11.48 14.42
C TRP D 29 39.00 10.20 13.62
N THR D 30 40.01 9.33 13.62
CA THR D 30 39.91 8.10 12.83
C THR D 30 38.82 7.19 13.37
N PHE D 31 38.69 7.11 14.71
CA PHE D 31 37.69 6.23 15.30
C PHE D 31 36.28 6.73 14.99
N PHE D 32 36.04 8.02 15.19
CA PHE D 32 34.69 8.56 15.01
C PHE D 32 34.22 8.48 13.56
N HIS D 33 35.14 8.62 12.61
CA HIS D 33 34.74 8.55 11.21
C HIS D 33 34.58 7.12 10.73
N ALA D 34 35.19 6.14 11.40
CA ALA D 34 34.97 4.75 11.04
C ALA D 34 33.58 4.28 11.49
N VAL D 35 33.17 4.68 12.69
CA VAL D 35 31.82 4.31 13.16
C VAL D 35 30.76 5.03 12.35
N LYS D 36 31.04 6.26 11.91
CA LYS D 36 30.02 7.05 11.23
C LYS D 36 29.93 6.70 9.76
N ASP D 37 31.04 6.86 9.02
CA ASP D 37 31.02 6.83 7.58
C ASP D 37 31.84 5.72 6.92
N TYR D 38 32.92 5.24 7.55
CA TYR D 38 33.85 4.41 6.79
C TYR D 38 33.26 3.04 6.47
N TYR D 39 32.38 2.52 7.33
CA TYR D 39 31.65 1.31 6.97
C TYR D 39 30.31 1.64 6.33
N ASP D 40 29.65 2.71 6.77
CA ASP D 40 28.29 2.96 6.34
C ASP D 40 28.22 3.36 4.88
N MET D 41 29.20 4.12 4.40
CA MET D 41 29.16 4.58 3.01
C MET D 41 29.20 3.44 2.00
N PRO D 42 30.12 2.48 2.10
CA PRO D 42 29.99 1.29 1.23
C PRO D 42 28.81 0.40 1.60
N ALA D 43 28.22 0.59 2.79
CA ALA D 43 27.06 -0.20 3.21
C ALA D 43 25.78 0.21 2.49
N TYR D 44 25.71 1.44 1.97
CA TYR D 44 24.55 1.84 1.19
C TYR D 44 24.33 0.93 -0.01
N LEU D 45 25.39 0.25 -0.49
CA LEU D 45 25.29 -0.59 -1.68
C LEU D 45 24.44 -1.83 -1.47
N LYS D 46 24.25 -2.25 -0.21
CA LYS D 46 23.39 -3.40 0.06
C LYS D 46 21.93 -3.06 -0.14
N ASP D 47 21.51 -1.85 0.25
CA ASP D 47 20.10 -1.48 0.20
C ASP D 47 19.70 -0.88 -1.16
N PHE D 48 20.65 -0.34 -1.91
CA PHE D 48 20.34 0.31 -3.19
C PHE D 48 21.22 -0.28 -4.29
N GLU D 49 20.62 -0.55 -5.43
CA GLU D 49 21.37 -0.99 -6.60
C GLU D 49 21.84 0.28 -7.30
N ILE D 50 23.06 0.67 -7.00
CA ILE D 50 23.81 1.56 -7.86
C ILE D 50 25.22 1.03 -7.86
N LYS D 51 26.14 1.75 -8.47
CA LYS D 51 27.55 1.42 -8.38
C LYS D 51 28.25 2.58 -7.68
N LEU D 52 29.00 2.26 -6.63
CA LEU D 52 29.73 3.26 -5.85
C LEU D 52 31.18 2.85 -5.77
N ASN D 53 32.08 3.83 -5.93
CA ASN D 53 33.52 3.59 -5.94
C ASN D 53 34.18 4.35 -4.81
N PHE D 54 35.21 3.73 -4.22
CA PHE D 54 35.79 4.24 -2.99
C PHE D 54 37.32 4.21 -3.08
N ASN D 55 37.94 5.19 -2.43
CA ASN D 55 39.38 5.27 -2.30
C ASN D 55 39.76 5.11 -0.84
N LEU D 56 40.77 4.30 -0.58
CA LEU D 56 41.25 4.00 0.78
C LEU D 56 42.74 4.29 0.84
N THR D 57 43.14 5.31 1.58
CA THR D 57 44.57 5.57 1.70
C THR D 57 45.22 4.54 2.62
N PRO D 58 46.46 4.13 2.33
CA PRO D 58 47.12 3.11 3.16
C PRO D 58 47.29 3.50 4.63
N VAL D 59 47.59 4.76 4.92
CA VAL D 59 47.72 5.16 6.32
C VAL D 59 46.39 4.99 7.05
N LEU D 60 45.28 5.20 6.35
CA LEU D 60 43.97 4.99 6.97
C LEU D 60 43.72 3.53 7.26
N ILE D 61 44.05 2.64 6.30
CA ILE D 61 43.84 1.21 6.52
C ILE D 61 44.64 0.73 7.74
N ASP D 62 45.91 1.14 7.84
CA ASP D 62 46.72 0.73 8.98
C ASP D 62 46.08 1.17 10.29
N GLN D 63 45.58 2.41 10.32
CA GLN D 63 44.98 2.95 11.53
C GLN D 63 43.73 2.20 11.93
N ILE D 64 42.93 1.77 10.94
CA ILE D 64 41.74 1.00 11.26
C ILE D 64 42.13 -0.37 11.80
N GLN D 65 43.11 -1.02 11.16
CA GLN D 65 43.53 -2.34 11.60
C GLN D 65 43.92 -2.32 13.07
N GLU D 66 44.74 -1.34 13.46
CA GLU D 66 45.13 -1.23 14.86
C GLU D 66 43.92 -1.12 15.77
N TYR D 67 42.96 -0.27 15.41
CA TYR D 67 41.77 -0.13 16.23
C TYR D 67 41.01 -1.44 16.33
N ALA D 68 40.98 -2.21 15.24
CA ALA D 68 40.23 -3.46 15.23
C ALA D 68 40.89 -4.51 16.11
N GLN D 69 42.23 -4.54 16.13
CA GLN D 69 42.95 -5.46 16.99
C GLN D 69 43.00 -5.00 18.44
N GLY D 70 42.38 -3.87 18.78
CA GLY D 70 42.43 -3.35 20.13
C GLY D 70 43.77 -2.81 20.58
N LYS D 71 44.71 -2.62 19.65
CA LYS D 71 46.07 -2.20 19.96
C LYS D 71 46.26 -0.69 19.93
N ALA D 72 45.22 0.08 19.62
CA ALA D 72 45.41 1.52 19.57
C ALA D 72 45.34 2.12 20.96
N LYS D 73 45.91 3.32 21.09
CA LYS D 73 45.98 4.04 22.35
C LYS D 73 45.39 5.43 22.13
N ASP D 74 44.07 5.48 21.94
CA ASP D 74 43.36 6.73 21.76
C ASP D 74 43.14 7.37 23.13
N VAL D 75 43.90 8.44 23.41
CA VAL D 75 43.81 9.08 24.72
C VAL D 75 42.40 9.62 24.96
N PHE D 76 41.72 10.08 23.91
CA PHE D 76 40.39 10.62 24.09
C PHE D 76 39.38 9.51 24.36
N LEU D 77 39.54 8.35 23.70
CA LEU D 77 38.62 7.24 23.91
C LEU D 77 38.70 6.69 25.33
N GLU D 78 39.88 6.74 25.95
CA GLU D 78 39.97 6.33 27.34
C GLU D 78 39.27 7.33 28.27
N ALA D 79 39.23 8.60 27.89
CA ALA D 79 38.48 9.57 28.69
C ALA D 79 36.99 9.22 28.71
N ILE D 80 36.44 8.83 27.55
CA ILE D 80 35.02 8.48 27.49
C ILE D 80 34.77 7.15 28.19
N ARG D 81 35.67 6.18 28.04
CA ARG D 81 35.42 4.84 28.56
C ARG D 81 35.49 4.83 30.09
N LYS D 82 36.49 5.48 30.66
CA LYS D 82 36.68 5.47 32.11
C LYS D 82 35.44 6.03 32.81
N ASP D 83 35.15 5.48 33.99
CA ASP D 83 34.13 6.07 34.85
C ASP D 83 34.55 7.49 35.21
N PRO D 84 33.60 8.43 35.30
CA PRO D 84 33.96 9.83 35.59
C PRO D 84 34.72 10.03 36.88
N ASP D 85 34.66 9.05 37.78
CA ASP D 85 35.33 9.16 39.07
C ASP D 85 36.84 8.93 38.96
N ASP D 86 37.28 8.03 38.07
CA ASP D 86 38.69 7.77 37.83
C ASP D 86 39.29 8.70 36.79
N LEU D 87 38.54 9.72 36.37
CA LEU D 87 39.01 10.64 35.34
C LEU D 87 39.89 11.72 35.95
N GLU D 88 40.94 12.09 35.23
CA GLU D 88 41.80 13.21 35.62
C GLU D 88 41.17 14.54 35.21
N LYS D 89 41.67 15.61 35.82
CA LYS D 89 41.08 16.93 35.58
C LYS D 89 41.20 17.34 34.11
N GLU D 90 42.34 17.03 33.47
CA GLU D 90 42.54 17.41 32.07
C GLU D 90 41.58 16.66 31.16
N GLU D 91 41.34 15.38 31.42
CA GLU D 91 40.45 14.58 30.58
C GLU D 91 39.05 15.18 30.51
N VAL D 92 38.60 15.84 31.58
CA VAL D 92 37.28 16.46 31.57
C VAL D 92 37.28 17.67 30.64
N GLU D 93 38.34 18.48 30.68
CA GLU D 93 38.45 19.62 29.77
C GLU D 93 38.61 19.16 28.34
N LYS D 94 39.23 18.00 28.11
CA LYS D 94 39.35 17.48 26.75
C LYS D 94 37.98 17.10 26.20
N LEU D 95 37.14 16.48 27.04
CA LEU D 95 35.77 16.19 26.63
C LEU D 95 34.94 17.47 26.53
N ILE D 96 35.23 18.47 27.34
CA ILE D 96 34.55 19.76 27.21
C ILE D 96 34.89 20.39 25.87
N GLU D 97 36.17 20.39 25.49
CA GLU D 97 36.58 21.00 24.23
C GLU D 97 35.95 20.29 23.03
N PHE D 98 35.90 18.96 23.07
CA PHE D 98 35.35 18.21 21.95
C PHE D 98 33.89 18.55 21.69
N THR D 99 33.05 18.51 22.74
CA THR D 99 31.66 18.90 22.57
C THR D 99 31.54 20.34 22.11
N LYS D 100 32.35 21.23 22.70
CA LYS D 100 32.32 22.64 22.30
C LYS D 100 32.66 22.79 20.82
N LEU D 101 33.64 22.02 20.34
CA LEU D 101 34.04 22.13 18.93
C LEU D 101 32.95 21.63 18.00
N ASN D 102 32.31 20.52 18.33
CA ASN D 102 31.26 19.95 17.51
C ASN D 102 29.87 20.36 17.98
N TYR D 103 29.78 21.42 18.79
CA TYR D 103 28.50 21.82 19.38
C TYR D 103 27.45 22.11 18.33
N GLU D 104 27.80 22.90 17.32
CA GLU D 104 26.86 23.39 16.34
C GLU D 104 26.66 22.43 15.17
N LYS D 105 27.37 21.32 15.13
CA LYS D 105 27.12 20.34 14.09
C LYS D 105 25.77 19.66 14.33
N PRO D 106 24.96 19.47 13.29
CA PRO D 106 23.63 18.87 13.48
C PRO D 106 23.65 17.52 14.16
N ILE D 107 24.74 16.76 14.02
CA ILE D 107 24.81 15.46 14.67
C ILE D 107 24.89 15.61 16.18
N TYR D 108 25.32 16.77 16.67
CA TYR D 108 25.41 17.07 18.10
C TYR D 108 24.18 17.84 18.59
N ARG D 109 22.98 17.48 18.11
CA ARG D 109 21.78 18.20 18.49
C ARG D 109 20.99 17.35 19.48
N PHE D 110 21.45 17.37 20.72
CA PHE D 110 20.75 16.76 21.85
C PHE D 110 20.53 17.84 22.90
N GLU D 111 19.34 17.83 23.51
CA GLU D 111 19.05 18.86 24.52
C GLU D 111 19.90 18.67 25.76
N ARG D 112 20.15 17.42 26.15
CA ARG D 112 21.05 17.17 27.28
C ARG D 112 22.42 17.80 27.06
N ILE D 113 22.95 17.74 25.84
CA ILE D 113 24.24 18.36 25.54
C ILE D 113 24.20 19.84 25.85
N ARG D 114 23.09 20.51 25.51
CA ARG D 114 22.96 21.95 25.73
C ARG D 114 23.05 22.29 27.21
N GLU D 115 22.24 21.63 28.05
CA GLU D 115 22.22 21.93 29.48
C GLU D 115 23.57 21.64 30.12
N LEU D 116 24.23 20.55 29.70
CA LEU D 116 25.51 20.17 30.28
C LEU D 116 26.53 21.30 30.16
N MET D 117 26.58 21.96 29.00
CA MET D 117 27.50 23.07 28.81
C MET D 117 27.05 24.31 29.59
N ASN D 118 25.74 24.47 29.79
CA ASN D 118 25.26 25.60 30.60
C ASN D 118 25.60 25.40 32.06
N LYS D 119 25.56 24.16 32.54
CA LYS D 119 25.94 23.88 33.92
C LYS D 119 27.45 24.04 34.09
N GLU D 120 27.83 24.84 35.09
CA GLU D 120 29.23 25.16 35.36
C GLU D 120 29.98 23.95 35.88
N LYS D 121 29.47 23.29 36.92
CA LYS D 121 30.08 22.12 37.53
C LYS D 121 29.23 20.88 37.23
N LEU D 122 29.88 19.75 37.02
CA LEU D 122 29.21 18.54 36.54
C LEU D 122 29.62 17.35 37.39
N ASN D 123 28.66 16.46 37.67
CA ASN D 123 28.90 15.28 38.49
C ASN D 123 29.13 14.07 37.60
N ARG D 124 29.21 12.89 38.24
CA ARG D 124 29.49 11.66 37.52
C ARG D 124 28.39 11.34 36.52
N GLU D 125 27.13 11.53 36.91
CA GLU D 125 26.02 11.19 36.03
C GLU D 125 25.97 12.11 34.82
N GLU D 126 26.23 13.39 35.02
CA GLU D 126 26.27 14.34 33.90
C GLU D 126 27.48 14.06 33.01
N LEU D 127 28.66 13.92 33.61
CA LEU D 127 29.86 13.61 32.83
C LEU D 127 29.67 12.32 32.04
N LEU D 128 29.12 11.30 32.68
CA LEU D 128 28.78 10.07 31.97
C LEU D 128 27.87 10.34 30.79
N ASP D 129 26.90 11.25 30.97
CA ASP D 129 26.00 11.57 29.88
C ASP D 129 26.73 12.29 28.76
N LEU D 130 27.61 13.23 29.10
CA LEU D 130 28.41 13.89 28.08
C LEU D 130 29.23 12.88 27.28
N GLN D 131 29.93 11.99 27.97
CA GLN D 131 30.67 10.90 27.33
C GLN D 131 29.80 10.15 26.32
N THR D 132 28.68 9.60 26.80
CA THR D 132 27.85 8.75 25.95
C THR D 132 27.29 9.51 24.77
N LEU D 133 26.85 10.75 24.99
CA LEU D 133 26.22 11.51 23.91
C LEU D 133 27.23 11.86 22.82
N ASN D 134 28.48 12.13 23.20
CA ASN D 134 29.53 12.32 22.21
C ASN D 134 29.68 11.07 21.34
N LEU D 135 29.62 9.88 21.95
CA LEU D 135 29.68 8.64 21.20
C LEU D 135 28.46 8.47 20.29
N LEU D 136 27.27 8.81 20.81
CA LEU D 136 26.04 8.67 20.04
C LEU D 136 25.93 9.69 18.92
N ALA D 137 26.69 10.78 18.97
CA ALA D 137 26.59 11.82 17.93
C ALA D 137 27.19 11.37 16.61
N TRP D 138 28.13 10.42 16.63
CA TRP D 138 28.72 9.87 15.42
C TRP D 138 28.11 8.53 15.04
N CYS D 139 26.89 8.27 15.49
CA CYS D 139 26.23 7.00 15.22
C CYS D 139 25.88 6.89 13.74
N GLY D 140 26.29 5.79 13.12
CA GLY D 140 26.06 5.57 11.71
C GLY D 140 24.70 4.97 11.41
N ARG D 141 24.39 4.93 10.11
CA ARG D 141 23.10 4.43 9.65
C ARG D 141 22.83 3.02 10.13
N THR D 142 23.85 2.16 10.11
CA THR D 142 23.62 0.74 10.35
C THR D 142 23.23 0.48 11.80
N LEU D 143 23.92 1.12 12.75
CA LEU D 143 23.66 0.88 14.16
C LEU D 143 22.53 1.74 14.71
N ARG D 144 21.82 2.46 13.84
CA ARG D 144 20.73 3.31 14.31
C ARG D 144 19.64 2.49 14.98
N LYS D 145 19.25 1.36 14.37
CA LYS D 145 18.14 0.59 14.90
C LYS D 145 18.47 -0.05 16.24
N ASP D 146 19.64 -0.70 16.33
CA ASP D 146 20.02 -1.37 17.57
C ASP D 146 20.22 -0.37 18.70
N LEU D 147 20.82 0.77 18.40
CA LEU D 147 21.04 1.82 19.39
C LEU D 147 19.93 2.86 19.40
N LYS D 148 18.74 2.49 18.94
CA LYS D 148 17.66 3.46 18.83
C LYS D 148 17.12 3.87 20.20
N ASP D 149 16.85 2.89 21.06
CA ASP D 149 16.28 3.20 22.36
C ASP D 149 17.23 4.09 23.15
N LEU D 150 18.53 3.76 23.16
CA LEU D 150 19.50 4.59 23.85
C LEU D 150 19.47 6.01 23.30
N LEU D 151 19.34 6.14 21.97
CA LEU D 151 19.31 7.46 21.35
C LEU D 151 18.09 8.26 21.80
N ASN D 152 16.94 7.59 21.93
CA ASN D 152 15.71 8.32 22.23
C ASN D 152 15.69 8.83 23.66
N LYS D 153 16.35 8.15 24.59
CA LYS D 153 16.43 8.64 25.97
C LYS D 153 17.03 10.03 26.02
N GLY D 154 18.24 10.20 25.49
CA GLY D 154 18.91 11.47 25.51
C GLY D 154 19.58 11.82 26.82
N ARG D 155 19.33 11.06 27.89
CA ARG D 155 19.92 11.36 29.19
C ARG D 155 19.90 10.08 30.02
N ASN D 156 20.32 10.20 31.29
CA ASN D 156 20.21 9.11 32.27
C ASN D 156 20.99 7.86 31.85
N TYR D 157 22.02 8.04 31.04
CA TYR D 157 22.84 6.92 30.61
C TYR D 157 23.69 6.40 31.76
N THR D 158 23.89 5.09 31.76
CA THR D 158 24.77 4.43 32.71
C THR D 158 26.06 4.00 32.01
N GLN D 159 27.05 3.62 32.81
CA GLN D 159 28.30 3.13 32.23
C GLN D 159 28.05 1.94 31.33
N GLU D 160 27.21 0.99 31.77
CA GLU D 160 26.96 -0.23 31.01
C GLU D 160 26.48 0.08 29.59
N GLU D 161 25.45 0.93 29.47
CA GLU D 161 24.97 1.33 28.15
C GLU D 161 26.04 2.05 27.35
N LYS D 162 26.94 2.78 28.02
CA LYS D 162 28.06 3.40 27.31
C LYS D 162 29.00 2.33 26.75
N GLU D 163 29.41 1.38 27.58
CA GLU D 163 30.29 0.31 27.10
C GLU D 163 29.59 -0.54 26.05
N TYR D 164 28.27 -0.69 26.14
CA TYR D 164 27.54 -1.36 25.08
C TYR D 164 27.73 -0.65 23.75
N VAL D 165 27.67 0.69 23.76
CA VAL D 165 27.84 1.46 22.54
C VAL D 165 29.23 1.23 21.96
N LEU D 166 30.26 1.27 22.81
CA LEU D 166 31.63 1.13 22.33
C LEU D 166 31.86 -0.24 21.71
N ASN D 167 31.30 -1.28 22.34
CA ASN D 167 31.41 -2.62 21.77
C ASN D 167 30.67 -2.72 20.44
N LYS D 168 29.52 -2.04 20.34
CA LYS D 168 28.83 -1.99 19.06
C LYS D 168 29.64 -1.23 18.03
N TYR D 169 30.21 -0.09 18.43
CA TYR D 169 31.03 0.70 17.51
C TYR D 169 32.24 -0.10 17.05
N PHE D 170 32.93 -0.76 17.99
CA PHE D 170 34.14 -1.49 17.63
C PHE D 170 33.83 -2.66 16.72
N GLU D 171 32.63 -3.23 16.83
CA GLU D 171 32.19 -4.23 15.87
C GLU D 171 32.18 -3.69 14.45
N ILE D 172 31.66 -2.48 14.28
CA ILE D 172 31.67 -1.84 12.96
C ILE D 172 33.09 -1.67 12.46
N ILE D 173 34.01 -1.35 13.37
CA ILE D 173 35.40 -1.21 12.98
C ILE D 173 35.96 -2.54 12.50
N LYS D 174 35.60 -3.62 13.19
CA LYS D 174 36.11 -4.95 12.83
C LYS D 174 35.56 -5.44 11.51
N LYS D 175 34.42 -4.93 11.06
CA LYS D 175 33.84 -5.30 9.78
C LYS D 175 34.14 -4.32 8.66
N THR D 176 34.88 -3.24 8.94
CA THR D 176 35.03 -2.16 7.98
C THR D 176 35.73 -2.61 6.70
N LEU D 177 36.93 -3.17 6.84
CA LEU D 177 37.69 -3.51 5.62
C LEU D 177 37.01 -4.62 4.84
N SER D 178 36.28 -5.49 5.53
CA SER D 178 35.63 -6.60 4.85
C SER D 178 34.56 -6.11 3.88
N ILE D 179 33.86 -5.02 4.23
CA ILE D 179 32.80 -4.57 3.33
C ILE D 179 33.41 -3.95 2.08
N TYR D 180 34.60 -3.37 2.19
CA TYR D 180 35.26 -2.91 0.98
C TYR D 180 35.71 -4.10 0.15
N ARG D 181 36.16 -5.17 0.79
CA ARG D 181 36.54 -6.36 0.03
C ARG D 181 35.34 -6.94 -0.70
N GLU D 182 34.16 -6.86 -0.08
CA GLU D 182 32.95 -7.39 -0.69
C GLU D 182 32.61 -6.65 -1.97
N ILE D 183 32.36 -5.34 -1.87
CA ILE D 183 31.90 -4.56 -3.03
C ILE D 183 32.86 -4.71 -4.19
N LYS D 184 34.15 -4.91 -3.91
CA LYS D 184 35.14 -5.09 -4.97
C LYS D 184 34.96 -6.43 -5.66
N GLU D 185 34.86 -7.51 -4.88
CA GLU D 185 34.66 -8.83 -5.48
C GLU D 185 33.26 -8.96 -6.08
N GLU D 186 32.25 -8.41 -5.42
CA GLU D 186 30.87 -8.58 -5.85
C GLU D 186 30.50 -7.73 -7.06
N GLY D 187 31.45 -7.00 -7.64
CA GLY D 187 31.12 -6.12 -8.74
C GLY D 187 30.24 -4.95 -8.38
N LYS D 188 30.05 -4.67 -7.09
CA LYS D 188 29.25 -3.51 -6.71
C LYS D 188 30.02 -2.22 -6.90
N GLY D 189 31.34 -2.26 -6.80
CA GLY D 189 32.12 -1.05 -6.94
C GLY D 189 33.60 -1.34 -7.02
N SER D 190 34.35 -0.27 -7.28
CA SER D 190 35.79 -0.35 -7.41
C SER D 190 36.45 0.35 -6.23
N VAL D 191 37.56 -0.19 -5.77
CA VAL D 191 38.32 0.40 -4.66
C VAL D 191 39.70 0.79 -5.18
N SER D 192 40.17 1.95 -4.75
CA SER D 192 41.42 2.51 -5.20
C SER D 192 42.24 2.88 -3.98
N THR D 193 43.45 3.38 -4.23
CA THR D 193 44.29 3.83 -3.14
C THR D 193 45.03 5.08 -3.59
N SER D 194 45.82 5.63 -2.68
CA SER D 194 46.68 6.78 -2.94
C SER D 194 48.08 6.39 -2.52
N PRO D 195 49.09 7.22 -2.84
CA PRO D 195 50.39 7.04 -2.20
C PRO D 195 50.26 7.07 -0.68
N TYR D 196 51.12 6.28 -0.02
CA TYR D 196 50.85 5.78 1.33
C TYR D 196 50.29 6.84 2.28
N TYR D 197 51.02 7.93 2.49
CA TYR D 197 50.68 8.89 3.54
C TYR D 197 50.07 10.18 2.98
N HIS D 198 49.20 10.05 1.98
CA HIS D 198 48.55 11.18 1.32
C HIS D 198 49.53 12.31 0.99
N PRO D 199 50.65 12.04 0.34
CA PRO D 199 51.62 13.10 0.05
C PRO D 199 51.27 13.84 -1.23
N LEU D 200 51.96 14.96 -1.45
CA LEU D 200 51.84 15.75 -2.67
C LEU D 200 52.96 15.36 -3.63
N ILE D 201 52.73 14.29 -4.41
CA ILE D 201 53.79 13.75 -5.27
C ILE D 201 54.34 14.77 -6.25
N PRO D 202 53.52 15.59 -6.95
CA PRO D 202 54.10 16.61 -7.85
C PRO D 202 55.23 17.42 -7.23
N ILE D 203 55.07 17.87 -5.98
CA ILE D 203 56.11 18.66 -5.33
C ILE D 203 57.32 17.80 -4.99
N LEU D 204 57.09 16.56 -4.54
CA LEU D 204 58.20 15.68 -4.16
C LEU D 204 59.10 15.34 -5.34
N LEU D 205 58.56 15.23 -6.55
CA LEU D 205 59.39 14.97 -7.74
C LEU D 205 60.11 16.23 -8.17
N ASN D 206 59.37 17.23 -8.62
CA ASN D 206 59.97 18.53 -8.95
C ASN D 206 59.26 19.63 -8.18
N PRO D 207 59.89 20.20 -7.15
CA PRO D 207 59.25 21.30 -6.40
C PRO D 207 58.91 22.51 -7.25
N ASN D 208 59.52 22.68 -8.41
CA ASN D 208 59.23 23.80 -9.27
C ASN D 208 57.91 23.68 -10.00
N CYS D 209 57.13 22.62 -9.75
CA CYS D 209 55.79 22.53 -10.31
C CYS D 209 54.87 23.63 -9.80
N VAL D 210 55.20 24.23 -8.65
CA VAL D 210 54.33 25.26 -8.07
C VAL D 210 54.32 26.51 -8.95
N TYR D 211 55.39 26.76 -9.69
CA TYR D 211 55.49 27.99 -10.47
C TYR D 211 54.69 27.97 -11.75
N GLU D 212 54.18 26.80 -12.15
CA GLU D 212 53.33 26.76 -13.34
C GLU D 212 52.07 27.59 -13.13
N THR D 213 51.41 27.41 -11.98
CA THR D 213 50.21 28.16 -11.67
C THR D 213 50.48 29.44 -10.89
N THR D 214 51.55 29.48 -10.09
CA THR D 214 51.84 30.60 -9.22
C THR D 214 53.30 31.00 -9.44
N PRO D 215 53.56 31.91 -10.40
CA PRO D 215 54.94 32.15 -10.81
C PRO D 215 55.77 32.96 -9.83
N ASN D 216 55.16 33.80 -8.99
CA ASN D 216 55.95 34.67 -8.11
C ASN D 216 55.92 34.24 -6.65
N VAL D 217 55.51 33.00 -6.36
CA VAL D 217 55.57 32.53 -4.98
C VAL D 217 57.00 32.25 -4.55
N LYS D 218 57.23 32.29 -3.25
CA LYS D 218 58.53 31.99 -2.67
C LYS D 218 58.42 30.68 -1.91
N ILE D 219 59.29 29.74 -2.27
CA ILE D 219 59.35 28.45 -1.61
C ILE D 219 60.76 28.28 -1.08
N PRO D 220 60.96 27.40 -0.10
CA PRO D 220 62.30 27.17 0.42
C PRO D 220 63.18 26.53 -0.63
N ASP D 221 64.48 26.54 -0.37
CA ASP D 221 65.44 25.87 -1.25
C ASP D 221 65.46 24.39 -0.89
N PHE D 222 65.16 23.54 -1.88
CA PHE D 222 65.16 22.09 -1.68
C PHE D 222 66.55 21.56 -2.01
N ALA D 223 67.41 21.53 -0.99
CA ALA D 223 68.76 21.01 -1.13
C ALA D 223 68.83 19.49 -0.96
N VAL D 224 67.71 18.81 -1.14
CA VAL D 224 67.67 17.35 -1.12
C VAL D 224 66.69 16.90 -2.20
N SER D 225 66.81 15.64 -2.58
CA SER D 225 65.89 15.03 -3.52
C SER D 225 64.81 14.28 -2.72
N PHE D 226 63.55 14.43 -3.14
CA PHE D 226 62.46 13.63 -2.63
C PHE D 226 61.89 12.70 -3.69
N ARG D 227 62.57 12.59 -4.84
CA ARG D 227 62.05 11.81 -5.96
C ARG D 227 61.96 10.33 -5.62
N GLU D 228 62.94 9.81 -4.89
CA GLU D 228 62.87 8.41 -4.47
C GLU D 228 61.73 8.18 -3.49
N ASP D 229 61.44 9.17 -2.62
CA ASP D 229 60.36 9.01 -1.65
C ASP D 229 58.99 8.97 -2.33
N ALA D 230 58.85 9.62 -3.48
CA ALA D 230 57.61 9.50 -4.26
C ALA D 230 57.43 8.08 -4.78
N SER D 231 58.50 7.44 -5.24
CA SER D 231 58.41 6.05 -5.66
C SER D 231 57.98 5.16 -4.50
N LYS D 232 58.53 5.40 -3.31
CA LYS D 232 58.21 4.56 -2.16
C LYS D 232 56.75 4.72 -1.75
N HIS D 233 56.21 5.93 -1.84
CA HIS D 233 54.82 6.13 -1.44
C HIS D 233 53.87 5.35 -2.34
N VAL D 234 54.18 5.23 -3.63
CA VAL D 234 53.30 4.51 -4.55
C VAL D 234 53.55 3.00 -4.48
N GLU D 235 54.81 2.59 -4.25
CA GLU D 235 55.12 1.17 -4.19
C GLU D 235 54.57 0.54 -2.91
N LEU D 236 54.78 1.19 -1.76
CA LEU D 236 54.25 0.66 -0.50
C LEU D 236 52.73 0.68 -0.48
N ALA D 237 52.11 1.62 -1.20
CA ALA D 237 50.65 1.59 -1.36
C ALA D 237 50.22 0.37 -2.14
N LYS D 238 50.97 0.01 -3.19
CA LYS D 238 50.64 -1.17 -3.98
C LYS D 238 50.69 -2.43 -3.14
N GLU D 239 51.63 -2.48 -2.19
CA GLU D 239 51.75 -3.66 -1.34
C GLU D 239 50.68 -3.72 -0.27
N LYS D 240 50.26 -2.57 0.25
CA LYS D 240 49.16 -2.57 1.21
C LYS D 240 47.85 -2.98 0.54
N TYR D 241 47.65 -2.53 -0.71
CA TYR D 241 46.47 -2.94 -1.46
C TYR D 241 46.48 -4.44 -1.74
N PHE D 242 47.67 -5.01 -1.92
CA PHE D 242 47.77 -6.46 -2.08
C PHE D 242 47.36 -7.18 -0.79
N GLU D 243 47.65 -6.57 0.35
CA GLU D 243 47.31 -7.17 1.63
C GLU D 243 45.80 -7.36 1.75
N ILE D 244 45.05 -6.28 1.55
CA ILE D 244 43.60 -6.33 1.76
C ILE D 244 42.93 -7.12 0.64
N PHE D 245 43.11 -6.66 -0.60
CA PHE D 245 42.30 -7.15 -1.70
C PHE D 245 42.98 -8.21 -2.55
N GLY D 246 44.21 -8.59 -2.22
CA GLY D 246 44.85 -9.71 -2.89
C GLY D 246 45.41 -9.42 -4.27
N GLU D 247 45.37 -8.16 -4.72
CA GLU D 247 45.88 -7.85 -6.05
C GLU D 247 46.52 -6.47 -6.03
N HIS D 248 47.19 -6.14 -7.10
CA HIS D 248 47.78 -4.82 -7.05
C HIS D 248 46.80 -3.79 -7.57
N PRO D 249 46.88 -2.54 -7.10
CA PRO D 249 45.92 -1.52 -7.52
C PRO D 249 46.25 -1.03 -8.93
N VAL D 250 45.22 -0.91 -9.76
CA VAL D 250 45.36 -0.37 -11.11
C VAL D 250 44.74 1.00 -11.26
N TYR D 251 43.96 1.46 -10.29
CA TYR D 251 43.40 2.80 -10.27
C TYR D 251 43.85 3.49 -8.98
N MET D 252 44.27 4.75 -9.09
CA MET D 252 44.72 5.50 -7.93
C MET D 252 44.15 6.90 -7.94
N TRP D 253 43.85 7.42 -6.76
CA TRP D 253 43.44 8.80 -6.62
C TRP D 253 44.62 9.64 -6.15
N PRO D 254 45.08 10.62 -6.92
CA PRO D 254 46.16 11.48 -6.45
C PRO D 254 45.67 12.34 -5.29
N PRO D 255 46.44 12.42 -4.20
CA PRO D 255 46.03 13.25 -3.07
C PRO D 255 45.86 14.70 -3.48
N GLN D 256 44.78 15.30 -3.00
CA GLN D 256 44.41 16.68 -3.30
C GLN D 256 44.22 16.91 -4.79
N ALA D 257 43.97 15.85 -5.56
CA ALA D 257 43.88 15.90 -7.02
C ALA D 257 45.17 16.40 -7.66
N SER D 258 46.27 16.41 -6.92
CA SER D 258 47.53 16.98 -7.41
C SER D 258 48.07 16.12 -8.54
N VAL D 259 48.29 16.76 -9.69
CA VAL D 259 48.84 16.10 -10.87
C VAL D 259 49.97 16.96 -11.41
N SER D 260 50.92 16.29 -12.03
CA SER D 260 52.00 16.93 -12.76
C SER D 260 52.37 16.00 -13.90
N ASN D 261 53.05 16.55 -14.91
CA ASN D 261 53.54 15.71 -15.99
C ASN D 261 54.48 14.64 -15.46
N GLU D 262 55.36 14.99 -14.52
CA GLU D 262 56.25 14.00 -13.93
C GLU D 262 55.47 13.00 -13.08
N ALA D 263 54.49 13.48 -12.32
CA ALA D 263 53.70 12.56 -11.48
C ALA D 263 52.94 11.57 -12.34
N LEU D 264 52.33 12.04 -13.42
CA LEU D 264 51.65 11.12 -14.34
C LEU D 264 52.59 10.04 -14.83
N GLU D 265 53.84 10.40 -15.15
CA GLU D 265 54.80 9.40 -15.60
C GLU D 265 55.17 8.43 -14.47
N LEU D 266 55.12 8.89 -13.22
CA LEU D 266 55.44 8.00 -12.11
C LEU D 266 54.34 6.96 -11.91
N TYR D 267 53.07 7.38 -12.04
CA TYR D 267 51.95 6.45 -11.86
C TYR D 267 51.92 5.40 -12.96
N TYR D 268 52.17 5.81 -14.21
CA TYR D 268 52.26 4.83 -15.28
C TYR D 268 53.39 3.84 -15.03
N GLU D 269 54.52 4.33 -14.52
CA GLU D 269 55.67 3.45 -14.27
C GLU D 269 55.36 2.45 -13.17
N LYS D 270 54.49 2.82 -12.24
CA LYS D 270 54.15 1.97 -11.12
C LYS D 270 52.89 1.14 -11.38
N GLY D 271 52.44 1.08 -12.62
CA GLY D 271 51.38 0.17 -13.03
C GLY D 271 49.99 0.76 -13.05
N ILE D 272 49.83 2.04 -12.73
CA ILE D 272 48.50 2.64 -12.69
C ILE D 272 48.02 2.89 -14.12
N ASN D 273 46.78 2.48 -14.41
CA ASN D 273 46.18 2.73 -15.71
C ASN D 273 45.25 3.93 -15.72
N MET D 274 44.71 4.33 -14.57
CA MET D 274 43.72 5.40 -14.52
C MET D 274 43.91 6.24 -13.26
N LEU D 275 43.64 7.54 -13.40
CA LEU D 275 43.63 8.46 -12.28
C LEU D 275 42.68 9.61 -12.62
N ALA D 276 42.38 10.44 -11.63
CA ALA D 276 41.44 11.53 -11.81
C ALA D 276 41.95 12.78 -11.13
N THR D 277 41.53 13.94 -11.63
CA THR D 277 41.94 15.21 -11.05
C THR D 277 40.83 16.24 -11.26
N ASP D 278 41.07 17.45 -10.76
CA ASP D 278 40.08 18.52 -10.84
C ASP D 278 40.00 19.10 -12.24
N GLU D 279 38.81 19.57 -12.62
CA GLU D 279 38.62 20.13 -13.95
C GLU D 279 39.26 21.51 -14.11
N VAL D 280 39.62 22.18 -13.02
CA VAL D 280 40.38 23.42 -13.17
C VAL D 280 41.72 23.15 -13.84
N ILE D 281 42.32 21.99 -13.57
CA ILE D 281 43.56 21.63 -14.22
C ILE D 281 43.34 21.48 -15.73
N LEU D 282 42.25 20.82 -16.10
CA LEU D 282 41.93 20.65 -17.53
C LEU D 282 41.73 21.99 -18.21
N LYS D 283 41.00 22.91 -17.57
CA LYS D 283 40.82 24.24 -18.13
C LYS D 283 42.14 25.01 -18.21
N ASN D 284 43.09 24.71 -17.30
CA ASN D 284 44.44 25.26 -17.38
C ASN D 284 45.34 24.50 -18.35
N SER D 285 45.01 23.25 -18.68
CA SER D 285 45.86 22.40 -19.50
C SER D 285 45.40 22.28 -20.94
N VAL D 286 44.10 22.48 -21.21
CA VAL D 286 43.54 22.49 -22.57
C VAL D 286 42.58 23.67 -22.63
N GLU D 287 42.31 24.15 -23.86
CA GLU D 287 41.52 25.36 -24.07
C GLU D 287 40.14 25.30 -23.41
N ARG D 288 39.14 24.77 -24.10
CA ARG D 288 37.79 24.65 -23.54
C ARG D 288 37.33 23.21 -23.56
N ALA D 289 38.24 22.29 -23.22
CA ALA D 289 37.91 20.87 -23.23
C ALA D 289 36.92 20.55 -22.11
N SER D 290 35.92 19.72 -22.42
CA SER D 290 34.92 19.37 -21.43
C SER D 290 35.49 18.36 -20.45
N PRO D 291 34.91 18.26 -19.25
CA PRO D 291 35.33 17.23 -18.30
C PRO D 291 34.69 15.88 -18.56
N TYR D 292 33.67 15.81 -19.42
CA TYR D 292 32.87 14.61 -19.64
C TYR D 292 33.43 13.73 -20.74
N LEU D 293 34.75 13.57 -20.79
CA LEU D 293 35.41 12.75 -21.77
C LEU D 293 36.49 11.93 -21.08
N ARG D 294 36.93 10.87 -21.74
CA ARG D 294 38.09 10.14 -21.26
C ARG D 294 39.32 10.67 -21.97
N TYR D 295 40.33 11.02 -21.20
CA TYR D 295 41.56 11.59 -21.72
C TYR D 295 42.70 10.58 -21.54
N TYR D 296 43.48 10.40 -22.60
CA TYR D 296 44.67 9.55 -22.60
C TYR D 296 45.90 10.44 -22.61
N PHE D 297 46.66 10.42 -21.52
CA PHE D 297 47.84 11.29 -21.38
C PHE D 297 49.00 10.63 -22.13
N ARG D 298 49.34 11.16 -23.31
CA ARG D 298 50.43 10.66 -24.15
C ARG D 298 50.29 9.18 -24.47
N GLU D 299 49.05 8.66 -24.46
CA GLU D 299 48.70 7.26 -24.68
C GLU D 299 49.30 6.30 -23.66
N LEU D 300 49.75 6.79 -22.51
CA LEU D 300 50.35 5.96 -21.47
C LEU D 300 49.42 5.72 -20.29
N ILE D 301 48.62 6.72 -19.91
CA ILE D 301 47.72 6.60 -18.78
C ILE D 301 46.42 7.33 -19.12
N SER D 302 45.31 6.81 -18.60
CA SER D 302 43.99 7.39 -18.81
C SER D 302 43.65 8.32 -17.65
N VAL D 303 43.05 9.46 -17.98
CA VAL D 303 42.69 10.46 -16.98
C VAL D 303 41.25 10.87 -17.18
N PHE D 304 40.54 11.05 -16.07
CA PHE D 304 39.19 11.60 -16.04
C PHE D 304 39.19 12.84 -15.17
N PHE D 305 38.45 13.86 -15.57
CA PHE D 305 38.41 15.12 -14.85
C PHE D 305 37.05 15.25 -14.16
N ARG D 306 37.07 15.46 -12.85
CA ARG D 306 35.83 15.55 -12.09
C ARG D 306 35.07 16.82 -12.45
N ASP D 307 33.82 16.87 -12.01
CA ASP D 307 32.98 18.06 -12.14
C ASP D 307 33.02 18.78 -10.80
N LYS D 308 33.65 19.96 -10.77
CA LYS D 308 33.80 20.71 -9.53
C LYS D 308 32.44 21.08 -8.94
N THR D 309 31.54 21.62 -9.77
CA THR D 309 30.24 22.08 -9.30
C THR D 309 29.46 20.94 -8.66
N LEU D 310 29.36 19.81 -9.35
CA LEU D 310 28.62 18.68 -8.81
C LEU D 310 29.26 18.13 -7.55
N SER D 311 30.59 17.96 -7.57
CA SER D 311 31.28 17.40 -6.40
C SER D 311 31.31 18.39 -5.24
N ASP D 312 31.46 19.68 -5.53
CA ASP D 312 31.49 20.66 -4.45
C ASP D 312 30.09 20.97 -3.91
N LEU D 313 29.06 20.85 -4.75
CA LEU D 313 27.69 21.03 -4.25
C LEU D 313 27.40 20.05 -3.11
N ILE D 314 27.66 18.77 -3.32
CA ILE D 314 27.45 17.78 -2.25
C ILE D 314 28.33 18.08 -1.04
N GLY D 315 29.55 18.55 -1.28
CA GLY D 315 30.48 18.73 -0.18
C GLY D 315 30.21 19.98 0.64
N PHE D 316 29.77 21.05 0.00
CA PHE D 316 29.67 22.33 0.69
C PHE D 316 28.34 23.05 0.52
N SER D 317 27.50 22.69 -0.44
CA SER D 317 26.28 23.44 -0.68
C SER D 317 25.02 22.74 -0.18
N TYR D 318 24.86 21.45 -0.47
CA TYR D 318 23.58 20.80 -0.22
C TYR D 318 23.28 20.59 1.26
N HIS D 319 24.27 20.78 2.16
CA HIS D 319 24.00 20.58 3.58
C HIS D 319 22.91 21.51 4.11
N ALA D 320 22.71 22.67 3.48
CA ALA D 320 21.71 23.64 3.91
C ALA D 320 20.46 23.60 3.04
N TRP D 321 20.12 22.43 2.51
CA TRP D 321 18.98 22.25 1.62
C TRP D 321 18.07 21.16 2.16
N ASN D 322 16.84 21.13 1.69
CA ASN D 322 16.02 19.95 1.89
C ASN D 322 16.53 18.83 0.97
N ALA D 323 16.35 17.58 1.41
CA ALA D 323 16.86 16.43 0.67
C ALA D 323 16.29 16.36 -0.74
N GLU D 324 14.97 16.42 -0.87
CA GLU D 324 14.35 16.31 -2.19
C GLU D 324 14.80 17.45 -3.11
N ASP D 325 14.87 18.67 -2.56
CA ASP D 325 15.30 19.81 -3.35
C ASP D 325 16.74 19.67 -3.82
N ALA D 326 17.58 19.04 -3.00
CA ALA D 326 18.96 18.79 -3.40
C ALA D 326 19.03 17.76 -4.52
N VAL D 327 18.32 16.64 -4.35
CA VAL D 327 18.31 15.63 -5.40
C VAL D 327 17.73 16.20 -6.68
N ARG D 328 16.70 17.05 -6.57
CA ARG D 328 16.14 17.71 -7.74
C ARG D 328 17.21 18.48 -8.51
N ASP D 329 18.00 19.29 -7.79
CA ASP D 329 19.08 20.01 -8.45
C ASP D 329 20.05 19.06 -9.12
N PHE D 330 20.50 18.04 -8.39
CA PHE D 330 21.49 17.12 -8.93
C PHE D 330 20.99 16.43 -10.20
N ILE D 331 19.80 15.83 -10.14
CA ILE D 331 19.25 15.14 -11.31
C ILE D 331 19.04 16.12 -12.47
N GLY D 332 18.50 17.30 -12.17
CA GLY D 332 18.32 18.30 -13.23
C GLY D 332 19.63 18.79 -13.81
N ARG D 333 20.64 18.97 -12.95
CA ARG D 333 21.97 19.36 -13.43
C ARG D 333 22.56 18.29 -14.34
N LEU D 334 22.38 17.02 -13.97
CA LEU D 334 22.78 15.93 -14.86
C LEU D 334 21.99 15.96 -16.15
N LYS D 335 20.71 16.36 -16.10
CA LYS D 335 19.90 16.47 -17.30
C LYS D 335 20.49 17.51 -18.26
N LYS D 336 20.82 18.70 -17.74
CA LYS D 336 21.42 19.73 -18.57
C LYS D 336 22.69 19.23 -19.24
N ILE D 337 23.52 18.47 -18.50
CA ILE D 337 24.72 17.88 -19.07
C ILE D 337 24.36 16.99 -20.25
N HIS D 338 23.28 16.21 -20.11
CA HIS D 338 22.87 15.29 -21.17
C HIS D 338 22.54 16.04 -22.46
N GLU D 339 21.71 17.07 -22.37
CA GLU D 339 21.36 17.86 -23.54
C GLU D 339 22.49 18.79 -23.98
N SER D 340 23.50 19.00 -23.13
CA SER D 340 24.58 19.89 -23.48
C SER D 340 25.60 19.27 -24.43
N VAL D 341 25.72 17.94 -24.44
CA VAL D 341 26.75 17.26 -25.21
C VAL D 341 26.12 16.27 -26.18
N ASP D 342 26.79 16.06 -27.32
CA ASP D 342 26.34 15.13 -28.34
C ASP D 342 26.80 13.70 -28.10
N PHE D 343 27.90 13.53 -27.37
CA PHE D 343 28.42 12.21 -27.03
C PHE D 343 27.75 11.70 -25.76
N GLN D 344 28.04 10.44 -25.41
CA GLN D 344 27.55 9.91 -24.13
C GLN D 344 28.49 10.39 -23.04
N PRO D 345 28.04 11.30 -22.19
CA PRO D 345 28.97 11.93 -21.22
C PRO D 345 29.29 11.00 -20.06
N VAL D 346 30.54 11.06 -19.62
CA VAL D 346 30.99 10.40 -18.40
C VAL D 346 31.21 11.48 -17.35
N VAL D 347 30.43 11.43 -16.28
CA VAL D 347 30.47 12.42 -15.21
C VAL D 347 31.10 11.78 -13.99
N PHE D 348 32.23 12.33 -13.57
CA PHE D 348 32.98 11.86 -12.41
C PHE D 348 32.72 12.81 -11.25
N VAL D 349 32.08 12.31 -10.21
CA VAL D 349 31.77 13.08 -9.01
C VAL D 349 32.66 12.55 -7.90
N VAL D 350 33.72 13.31 -7.61
CA VAL D 350 34.76 12.88 -6.67
C VAL D 350 34.82 13.89 -5.54
N LEU D 351 34.67 13.41 -4.31
CA LEU D 351 34.79 14.27 -3.13
C LEU D 351 35.10 13.39 -1.94
N ASP D 352 35.42 14.04 -0.82
CA ASP D 352 35.68 13.32 0.42
C ASP D 352 34.37 12.75 0.96
N GLY D 353 34.39 11.47 1.31
CA GLY D 353 33.21 10.76 1.75
C GLY D 353 32.89 10.79 3.23
N GLU D 354 33.60 11.59 4.03
CA GLU D 354 33.37 11.58 5.48
C GLU D 354 33.18 12.96 6.10
N ASN D 355 33.59 14.03 5.44
CA ASN D 355 33.61 15.35 6.07
C ASN D 355 32.33 16.14 5.87
N CYS D 356 31.60 15.93 4.77
CA CYS D 356 30.43 16.75 4.51
C CYS D 356 29.22 16.30 5.30
N TRP D 357 29.21 15.06 5.78
CA TRP D 357 27.98 14.48 6.29
C TRP D 357 27.63 14.97 7.69
N GLU D 358 28.62 15.26 8.53
CA GLU D 358 28.33 15.76 9.86
C GLU D 358 27.52 17.05 9.78
N TYR D 359 27.75 17.85 8.74
CA TYR D 359 27.03 19.10 8.58
C TYR D 359 25.69 18.92 7.89
N TYR D 360 25.47 17.78 7.25
CA TYR D 360 24.14 17.44 6.78
C TYR D 360 23.25 17.06 7.96
N GLU D 361 21.95 17.26 7.78
CA GLU D 361 20.97 16.84 8.77
C GLU D 361 20.76 15.33 8.72
N GLU D 362 20.77 14.71 9.90
CA GLU D 362 20.72 13.25 10.05
C GLU D 362 21.82 12.59 9.20
N ASN D 363 23.05 12.97 9.53
CA ASN D 363 24.28 12.54 8.87
C ASN D 363 24.13 12.37 7.36
N GLY D 364 23.24 13.15 6.74
CA GLY D 364 22.92 13.01 5.34
C GLY D 364 22.22 11.73 4.93
N ILE D 365 21.77 10.91 5.87
CA ILE D 365 21.02 9.71 5.50
C ILE D 365 19.79 10.04 4.68
N PRO D 366 19.01 11.08 4.97
CA PRO D 366 17.91 11.43 4.07
C PRO D 366 18.38 11.74 2.66
N PHE D 367 19.47 12.49 2.53
CA PHE D 367 19.93 12.89 1.20
C PHE D 367 20.44 11.71 0.40
N LEU D 368 21.40 10.97 0.96
CA LEU D 368 22.00 9.87 0.23
C LEU D 368 20.96 8.85 -0.19
N GLU D 369 20.00 8.56 0.69
CA GLU D 369 18.96 7.60 0.32
C GLU D 369 18.03 8.17 -0.76
N LYS D 370 17.64 9.44 -0.63
CA LYS D 370 16.83 10.07 -1.67
C LYS D 370 17.58 10.10 -2.99
N LEU D 371 18.86 10.48 -2.96
CA LEU D 371 19.70 10.44 -4.16
C LEU D 371 19.77 9.03 -4.73
N TYR D 372 20.27 8.07 -3.93
CA TYR D 372 20.52 6.72 -4.43
C TYR D 372 19.25 6.03 -4.87
N SER D 373 18.12 6.29 -4.21
CA SER D 373 16.85 5.70 -4.65
C SER D 373 16.40 6.28 -5.98
N THR D 374 16.53 7.59 -6.15
CA THR D 374 16.15 8.22 -7.41
C THR D 374 16.97 7.69 -8.57
N LEU D 375 18.25 7.39 -8.32
CA LEU D 375 19.15 6.97 -9.40
C LEU D 375 18.77 5.59 -9.93
N GLU D 376 18.29 4.72 -9.06
CA GLU D 376 17.77 3.42 -9.48
C GLU D 376 16.63 3.56 -10.47
N LYS D 377 15.64 4.41 -10.14
CA LYS D 377 14.48 4.59 -11.01
C LYS D 377 14.86 5.35 -12.27
N GLU D 378 15.74 6.34 -12.17
CA GLU D 378 16.09 7.17 -13.34
C GLU D 378 16.97 6.37 -14.30
N GLU D 379 16.37 5.92 -15.38
CA GLU D 379 17.00 4.99 -16.31
C GLU D 379 17.96 5.66 -17.27
N TRP D 380 17.89 6.98 -17.42
CA TRP D 380 18.82 7.66 -18.30
C TRP D 380 20.18 7.88 -17.66
N ILE D 381 20.32 7.61 -16.37
CA ILE D 381 21.60 7.67 -15.67
C ILE D 381 22.03 6.24 -15.35
N GLU D 382 23.28 5.91 -15.66
CA GLU D 382 23.87 4.62 -15.32
C GLU D 382 25.06 4.86 -14.41
N THR D 383 24.95 4.40 -13.17
CA THR D 383 26.09 4.40 -12.27
C THR D 383 27.07 3.30 -12.69
N LEU D 384 28.35 3.63 -12.68
CA LEU D 384 29.39 2.76 -13.20
C LEU D 384 30.52 2.63 -12.20
N THR D 385 31.25 1.52 -12.30
CA THR D 385 32.49 1.36 -11.55
C THR D 385 33.65 1.96 -12.33
N LEU D 386 34.80 2.06 -11.65
CA LEU D 386 36.01 2.53 -12.31
C LEU D 386 36.44 1.59 -13.43
N GLU D 387 36.32 0.28 -13.19
CA GLU D 387 36.63 -0.69 -14.25
C GLU D 387 35.63 -0.63 -15.38
N GLU D 388 34.36 -0.31 -15.08
CA GLU D 388 33.38 -0.13 -16.15
C GLU D 388 33.70 1.10 -16.98
N ALA D 389 34.01 2.22 -16.31
CA ALA D 389 34.31 3.46 -17.05
C ALA D 389 35.50 3.28 -17.98
N MET D 390 36.45 2.42 -17.62
CA MET D 390 37.58 2.15 -18.49
C MET D 390 37.16 1.30 -19.68
N ARG D 391 36.49 0.18 -19.43
CA ARG D 391 36.15 -0.76 -20.49
C ARG D 391 35.06 -0.24 -21.43
N LYS D 392 34.31 0.79 -21.04
CA LYS D 392 33.21 1.25 -21.87
C LYS D 392 33.73 1.98 -23.11
N GLU D 393 33.31 1.51 -24.28
CA GLU D 393 33.78 2.02 -25.55
C GLU D 393 32.92 3.16 -26.10
N ASP D 394 31.66 3.25 -25.67
CA ASP D 394 30.76 4.27 -26.21
C ASP D 394 31.06 5.68 -25.71
N VAL D 395 32.12 5.88 -24.93
CA VAL D 395 32.47 7.21 -24.43
C VAL D 395 33.40 7.90 -25.43
N LYS D 396 33.37 9.23 -25.41
CA LYS D 396 34.29 10.00 -26.23
C LYS D 396 35.67 10.00 -25.62
N THR D 397 36.68 10.22 -26.46
CA THR D 397 38.07 10.16 -26.03
C THR D 397 38.87 11.28 -26.67
N GLU D 398 39.98 11.65 -26.01
CA GLU D 398 40.92 12.61 -26.52
C GLU D 398 42.30 12.32 -25.95
N VAL D 399 43.34 12.61 -26.73
CA VAL D 399 44.72 12.45 -26.31
C VAL D 399 45.29 13.82 -25.97
N ILE D 400 45.85 13.94 -24.77
CA ILE D 400 46.51 15.16 -24.30
C ILE D 400 47.94 14.81 -23.93
N GLU D 401 48.84 15.79 -24.11
CA GLU D 401 50.26 15.53 -23.94
C GLU D 401 50.92 16.33 -22.82
N SER D 402 50.20 17.23 -22.17
CA SER D 402 50.76 17.97 -21.04
C SER D 402 49.64 18.48 -20.14
N VAL D 403 49.95 18.60 -18.85
CA VAL D 403 49.03 19.19 -17.88
C VAL D 403 49.75 20.34 -17.19
N LYS D 404 48.94 21.25 -16.64
CA LYS D 404 49.44 22.30 -15.77
C LYS D 404 49.34 21.80 -14.33
N ALA D 405 50.47 21.78 -13.63
CA ALA D 405 50.51 21.19 -12.30
C ALA D 405 49.61 21.97 -11.35
N GLY D 406 48.69 21.26 -10.70
CA GLY D 406 47.80 21.91 -9.77
C GLY D 406 47.10 20.93 -8.85
N THR D 407 46.17 21.47 -8.07
CA THR D 407 45.37 20.70 -7.11
C THR D 407 43.91 21.13 -7.25
N TRP D 408 43.03 20.47 -6.49
CA TRP D 408 41.64 20.89 -6.48
C TRP D 408 41.38 22.12 -5.61
N PHE D 409 42.42 22.71 -5.03
CA PHE D 409 42.29 23.96 -4.28
C PHE D 409 42.78 25.11 -5.15
N ASP D 410 41.89 25.60 -6.01
CA ASP D 410 42.14 26.72 -6.93
C ASP D 410 43.24 26.44 -7.95
N GLY D 411 43.54 25.16 -8.21
CA GLY D 411 44.59 24.85 -9.15
C GLY D 411 46.00 25.13 -8.69
N ASN D 412 46.20 25.52 -7.42
CA ASN D 412 47.50 25.85 -6.90
C ASN D 412 47.87 24.93 -5.74
N PHE D 413 49.14 24.98 -5.35
CA PHE D 413 49.64 24.28 -4.16
C PHE D 413 49.75 25.22 -2.96
N LEU D 414 49.14 26.41 -3.03
CA LEU D 414 49.37 27.44 -2.03
C LEU D 414 48.84 27.04 -0.66
N LYS D 415 47.85 26.14 -0.63
CA LYS D 415 47.31 25.70 0.65
C LYS D 415 48.35 24.95 1.47
N TRP D 416 49.40 24.44 0.84
CA TRP D 416 50.44 23.67 1.51
C TRP D 416 51.83 24.31 1.44
N ILE D 417 51.97 25.47 0.78
CA ILE D 417 53.28 26.09 0.57
C ILE D 417 53.06 27.53 0.12
N GLY D 418 54.10 28.37 0.27
CA GLY D 418 54.12 29.71 -0.28
C GLY D 418 54.14 30.83 0.75
N ASN D 419 53.64 30.57 1.95
CA ASN D 419 53.66 31.55 3.05
C ASN D 419 54.74 31.19 4.06
N LYS D 420 54.94 32.08 5.03
CA LYS D 420 56.06 31.91 5.94
C LYS D 420 55.85 30.71 6.86
N GLU D 421 54.64 30.53 7.39
CA GLU D 421 54.39 29.42 8.29
C GLU D 421 54.56 28.07 7.59
N LYS D 422 53.99 27.93 6.38
CA LYS D 422 54.04 26.64 5.70
C LYS D 422 55.43 26.33 5.18
N ASN D 423 56.16 27.35 4.73
CA ASN D 423 57.52 27.16 4.25
C ASN D 423 58.44 26.72 5.38
N GLU D 424 58.14 27.11 6.61
CA GLU D 424 58.94 26.66 7.74
C GLU D 424 58.78 25.16 7.98
N TYR D 425 57.60 24.60 7.70
CA TYR D 425 57.46 23.15 7.79
C TYR D 425 58.32 22.47 6.73
N TRP D 426 58.36 23.04 5.52
CA TRP D 426 59.14 22.43 4.46
C TRP D 426 60.63 22.46 4.78
N LYS D 427 61.10 23.56 5.37
CA LYS D 427 62.50 23.62 5.80
C LYS D 427 62.81 22.51 6.79
N ILE D 428 61.88 22.23 7.70
CA ILE D 428 62.10 21.17 8.68
C ILE D 428 62.21 19.82 7.99
N LEU D 429 61.27 19.52 7.11
CA LEU D 429 61.32 18.26 6.37
C LEU D 429 62.57 18.19 5.51
N ILE D 430 62.97 19.30 4.90
CA ILE D 430 64.17 19.32 4.05
C ILE D 430 65.41 19.00 4.88
N GLU D 431 65.48 19.55 6.10
CA GLU D 431 66.62 19.31 6.95
C GLU D 431 66.63 17.87 7.48
N ALA D 432 65.47 17.36 7.89
CA ALA D 432 65.40 15.98 8.38
C ALA D 432 65.76 14.98 7.30
N LYS D 433 65.34 15.24 6.05
CA LYS D 433 65.61 14.30 4.97
C LYS D 433 67.11 14.15 4.73
N LYS D 434 67.89 15.22 4.91
CA LYS D 434 69.33 15.12 4.73
C LYS D 434 69.97 14.19 5.75
N LYS D 435 69.37 14.06 6.94
CA LYS D 435 69.89 13.20 7.99
C LYS D 435 68.88 12.10 8.35
N ALA D 436 68.08 11.66 7.38
CA ALA D 436 67.01 10.70 7.67
C ALA D 436 67.55 9.28 7.68
N LYS D 437 67.02 8.46 8.59
CA LYS D 437 67.53 7.11 8.75
C LYS D 437 66.45 6.03 8.61
N ASN D 438 65.18 6.40 8.62
CA ASN D 438 64.09 5.44 8.53
C ASN D 438 62.95 6.06 7.76
N ASP D 439 61.92 5.27 7.50
CA ASP D 439 60.83 5.70 6.63
C ASP D 439 59.77 6.50 7.37
N TYR D 440 60.05 6.92 8.60
CA TYR D 440 59.19 7.91 9.25
C TYR D 440 59.30 9.27 8.58
N ILE D 441 60.23 9.44 7.65
CA ILE D 441 60.27 10.64 6.82
C ILE D 441 59.12 10.63 5.83
N LEU D 442 58.61 9.44 5.49
CA LEU D 442 57.51 9.37 4.55
C LEU D 442 56.19 9.72 5.21
N VAL D 443 56.10 9.53 6.52
CA VAL D 443 54.92 10.00 7.22
C VAL D 443 54.85 11.51 7.18
N ALA D 444 55.98 12.16 7.49
CA ALA D 444 56.03 13.61 7.57
C ALA D 444 55.86 14.27 6.21
N GLU D 445 55.99 13.51 5.13
CA GLU D 445 55.74 14.02 3.80
C GLU D 445 54.25 14.12 3.48
N GLY D 446 53.39 13.88 4.47
CA GLY D 446 51.96 13.92 4.22
C GLY D 446 51.45 15.33 4.14
N SER D 447 50.36 15.50 3.39
CA SER D 447 49.92 16.85 3.06
C SER D 447 49.27 17.52 4.26
N ASP D 448 48.76 16.71 5.20
CA ASP D 448 47.89 17.24 6.25
C ASP D 448 48.62 18.23 7.13
N TRP D 449 49.87 17.95 7.49
CA TRP D 449 50.60 18.82 8.39
C TRP D 449 50.76 20.22 7.83
N PHE D 450 51.01 20.33 6.52
CA PHE D 450 51.16 21.62 5.87
C PHE D 450 49.81 22.30 5.65
N TRP D 451 48.72 21.53 5.60
CA TRP D 451 47.39 22.12 5.41
C TRP D 451 47.03 23.02 6.59
N TRP D 452 47.18 22.49 7.81
CA TRP D 452 46.83 23.21 9.01
C TRP D 452 47.85 24.27 9.40
N GLN D 453 49.02 24.26 8.79
CA GLN D 453 50.06 25.20 9.18
C GLN D 453 49.67 26.62 8.82
N GLY D 454 49.77 27.50 9.81
CA GLY D 454 49.58 28.92 9.55
C GLY D 454 48.23 29.28 8.99
N GLU D 455 47.21 28.46 9.23
CA GLU D 455 45.85 28.89 8.91
C GLU D 455 45.41 29.93 9.95
N GLU D 456 44.19 29.80 10.46
CA GLU D 456 43.64 30.87 11.28
C GLU D 456 43.44 30.46 12.74
N LYS D 457 44.49 29.98 13.42
CA LYS D 457 44.33 29.32 14.72
C LYS D 457 43.20 28.31 14.58
N ALA D 458 43.44 27.34 13.70
CA ALA D 458 42.42 26.35 13.38
C ALA D 458 42.32 25.40 14.58
N PRO D 459 41.34 24.49 14.60
CA PRO D 459 41.14 23.68 15.82
C PRO D 459 42.15 22.55 15.94
N PHE D 460 42.66 22.36 17.16
CA PHE D 460 43.59 21.29 17.50
C PHE D 460 44.84 21.28 16.61
N VAL D 461 45.18 22.42 16.01
CA VAL D 461 46.38 22.48 15.17
C VAL D 461 47.62 22.17 15.96
N GLU D 462 47.58 22.37 17.29
CA GLU D 462 48.73 22.04 18.10
C GLU D 462 49.06 20.55 18.01
N VAL D 463 48.03 19.72 18.04
CA VAL D 463 48.24 18.27 17.97
C VAL D 463 48.94 17.90 16.66
N PHE D 464 48.53 18.52 15.56
CA PHE D 464 49.14 18.20 14.27
C PHE D 464 50.60 18.64 14.25
N ASP D 465 50.92 19.74 14.92
CA ASP D 465 52.31 20.16 15.01
C ASP D 465 53.12 19.18 15.84
N LYS D 466 52.59 18.82 17.02
CA LYS D 466 53.25 17.85 17.89
C LYS D 466 53.56 16.55 17.14
N LEU D 467 52.60 16.07 16.33
CA LEU D 467 52.81 14.83 15.58
C LEU D 467 53.84 15.02 14.47
N PHE D 468 53.74 16.11 13.71
CA PHE D 468 54.67 16.32 12.62
C PHE D 468 56.10 16.37 13.12
N ARG D 469 56.34 17.08 14.23
CA ARG D 469 57.70 17.22 14.74
C ARG D 469 58.18 15.93 15.38
N SER D 470 57.26 15.07 15.83
CA SER D 470 57.67 13.77 16.33
C SER D 470 58.07 12.83 15.21
N PHE D 471 57.32 12.82 14.10
CA PHE D 471 57.71 12.01 12.95
C PHE D 471 59.03 12.48 12.37
N VAL D 472 59.28 13.80 12.42
CA VAL D 472 60.53 14.35 11.90
C VAL D 472 61.71 13.92 12.77
N ARG D 473 61.54 13.95 14.10
CA ARG D 473 62.65 13.53 14.95
C ARG D 473 62.85 12.02 14.87
N ARG D 474 61.77 11.26 14.77
CA ARG D 474 61.87 9.80 14.76
C ARG D 474 62.56 9.31 13.49
N ALA D 475 62.35 9.99 12.36
CA ALA D 475 62.99 9.60 11.12
C ALA D 475 64.51 9.77 11.15
N GLN D 476 65.03 10.50 12.13
CA GLN D 476 66.46 10.74 12.25
C GLN D 476 67.12 9.91 13.33
N GLU D 477 66.38 9.00 13.96
CA GLU D 477 66.94 8.18 15.03
C GLU D 477 67.72 7.00 14.46
N LEU D 478 68.74 6.59 15.22
CA LEU D 478 69.62 5.52 14.81
C LEU D 478 69.00 4.16 15.07
N GLU D 479 69.41 3.17 14.28
CA GLU D 479 68.73 1.88 14.33
C GLU D 479 68.97 1.16 15.65
N HIS D 480 70.09 1.43 16.31
CA HIS D 480 70.50 0.67 17.48
C HIS D 480 70.82 1.59 18.63
N HIS D 481 70.63 1.07 19.84
CA HIS D 481 71.05 1.79 21.04
C HIS D 481 72.56 1.99 21.00
N HIS D 482 73.01 3.14 21.50
CA HIS D 482 74.42 3.46 21.37
C HIS D 482 74.81 4.49 22.42
N HIS D 483 76.12 4.59 22.63
CA HIS D 483 76.72 5.58 23.49
C HIS D 483 78.05 5.99 22.89
N HIS D 484 78.53 7.16 23.29
CA HIS D 484 79.81 7.63 22.79
C HIS D 484 80.95 7.01 23.59
N HIS D 485 82.07 6.76 22.91
CA HIS D 485 83.28 6.26 23.57
C HIS D 485 83.99 7.41 24.26
C1 GLC E . -38.64 -19.47 1.73
C2 GLC E . -38.72 -18.16 1.01
C3 GLC E . -38.71 -17.04 2.00
C4 GLC E . -39.85 -17.16 2.96
C5 GLC E . -39.67 -18.47 3.67
C6 GLC E . -40.94 -18.80 4.38
O1 GLC E . -37.37 -19.56 2.32
O2 GLC E . -37.57 -18.02 0.21
O3 GLC E . -38.88 -15.84 1.28
O4 GLC E . -39.70 -16.13 3.91
O5 GLC E . -39.60 -19.52 2.76
O6 GLC E . -41.78 -19.28 3.36
C1 GLC E . -40.77 -15.21 3.98
C2 GLC E . -40.14 -13.89 4.44
C3 GLC E . -39.94 -13.82 5.94
C4 GLC E . -41.33 -14.04 6.52
C5 GLC E . -41.72 -15.50 6.21
C6 GLC E . -43.09 -15.93 6.71
O2 GLC E . -38.91 -13.69 3.77
O3 GLC E . -39.46 -12.54 6.30
O4 GLC E . -41.60 -13.37 7.76
O5 GLC E . -41.85 -15.63 4.81
O6 GLC E . -43.50 -16.97 5.85
C1 GLC E . -41.45 -13.87 9.13
C2 GLC E . -40.24 -13.14 9.75
C3 GLC E . -39.57 -14.04 10.79
C4 GLC E . -40.73 -14.69 11.56
C5 GLC E . -41.37 -15.71 10.62
C6 GLC E . -42.84 -15.93 10.99
O2 GLC E . -39.31 -12.69 8.80
O3 GLC E . -38.76 -13.23 11.61
O4 GLC E . -40.58 -15.11 12.93
O5 GLC E . -41.20 -15.26 9.27
O6 GLC E . -43.35 -14.87 11.77
C1 GLC E . -39.54 -16.04 13.33
C2 GLC E . -38.51 -15.30 14.20
C3 GLC E . -37.12 -15.91 14.07
C4 GLC E . -37.17 -17.41 13.86
C5 GLC E . -38.09 -17.75 12.70
C6 GLC E . -39.08 -18.83 13.08
O2 GLC E . -38.39 -13.93 13.85
O3 GLC E . -36.37 -15.59 15.22
O4 GLC E . -35.86 -17.81 13.55
O5 GLC E . -38.82 -16.61 12.26
O6 GLC E . -38.59 -19.49 14.23
C1 GLC E . -35.52 -19.12 14.04
C2 GLC E . -34.05 -19.06 14.46
C3 GLC E . -33.57 -20.42 14.93
C4 GLC E . -33.86 -21.48 13.88
C5 GLC E . -35.30 -21.43 13.35
C6 GLC E . -36.32 -22.08 14.28
O2 GLC E . -33.24 -18.61 13.38
O3 GLC E . -34.17 -20.75 16.18
O4 GLC E . -32.95 -21.36 12.81
O5 GLC E . -35.68 -20.09 13.02
O6 GLC E . -37.54 -22.28 13.61
C1 GLC F . 3.45 -29.78 2.37
C2 GLC F . 4.79 -29.88 3.05
C3 GLC F . 5.91 -29.89 2.05
C4 GLC F . 5.69 -31.02 1.09
C5 GLC F . 4.29 -31.05 0.50
C6 GLC F . 3.57 -32.37 0.64
O1 GLC F . 3.14 -28.42 2.43
O2 GLC F . 4.93 -28.75 3.89
O3 GLC F . 7.13 -30.09 2.73
O4 GLC F . 6.54 -30.74 0.01
O5 GLC F . 3.46 -30.01 0.98
O6 GLC F . 4.04 -33.05 1.78
C1 GLC F . 7.69 -31.54 0.13
C2 GLC F . 8.89 -30.76 -0.45
C3 GLC F . 8.87 -30.75 -1.98
C4 GLC F . 8.81 -32.23 -2.39
C5 GLC F . 7.45 -32.81 -1.96
C6 GLC F . 7.29 -34.29 -2.33
O2 GLC F . 8.89 -29.44 0.07
O3 GLC F . 10.04 -30.19 -2.51
O4 GLC F . 9.47 -32.55 -3.63
O5 GLC F . 7.48 -32.79 -0.55
O6 GLC F . 6.49 -34.97 -1.38
C1 GLC F . 8.95 -32.53 -5.00
C2 GLC F . 9.46 -31.25 -5.73
C3 GLC F . 8.39 -30.78 -6.70
C4 GLC F . 7.99 -32.07 -7.40
C5 GLC F . 7.12 -32.90 -6.43
C6 GLC F . 7.39 -34.38 -6.58
O2 GLC F . 9.86 -30.21 -4.88
O3 GLC F . 8.95 -29.83 -7.58
O4 GLC F . 7.60 -31.97 -8.78
O5 GLC F . 7.53 -32.50 -5.12
O6 GLC F . 7.25 -34.82 -7.92
C1 GLC F . 6.33 -31.40 -9.19
C2 GLC F . 6.64 -30.11 -9.95
C3 GLC F . 5.63 -29.02 -9.64
C4 GLC F . 4.24 -29.62 -9.60
C5 GLC F . 4.17 -30.75 -8.59
C6 GLC F . 3.49 -32.00 -9.15
O2 GLC F . 7.94 -29.61 -9.69
O3 GLC F . 5.73 -28.03 -10.63
O4 GLC F . 3.36 -28.61 -9.18
O5 GLC F . 5.47 -31.05 -8.12
O6 GLC F . 3.63 -32.09 -10.55
C1 GLC F . 2.13 -28.74 -9.89
C2 GLC F . 1.99 -27.53 -10.80
C3 GLC F . 0.68 -27.66 -11.59
C4 GLC F . -0.50 -27.93 -10.65
C5 GLC F . -0.20 -29.03 -9.62
C6 GLC F . -0.21 -30.43 -10.21
O2 GLC F . 1.98 -26.35 -10.04
O3 GLC F . 0.83 -28.69 -12.54
O4 GLC F . -0.83 -26.74 -9.97
O5 GLC F . 1.04 -28.77 -8.99
O6 GLC F . -0.98 -31.29 -9.39
C1 GLC G . -7.15 33.17 -6.40
C2 GLC G . -8.46 32.47 -6.65
C3 GLC G . -8.39 31.52 -7.80
C4 GLC G . -7.89 32.26 -8.99
C5 GLC G . -6.49 32.80 -8.74
C6 GLC G . -6.29 34.14 -9.42
O1 GLC G . -6.69 32.52 -5.24
O2 GLC G . -8.66 31.72 -5.47
O3 GLC G . -9.66 31.05 -8.22
O4 GLC G . -7.90 31.24 -9.93
O5 GLC G . -6.15 32.94 -7.37
O6 GLC G . -7.42 34.95 -9.18
C1 GLC G . -9.15 31.32 -10.56
C2 GLC G . -9.59 29.89 -10.85
C3 GLC G . -8.65 29.19 -11.83
C4 GLC G . -8.68 30.05 -13.08
C5 GLC G . -8.04 31.40 -12.74
C6 GLC G . -7.92 32.39 -13.90
O2 GLC G . -9.73 29.21 -9.61
O3 GLC G . -9.13 27.90 -12.11
O4 GLC G . -8.44 29.34 -14.33
O5 GLC G . -8.86 32.04 -11.76
O6 GLC G . -7.84 33.68 -13.33
C1 GLC G . -7.17 29.16 -15.05
C2 GLC G . -6.93 27.62 -15.08
C3 GLC G . -5.45 27.30 -15.04
C4 GLC G . -4.84 28.31 -16.01
C5 GLC G . -4.87 29.68 -15.34
C6 GLC G . -4.91 30.79 -16.40
O2 GLC G . -7.63 26.96 -14.05
O3 GLC G . -5.22 25.96 -15.45
O4 GLC G . -3.66 27.92 -16.72
O5 GLC G . -6.01 29.76 -14.49
O6 GLC G . -5.09 30.23 -17.68
C1 GLC G . -2.38 27.81 -16.04
C2 GLC G . -1.85 26.42 -16.39
C3 GLC G . -1.03 25.81 -15.26
C4 GLC G . -0.23 26.86 -14.49
C5 GLC G . -1.11 28.05 -14.10
C6 GLC G . -0.50 29.37 -14.56
O2 GLC G . -2.94 25.55 -16.66
O3 GLC G . -0.18 24.83 -15.82
O4 GLC G . 0.24 26.26 -13.30
O5 GLC G . -2.41 27.90 -14.63
O6 GLC G . 0.90 29.27 -14.66
C1 GLC G . 1.55 26.71 -12.91
C2 GLC G . 2.26 25.53 -12.25
C3 GLC G . 3.65 25.92 -11.78
C4 GLC G . 3.58 27.16 -10.88
C5 GLC G . 2.73 28.28 -11.50
C6 GLC G . 3.47 29.06 -12.58
O2 GLC G . 1.49 25.06 -11.16
O3 GLC G . 4.52 26.13 -12.87
O4 GLC G . 3.05 26.80 -9.63
O5 GLC G . 1.49 27.79 -11.99
O6 GLC G . 2.86 30.34 -12.73
C1 GLC H . 41.58 16.99 1.74
C2 GLC H . 41.39 15.48 1.77
C3 GLC H . 40.98 14.95 3.12
C4 GLC H . 41.64 15.65 4.29
C5 GLC H . 41.61 17.14 4.07
C6 GLC H . 42.50 17.77 5.09
O1 GLC H . 40.34 17.66 1.74
O2 GLC H . 40.36 15.08 0.88
O3 GLC H . 41.34 13.59 3.10
O4 GLC H . 40.85 15.44 5.46
O5 GLC H . 42.28 17.41 2.88
O6 GLC H . 43.77 17.25 4.75
C1 GLC H . 41.41 14.51 6.37
C2 GLC H . 40.22 13.80 7.03
C3 GLC H . 39.60 14.61 8.14
C4 GLC H . 40.72 14.84 9.13
C5 GLC H . 41.73 15.77 8.45
C6 GLC H . 42.91 16.18 9.32
O2 GLC H . 39.23 13.52 6.06
O3 GLC H . 38.57 13.86 8.70
O4 GLC H . 40.27 14.99 10.50
O5 GLC H . 42.28 15.07 7.35
O6 GLC H . 43.96 16.53 8.45
C1 GLC H . 39.97 16.22 11.23
C2 GLC H . 38.46 16.17 11.54
C3 GLC H . 37.88 17.57 11.60
C4 GLC H . 38.91 18.38 12.37
C5 GLC H . 40.10 18.60 11.44
C6 GLC H . 41.36 18.79 12.28
O2 GLC H . 37.74 15.39 10.62
O3 GLC H . 36.64 17.52 12.26
O4 GLC H . 38.46 19.53 13.10
O5 GLC H . 40.22 17.47 10.57
O6 GLC H . 41.10 18.58 13.65
C1 GLC H . 37.84 20.68 12.44
C2 GLC H . 36.39 20.77 12.97
C3 GLC H . 35.48 21.48 11.99
C4 GLC H . 36.21 22.49 11.12
C5 GLC H . 37.48 21.91 10.50
C6 GLC H . 38.68 22.83 10.74
O2 GLC H . 35.81 19.51 13.20
O3 GLC H . 34.45 22.13 12.72
O4 GLC H . 35.30 22.82 10.07
O5 GLC H . 37.77 20.63 11.02
O6 GLC H . 38.28 24.13 11.12
C1 GLC H . 35.37 24.23 9.75
C2 GLC H . 33.96 24.64 9.37
C3 GLC H . 33.92 26.10 8.92
C4 GLC H . 34.96 26.33 7.83
C5 GLC H . 36.34 25.79 8.21
C6 GLC H . 37.06 26.66 9.23
O2 GLC H . 33.47 23.81 8.33
O3 GLC H . 34.13 26.97 10.02
O4 GLC H . 34.52 25.69 6.65
O5 GLC H . 36.25 24.44 8.66
O6 GLC H . 38.42 26.30 9.28
#